data_3ZVZ
# 
_entry.id   3ZVZ 
# 
_audit_conform.dict_name       mmcif_pdbx.dic 
_audit_conform.dict_version    5.391 
_audit_conform.dict_location   http://mmcif.pdb.org/dictionaries/ascii/mmcif_pdbx.dic 
# 
loop_
_database_2.database_id 
_database_2.database_code 
_database_2.pdbx_database_accession 
_database_2.pdbx_DOI 
PDB   3ZVZ         pdb_00003zvz 10.2210/pdb3zvz/pdb 
PDBE  EBI-49193    ?            ?                   
WWPDB D_1290049193 ?            ?                   
# 
loop_
_pdbx_audit_revision_history.ordinal 
_pdbx_audit_revision_history.data_content_type 
_pdbx_audit_revision_history.major_revision 
_pdbx_audit_revision_history.minor_revision 
_pdbx_audit_revision_history.revision_date 
1 'Structure model' 1 0 2011-11-30 
2 'Structure model' 1 1 2024-05-08 
# 
_pdbx_audit_revision_details.ordinal             1 
_pdbx_audit_revision_details.revision_ordinal    1 
_pdbx_audit_revision_details.data_content_type   'Structure model' 
_pdbx_audit_revision_details.provider            repository 
_pdbx_audit_revision_details.type                'Initial release' 
_pdbx_audit_revision_details.description         ? 
_pdbx_audit_revision_details.details             ? 
# 
loop_
_pdbx_audit_revision_group.ordinal 
_pdbx_audit_revision_group.revision_ordinal 
_pdbx_audit_revision_group.data_content_type 
_pdbx_audit_revision_group.group 
1 2 'Structure model' 'Data collection'      
2 2 'Structure model' 'Database references'  
3 2 'Structure model' 'Derived calculations' 
4 2 'Structure model' Other                  
# 
loop_
_pdbx_audit_revision_category.ordinal 
_pdbx_audit_revision_category.revision_ordinal 
_pdbx_audit_revision_category.data_content_type 
_pdbx_audit_revision_category.category 
1 2 'Structure model' chem_comp_atom         
2 2 'Structure model' chem_comp_bond         
3 2 'Structure model' database_2             
4 2 'Structure model' pdbx_database_status   
5 2 'Structure model' pdbx_struct_conn_angle 
6 2 'Structure model' struct_conn            
7 2 'Structure model' struct_site            
# 
loop_
_pdbx_audit_revision_item.ordinal 
_pdbx_audit_revision_item.revision_ordinal 
_pdbx_audit_revision_item.data_content_type 
_pdbx_audit_revision_item.item 
1  2 'Structure model' '_database_2.pdbx_DOI'                        
2  2 'Structure model' '_database_2.pdbx_database_accession'         
3  2 'Structure model' '_pdbx_database_status.status_code_sf'        
4  2 'Structure model' '_pdbx_struct_conn_angle.ptnr1_auth_comp_id'  
5  2 'Structure model' '_pdbx_struct_conn_angle.ptnr1_auth_seq_id'   
6  2 'Structure model' '_pdbx_struct_conn_angle.ptnr1_label_atom_id' 
7  2 'Structure model' '_pdbx_struct_conn_angle.ptnr1_label_comp_id' 
8  2 'Structure model' '_pdbx_struct_conn_angle.ptnr1_label_seq_id'  
9  2 'Structure model' '_pdbx_struct_conn_angle.ptnr3_auth_comp_id'  
10 2 'Structure model' '_pdbx_struct_conn_angle.ptnr3_auth_seq_id'   
11 2 'Structure model' '_pdbx_struct_conn_angle.ptnr3_label_atom_id' 
12 2 'Structure model' '_pdbx_struct_conn_angle.ptnr3_label_comp_id' 
13 2 'Structure model' '_pdbx_struct_conn_angle.ptnr3_label_seq_id'  
14 2 'Structure model' '_pdbx_struct_conn_angle.value'               
15 2 'Structure model' '_struct_conn.pdbx_dist_value'                
16 2 'Structure model' '_struct_conn.ptnr1_auth_comp_id'             
17 2 'Structure model' '_struct_conn.ptnr1_auth_seq_id'              
18 2 'Structure model' '_struct_conn.ptnr1_label_asym_id'            
19 2 'Structure model' '_struct_conn.ptnr1_label_atom_id'            
20 2 'Structure model' '_struct_conn.ptnr1_label_comp_id'            
21 2 'Structure model' '_struct_conn.ptnr1_label_seq_id'             
22 2 'Structure model' '_struct_conn.ptnr2_auth_comp_id'             
23 2 'Structure model' '_struct_conn.ptnr2_auth_seq_id'              
24 2 'Structure model' '_struct_conn.ptnr2_label_asym_id'            
25 2 'Structure model' '_struct_conn.ptnr2_label_atom_id'            
26 2 'Structure model' '_struct_conn.ptnr2_label_comp_id'            
27 2 'Structure model' '_struct_conn.ptnr2_label_seq_id'             
28 2 'Structure model' '_struct_site.pdbx_auth_asym_id'              
29 2 'Structure model' '_struct_site.pdbx_auth_comp_id'              
30 2 'Structure model' '_struct_site.pdbx_auth_seq_id'               
# 
_pdbx_database_status.status_code                     REL 
_pdbx_database_status.entry_id                        3ZVZ 
_pdbx_database_status.deposit_site                    PDBE 
_pdbx_database_status.process_site                    PDBE 
_pdbx_database_status.SG_entry                        . 
_pdbx_database_status.recvd_initial_deposition_date   2011-07-28 
_pdbx_database_status.pdb_format_compatible           Y 
_pdbx_database_status.status_code_sf                  REL 
_pdbx_database_status.status_code_mr                  ? 
_pdbx_database_status.status_code_cs                  ? 
_pdbx_database_status.methods_development_category    ? 
_pdbx_database_status.status_code_nmr_data            ? 
# 
loop_
_pdbx_database_related.db_name 
_pdbx_database_related.db_id 
_pdbx_database_related.content_type 
_pdbx_database_related.details 
PDB 2FAZ unspecified 'UBIQUITION LIKE DOMAIN OF HUMAN NUCLEAR ZINC FINGER PROTEINNP95'                 
PDB 3ZVY unspecified 'PHD FINGER OF HUMAN UHRF1 IN COMPLEX WITH UNMODIFIED HISTONE H3 N-TERMINAL TAIL' 
# 
loop_
_audit_author.name 
_audit_author.pdbx_ordinal 
'Lallous, N.'   1 
'Birck, C.'     2 
'Mc Ewen, A.G.' 3 
'Legrand, P.'   4 
'Samama, J.P.'  5 
# 
_citation.id                        primary 
_citation.title                     'The Phd Finger of Human Uhrf1 Reveals a New Subgroup of Unmethylated Histone H3 Tail Readers.' 
_citation.journal_abbrev            'Plos One' 
_citation.journal_volume            6 
_citation.page_first                27599 
_citation.page_last                 ? 
_citation.year                      2011 
_citation.journal_id_ASTM           ? 
_citation.country                   US 
_citation.journal_id_ISSN           1932-6203 
_citation.journal_id_CSD            ? 
_citation.book_publisher            ? 
_citation.pdbx_database_id_PubMed   22096602 
_citation.pdbx_database_id_DOI      10.1371/JOURNAL.PONE.0027599 
# 
loop_
_citation_author.citation_id 
_citation_author.name 
_citation_author.ordinal 
_citation_author.identifier_ORCID 
primary 'Lallous, N.'       1 ? 
primary 'Legrand, P.'       2 ? 
primary 'Mcewen, A.G.'      3 ? 
primary 'Ramon-Maiques, S.' 4 ? 
primary 'Samama, J.P.'      5 ? 
primary 'Birck, C.'         6 ? 
# 
loop_
_entity.id 
_entity.type 
_entity.src_method 
_entity.pdbx_description 
_entity.formula_weight 
_entity.pdbx_number_of_molecules 
_entity.pdbx_ec 
_entity.pdbx_mutation 
_entity.pdbx_fragment 
_entity.details 
1 polymer     man 'E3 UBIQUITIN-PROTEIN LIGASE UHRF1' 6499.354 1  6.3.2.- ? 'PHD FINGER, RESIDUES 314-367' ? 
2 non-polymer syn 'ZINC ION'                          65.409   2  ?       ? ?                              ? 
3 water       nat water                               18.015   54 ?       ? ?                              ? 
# 
_entity_name_com.entity_id   1 
_entity_name_com.name        
;INVERTED CCAAT BOX-BINDING PROTEIN OF 90 KDA, NUCLEAR PROTEIN 95, NUCLEAR ZINC FINGER PROTEIN NP95, HUNP95, RING FINGER PROTEIN 106, TRANSCRIPTION FACTOR ICBP90, UBIQUITIN-LIKE PHD AND RING FINGER DOMAIN-CONTAINING PROTEIN 1, UBIQUITIN-LIKE-CONTAINING PHD AND RING FINGER DOMAINS PROTEIN 1
;
# 
_entity_poly.entity_id                      1 
_entity_poly.type                           'polypeptide(L)' 
_entity_poly.nstd_linkage                   no 
_entity_poly.nstd_monomer                   no 
_entity_poly.pdbx_seq_one_letter_code       GHMRVCACHLCGGRQDPDKQLMCDECDMAFHIYCLDPPLSSVPSEDEWYCPECRNDA 
_entity_poly.pdbx_seq_one_letter_code_can   GHMRVCACHLCGGRQDPDKQLMCDECDMAFHIYCLDPPLSSVPSEDEWYCPECRNDA 
_entity_poly.pdbx_strand_id                 B 
_entity_poly.pdbx_target_identifier         ? 
# 
loop_
_pdbx_entity_nonpoly.entity_id 
_pdbx_entity_nonpoly.name 
_pdbx_entity_nonpoly.comp_id 
2 'ZINC ION' ZN  
3 water      HOH 
# 
loop_
_entity_poly_seq.entity_id 
_entity_poly_seq.num 
_entity_poly_seq.mon_id 
_entity_poly_seq.hetero 
1 1  GLY n 
1 2  HIS n 
1 3  MET n 
1 4  ARG n 
1 5  VAL n 
1 6  CYS n 
1 7  ALA n 
1 8  CYS n 
1 9  HIS n 
1 10 LEU n 
1 11 CYS n 
1 12 GLY n 
1 13 GLY n 
1 14 ARG n 
1 15 GLN n 
1 16 ASP n 
1 17 PRO n 
1 18 ASP n 
1 19 LYS n 
1 20 GLN n 
1 21 LEU n 
1 22 MET n 
1 23 CYS n 
1 24 ASP n 
1 25 GLU n 
1 26 CYS n 
1 27 ASP n 
1 28 MET n 
1 29 ALA n 
1 30 PHE n 
1 31 HIS n 
1 32 ILE n 
1 33 TYR n 
1 34 CYS n 
1 35 LEU n 
1 36 ASP n 
1 37 PRO n 
1 38 PRO n 
1 39 LEU n 
1 40 SER n 
1 41 SER n 
1 42 VAL n 
1 43 PRO n 
1 44 SER n 
1 45 GLU n 
1 46 ASP n 
1 47 GLU n 
1 48 TRP n 
1 49 TYR n 
1 50 CYS n 
1 51 PRO n 
1 52 GLU n 
1 53 CYS n 
1 54 ARG n 
1 55 ASN n 
1 56 ASP n 
1 57 ALA n 
# 
_entity_src_gen.entity_id                          1 
_entity_src_gen.pdbx_src_id                        1 
_entity_src_gen.pdbx_alt_source_flag               sample 
_entity_src_gen.pdbx_seq_type                      ? 
_entity_src_gen.pdbx_beg_seq_num                   ? 
_entity_src_gen.pdbx_end_seq_num                   ? 
_entity_src_gen.gene_src_common_name               HUMAN 
_entity_src_gen.gene_src_genus                     ? 
_entity_src_gen.pdbx_gene_src_gene                 ? 
_entity_src_gen.gene_src_species                   ? 
_entity_src_gen.gene_src_strain                    ? 
_entity_src_gen.gene_src_tissue                    ? 
_entity_src_gen.gene_src_tissue_fraction           ? 
_entity_src_gen.gene_src_details                   ? 
_entity_src_gen.pdbx_gene_src_fragment             ? 
_entity_src_gen.pdbx_gene_src_scientific_name      'HOMO SAPIENS' 
_entity_src_gen.pdbx_gene_src_ncbi_taxonomy_id     9606 
_entity_src_gen.pdbx_gene_src_variant              ? 
_entity_src_gen.pdbx_gene_src_cell_line            ? 
_entity_src_gen.pdbx_gene_src_atcc                 ? 
_entity_src_gen.pdbx_gene_src_organ                ? 
_entity_src_gen.pdbx_gene_src_organelle            ? 
_entity_src_gen.pdbx_gene_src_cell                 ? 
_entity_src_gen.pdbx_gene_src_cellular_location    ? 
_entity_src_gen.host_org_common_name               ? 
_entity_src_gen.pdbx_host_org_scientific_name      'ESCHERICHIA COLI' 
_entity_src_gen.pdbx_host_org_ncbi_taxonomy_id     469008 
_entity_src_gen.host_org_genus                     ? 
_entity_src_gen.pdbx_host_org_gene                 ? 
_entity_src_gen.pdbx_host_org_organ                ? 
_entity_src_gen.host_org_species                   ? 
_entity_src_gen.pdbx_host_org_tissue               ? 
_entity_src_gen.pdbx_host_org_tissue_fraction      ? 
_entity_src_gen.pdbx_host_org_strain               'BL21(DE3)' 
_entity_src_gen.pdbx_host_org_variant              'ROSETTA 2' 
_entity_src_gen.pdbx_host_org_cell_line            ? 
_entity_src_gen.pdbx_host_org_atcc                 ? 
_entity_src_gen.pdbx_host_org_culture_collection   ? 
_entity_src_gen.pdbx_host_org_cell                 ? 
_entity_src_gen.pdbx_host_org_organelle            ? 
_entity_src_gen.pdbx_host_org_cellular_location    ? 
_entity_src_gen.pdbx_host_org_vector_type          ? 
_entity_src_gen.pdbx_host_org_vector               PHGGWA 
_entity_src_gen.host_org_details                   ? 
_entity_src_gen.expression_system_id               ? 
_entity_src_gen.plasmid_name                       ? 
_entity_src_gen.plasmid_details                    ? 
_entity_src_gen.pdbx_description                   ? 
# 
loop_
_chem_comp.id 
_chem_comp.type 
_chem_comp.mon_nstd_flag 
_chem_comp.name 
_chem_comp.pdbx_synonyms 
_chem_comp.formula 
_chem_comp.formula_weight 
ALA 'L-peptide linking' y ALANINE         ? 'C3 H7 N O2'     89.093  
ARG 'L-peptide linking' y ARGININE        ? 'C6 H15 N4 O2 1' 175.209 
ASN 'L-peptide linking' y ASPARAGINE      ? 'C4 H8 N2 O3'    132.118 
ASP 'L-peptide linking' y 'ASPARTIC ACID' ? 'C4 H7 N O4'     133.103 
CYS 'L-peptide linking' y CYSTEINE        ? 'C3 H7 N O2 S'   121.158 
GLN 'L-peptide linking' y GLUTAMINE       ? 'C5 H10 N2 O3'   146.144 
GLU 'L-peptide linking' y 'GLUTAMIC ACID' ? 'C5 H9 N O4'     147.129 
GLY 'peptide linking'   y GLYCINE         ? 'C2 H5 N O2'     75.067  
HIS 'L-peptide linking' y HISTIDINE       ? 'C6 H10 N3 O2 1' 156.162 
HOH non-polymer         . WATER           ? 'H2 O'           18.015  
ILE 'L-peptide linking' y ISOLEUCINE      ? 'C6 H13 N O2'    131.173 
LEU 'L-peptide linking' y LEUCINE         ? 'C6 H13 N O2'    131.173 
LYS 'L-peptide linking' y LYSINE          ? 'C6 H15 N2 O2 1' 147.195 
MET 'L-peptide linking' y METHIONINE      ? 'C5 H11 N O2 S'  149.211 
PHE 'L-peptide linking' y PHENYLALANINE   ? 'C9 H11 N O2'    165.189 
PRO 'L-peptide linking' y PROLINE         ? 'C5 H9 N O2'     115.130 
SER 'L-peptide linking' y SERINE          ? 'C3 H7 N O3'     105.093 
TRP 'L-peptide linking' y TRYPTOPHAN      ? 'C11 H12 N2 O2'  204.225 
TYR 'L-peptide linking' y TYROSINE        ? 'C9 H11 N O3'    181.189 
VAL 'L-peptide linking' y VALINE          ? 'C5 H11 N O2'    117.146 
ZN  non-polymer         . 'ZINC ION'      ? 'Zn 2'           65.409  
# 
loop_
_pdbx_poly_seq_scheme.asym_id 
_pdbx_poly_seq_scheme.entity_id 
_pdbx_poly_seq_scheme.seq_id 
_pdbx_poly_seq_scheme.mon_id 
_pdbx_poly_seq_scheme.ndb_seq_num 
_pdbx_poly_seq_scheme.pdb_seq_num 
_pdbx_poly_seq_scheme.auth_seq_num 
_pdbx_poly_seq_scheme.pdb_mon_id 
_pdbx_poly_seq_scheme.auth_mon_id 
_pdbx_poly_seq_scheme.pdb_strand_id 
_pdbx_poly_seq_scheme.pdb_ins_code 
_pdbx_poly_seq_scheme.hetero 
A 1 1  GLY 1  311 311 GLY GLY B . n 
A 1 2  HIS 2  312 312 HIS HIS B . n 
A 1 3  MET 3  313 313 MET MET B . n 
A 1 4  ARG 4  314 314 ARG ARG B . n 
A 1 5  VAL 5  315 315 VAL VAL B . n 
A 1 6  CYS 6  316 316 CYS CYS B . n 
A 1 7  ALA 7  317 317 ALA ALA B . n 
A 1 8  CYS 8  318 318 CYS CYS B . n 
A 1 9  HIS 9  319 319 HIS HIS B . n 
A 1 10 LEU 10 320 320 LEU LEU B . n 
A 1 11 CYS 11 321 321 CYS CYS B . n 
A 1 12 GLY 12 322 322 GLY GLY B . n 
A 1 13 GLY 13 323 323 GLY GLY B . n 
A 1 14 ARG 14 324 324 ARG ARG B . n 
A 1 15 GLN 15 325 325 GLN GLN B . n 
A 1 16 ASP 16 326 326 ASP ASP B . n 
A 1 17 PRO 17 327 327 PRO PRO B . n 
A 1 18 ASP 18 328 328 ASP ASP B . n 
A 1 19 LYS 19 329 329 LYS LYS B . n 
A 1 20 GLN 20 330 330 GLN GLN B . n 
A 1 21 LEU 21 331 331 LEU LEU B . n 
A 1 22 MET 22 332 332 MET MET B . n 
A 1 23 CYS 23 333 333 CYS CYS B . n 
A 1 24 ASP 24 334 334 ASP ASP B . n 
A 1 25 GLU 25 335 335 GLU GLU B . n 
A 1 26 CYS 26 336 336 CYS CYS B . n 
A 1 27 ASP 27 337 337 ASP ASP B . n 
A 1 28 MET 28 338 338 MET MET B . n 
A 1 29 ALA 29 339 339 ALA ALA B . n 
A 1 30 PHE 30 340 340 PHE PHE B . n 
A 1 31 HIS 31 341 341 HIS HIS B . n 
A 1 32 ILE 32 342 342 ILE ILE B . n 
A 1 33 TYR 33 343 343 TYR TYR B . n 
A 1 34 CYS 34 344 344 CYS CYS B . n 
A 1 35 LEU 35 345 345 LEU LEU B . n 
A 1 36 ASP 36 346 346 ASP ASP B . n 
A 1 37 PRO 37 347 347 PRO PRO B . n 
A 1 38 PRO 38 348 348 PRO PRO B . n 
A 1 39 LEU 39 349 349 LEU LEU B . n 
A 1 40 SER 40 350 350 SER SER B . n 
A 1 41 SER 41 351 351 SER SER B . n 
A 1 42 VAL 42 352 352 VAL VAL B . n 
A 1 43 PRO 43 353 353 PRO PRO B . n 
A 1 44 SER 44 354 354 SER SER B . n 
A 1 45 GLU 45 355 355 GLU GLU B . n 
A 1 46 ASP 46 356 356 ASP ASP B . n 
A 1 47 GLU 47 357 357 GLU GLU B . n 
A 1 48 TRP 48 358 358 TRP TRP B . n 
A 1 49 TYR 49 359 359 TYR TYR B . n 
A 1 50 CYS 50 360 360 CYS CYS B . n 
A 1 51 PRO 51 361 361 PRO PRO B . n 
A 1 52 GLU 52 362 362 GLU GLU B . n 
A 1 53 CYS 53 363 363 CYS CYS B . n 
A 1 54 ARG 54 364 364 ARG ARG B . n 
A 1 55 ASN 55 365 365 ASN ASN B . n 
A 1 56 ASP 56 366 ?   ?   ?   B . n 
A 1 57 ALA 57 367 ?   ?   ?   B . n 
# 
loop_
_pdbx_nonpoly_scheme.asym_id 
_pdbx_nonpoly_scheme.entity_id 
_pdbx_nonpoly_scheme.mon_id 
_pdbx_nonpoly_scheme.ndb_seq_num 
_pdbx_nonpoly_scheme.pdb_seq_num 
_pdbx_nonpoly_scheme.auth_seq_num 
_pdbx_nonpoly_scheme.pdb_mon_id 
_pdbx_nonpoly_scheme.auth_mon_id 
_pdbx_nonpoly_scheme.pdb_strand_id 
_pdbx_nonpoly_scheme.pdb_ins_code 
B 2 ZN  1  433  433  ZN  ZN  B . 
C 2 ZN  1  434  434  ZN  ZN  B . 
D 3 HOH 1  2001 2001 HOH HOH B . 
D 3 HOH 2  2002 2002 HOH HOH B . 
D 3 HOH 3  2003 2003 HOH HOH B . 
D 3 HOH 4  2004 2004 HOH HOH B . 
D 3 HOH 5  2005 2005 HOH HOH B . 
D 3 HOH 6  2006 2006 HOH HOH B . 
D 3 HOH 7  2007 2007 HOH HOH B . 
D 3 HOH 8  2008 2008 HOH HOH B . 
D 3 HOH 9  2009 2009 HOH HOH B . 
D 3 HOH 10 2010 2010 HOH HOH B . 
D 3 HOH 11 2011 2011 HOH HOH B . 
D 3 HOH 12 2012 2012 HOH HOH B . 
D 3 HOH 13 2013 2013 HOH HOH B . 
D 3 HOH 14 2014 2014 HOH HOH B . 
D 3 HOH 15 2015 2015 HOH HOH B . 
D 3 HOH 16 2016 2016 HOH HOH B . 
D 3 HOH 17 2017 2017 HOH HOH B . 
D 3 HOH 18 2018 2018 HOH HOH B . 
D 3 HOH 19 2019 2019 HOH HOH B . 
D 3 HOH 20 2020 2020 HOH HOH B . 
D 3 HOH 21 2021 2021 HOH HOH B . 
D 3 HOH 22 2022 2022 HOH HOH B . 
D 3 HOH 23 2023 2023 HOH HOH B . 
D 3 HOH 24 2024 2024 HOH HOH B . 
D 3 HOH 25 2025 2025 HOH HOH B . 
D 3 HOH 26 2026 2026 HOH HOH B . 
D 3 HOH 27 2027 2027 HOH HOH B . 
D 3 HOH 28 2028 2028 HOH HOH B . 
D 3 HOH 29 2029 2029 HOH HOH B . 
D 3 HOH 30 2030 2030 HOH HOH B . 
D 3 HOH 31 2031 2031 HOH HOH B . 
D 3 HOH 32 2032 2032 HOH HOH B . 
D 3 HOH 33 2033 2033 HOH HOH B . 
D 3 HOH 34 2034 2034 HOH HOH B . 
D 3 HOH 35 2035 2035 HOH HOH B . 
D 3 HOH 36 2036 2036 HOH HOH B . 
D 3 HOH 37 2037 2037 HOH HOH B . 
D 3 HOH 38 2038 2038 HOH HOH B . 
D 3 HOH 39 2039 2039 HOH HOH B . 
D 3 HOH 40 2041 2041 HOH HOH B . 
D 3 HOH 41 2042 2042 HOH HOH B . 
D 3 HOH 42 2043 2043 HOH HOH B . 
D 3 HOH 43 2044 2044 HOH HOH B . 
D 3 HOH 44 2045 2045 HOH HOH B . 
D 3 HOH 45 2046 2046 HOH HOH B . 
D 3 HOH 46 2047 2047 HOH HOH B . 
D 3 HOH 47 2048 2048 HOH HOH B . 
D 3 HOH 48 2049 2049 HOH HOH B . 
D 3 HOH 49 2050 2050 HOH HOH B . 
D 3 HOH 50 2051 2051 HOH HOH B . 
D 3 HOH 51 2052 2052 HOH HOH B . 
D 3 HOH 52 2053 2053 HOH HOH B . 
D 3 HOH 53 2054 2054 HOH HOH B . 
D 3 HOH 54 2055 2055 HOH HOH B . 
# 
loop_
_pdbx_unobs_or_zero_occ_atoms.id 
_pdbx_unobs_or_zero_occ_atoms.PDB_model_num 
_pdbx_unobs_or_zero_occ_atoms.polymer_flag 
_pdbx_unobs_or_zero_occ_atoms.occupancy_flag 
_pdbx_unobs_or_zero_occ_atoms.auth_asym_id 
_pdbx_unobs_or_zero_occ_atoms.auth_comp_id 
_pdbx_unobs_or_zero_occ_atoms.auth_seq_id 
_pdbx_unobs_or_zero_occ_atoms.PDB_ins_code 
_pdbx_unobs_or_zero_occ_atoms.auth_atom_id 
_pdbx_unobs_or_zero_occ_atoms.label_alt_id 
_pdbx_unobs_or_zero_occ_atoms.label_asym_id 
_pdbx_unobs_or_zero_occ_atoms.label_comp_id 
_pdbx_unobs_or_zero_occ_atoms.label_seq_id 
_pdbx_unobs_or_zero_occ_atoms.label_atom_id 
1 1 Y 1 B ASN 365 ? CG  ? A ASN 55 CG  
2 1 Y 1 B ASN 365 ? OD1 ? A ASN 55 OD1 
3 1 Y 1 B ASN 365 ? ND2 ? A ASN 55 ND2 
# 
loop_
_software.name 
_software.classification 
_software.version 
_software.citation_id 
_software.pdbx_ordinal 
PHENIX refinement       '(PHENIX.REFINE)' ? 1 
XDS    'data reduction' .                 ? 2 
XSCALE 'data scaling'   .                 ? 3 
# 
_cell.entry_id           3ZVZ 
_cell.length_a           51.006 
_cell.length_b           51.006 
_cell.length_c           83.629 
_cell.angle_alpha        90.00 
_cell.angle_beta         90.00 
_cell.angle_gamma        120.00 
_cell.Z_PDB              12 
_cell.pdbx_unique_axis   ? 
# 
_symmetry.entry_id                         3ZVZ 
_symmetry.space_group_name_H-M             'P 65 2 2' 
_symmetry.pdbx_full_space_group_name_H-M   ? 
_symmetry.cell_setting                     ? 
_symmetry.Int_Tables_number                179 
# 
_exptl.entry_id          3ZVZ 
_exptl.method            'X-RAY DIFFRACTION' 
_exptl.crystals_number   1 
# 
_exptl_crystal.id                    1 
_exptl_crystal.density_meas          ? 
_exptl_crystal.density_Matthews      2.42 
_exptl_crystal.density_percent_sol   49.09 
_exptl_crystal.description           NONE 
# 
_diffrn.id                     1 
_diffrn.ambient_temp           110 
_diffrn.ambient_temp_details   ? 
_diffrn.crystal_id             1 
# 
_diffrn_detector.diffrn_id              1 
_diffrn_detector.detector               CCD 
_diffrn_detector.type                   'ADSC CCD' 
_diffrn_detector.pdbx_collection_date   ? 
_diffrn_detector.details                ? 
# 
_diffrn_radiation.diffrn_id                        1 
_diffrn_radiation.wavelength_id                    1 
_diffrn_radiation.pdbx_monochromatic_or_laue_m_l   M 
_diffrn_radiation.monochromator                    ? 
_diffrn_radiation.pdbx_diffrn_protocol             'SINGLE WAVELENGTH' 
_diffrn_radiation.pdbx_scattering_type             x-ray 
# 
_diffrn_radiation_wavelength.id           1 
_diffrn_radiation_wavelength.wavelength   1.284 
_diffrn_radiation_wavelength.wt           1.0 
# 
_diffrn_source.diffrn_id                   1 
_diffrn_source.source                      SYNCHROTRON 
_diffrn_source.type                        'SOLEIL BEAMLINE PROXIMA 1' 
_diffrn_source.pdbx_synchrotron_site       SOLEIL 
_diffrn_source.pdbx_synchrotron_beamline   'PROXIMA 1' 
_diffrn_source.pdbx_wavelength             1.284 
_diffrn_source.pdbx_wavelength_list        ? 
# 
_reflns.pdbx_diffrn_id               1 
_reflns.pdbx_ordinal                 1 
_reflns.entry_id                     3ZVZ 
_reflns.observed_criterion_sigma_I   2.0 
_reflns.observed_criterion_sigma_F   ? 
_reflns.d_resolution_low             24.40 
_reflns.d_resolution_high            1.43 
_reflns.number_obs                   20810 
_reflns.number_all                   ? 
_reflns.percent_possible_obs         92.2 
_reflns.pdbx_Rmerge_I_obs            0.09 
_reflns.pdbx_Rsym_value              ? 
_reflns.pdbx_netI_over_sigmaI        19.30 
_reflns.B_iso_Wilson_estimate        ? 
_reflns.pdbx_redundancy              3.7 
# 
_reflns_shell.pdbx_diffrn_id         1 
_reflns_shell.pdbx_ordinal           1 
_reflns_shell.d_res_high             1.43 
_reflns_shell.d_res_low              1.45 
_reflns_shell.percent_possible_all   54.7 
_reflns_shell.Rmerge_I_obs           0.48 
_reflns_shell.pdbx_Rsym_value        ? 
_reflns_shell.meanI_over_sigI_obs    2.10 
_reflns_shell.pdbx_redundancy        1.6 
# 
_refine.pdbx_refine_id                           'X-RAY DIFFRACTION' 
_refine.entry_id                                 3ZVZ 
_refine.pdbx_diffrn_id                           1 
_refine.pdbx_TLS_residual_ADP_flag               ? 
_refine.ls_number_reflns_obs                     19929 
_refine.ls_number_reflns_all                     ? 
_refine.pdbx_ls_sigma_I                          ? 
_refine.pdbx_ls_sigma_F                          1.93 
_refine.pdbx_data_cutoff_high_absF               ? 
_refine.pdbx_data_cutoff_low_absF                ? 
_refine.pdbx_data_cutoff_high_rms_absF           ? 
_refine.ls_d_res_low                             24.394 
_refine.ls_d_res_high                            1.449 
_refine.ls_percent_reflns_obs                    92.17 
_refine.ls_R_factor_obs                          0.1705 
_refine.ls_R_factor_all                          ? 
_refine.ls_R_factor_R_work                       0.1690 
_refine.ls_R_factor_R_free                       0.1972 
_refine.ls_R_factor_R_free_error                 ? 
_refine.ls_R_factor_R_free_error_details         ? 
_refine.ls_percent_reflns_R_free                 4.7 
_refine.ls_number_reflns_R_free                  939 
_refine.ls_number_parameters                     ? 
_refine.ls_number_restraints                     ? 
_refine.occupancy_min                            ? 
_refine.occupancy_max                            ? 
_refine.correlation_coeff_Fo_to_Fc               ? 
_refine.correlation_coeff_Fo_to_Fc_free          ? 
_refine.B_iso_mean                               ? 
_refine.aniso_B[1][1]                            ? 
_refine.aniso_B[2][2]                            ? 
_refine.aniso_B[3][3]                            ? 
_refine.aniso_B[1][2]                            ? 
_refine.aniso_B[1][3]                            ? 
_refine.aniso_B[2][3]                            ? 
_refine.solvent_model_details                    'FLAT BULK SOLVENT MODEL' 
_refine.solvent_model_param_ksol                 0.400 
_refine.solvent_model_param_bsol                 60.000 
_refine.pdbx_solvent_vdw_probe_radii             1.11 
_refine.pdbx_solvent_ion_probe_radii             ? 
_refine.pdbx_solvent_shrinkage_radii             0.90 
_refine.pdbx_ls_cross_valid_method               ? 
_refine.details                                  ? 
_refine.pdbx_starting_model                      NONE 
_refine.pdbx_method_to_determine_struct          SAD 
_refine.pdbx_isotropic_thermal_model             ? 
_refine.pdbx_stereochemistry_target_values       ML 
_refine.pdbx_stereochem_target_val_spec_case     ? 
_refine.pdbx_R_Free_selection_details            ? 
_refine.pdbx_overall_ESU_R                       ? 
_refine.pdbx_overall_ESU_R_Free                  ? 
_refine.overall_SU_ML                            0.30 
_refine.pdbx_overall_phase_error                 18.14 
_refine.overall_SU_B                             ? 
_refine.overall_SU_R_Cruickshank_DPI             ? 
_refine.pdbx_overall_SU_R_free_Cruickshank_DPI   ? 
_refine.pdbx_overall_SU_R_Blow_DPI               ? 
_refine.pdbx_overall_SU_R_free_Blow_DPI          ? 
# 
_refine_hist.pdbx_refine_id                   'X-RAY DIFFRACTION' 
_refine_hist.cycle_id                         LAST 
_refine_hist.pdbx_number_atoms_protein        429 
_refine_hist.pdbx_number_atoms_nucleic_acid   0 
_refine_hist.pdbx_number_atoms_ligand         2 
_refine_hist.number_atoms_solvent             54 
_refine_hist.number_atoms_total               485 
_refine_hist.d_res_high                       1.449 
_refine_hist.d_res_low                        24.394 
# 
loop_
_refine_ls_restr.type 
_refine_ls_restr.dev_ideal 
_refine_ls_restr.dev_ideal_target 
_refine_ls_restr.weight 
_refine_ls_restr.number 
_refine_ls_restr.pdbx_refine_id 
_refine_ls_restr.pdbx_restraint_function 
f_bond_d           0.007  ? ? 517 'X-RAY DIFFRACTION' ? 
f_angle_d          1.155  ? ? 709 'X-RAY DIFFRACTION' ? 
f_dihedral_angle_d 14.151 ? ? 210 'X-RAY DIFFRACTION' ? 
f_chiral_restr     0.073  ? ? 70  'X-RAY DIFFRACTION' ? 
f_plane_restr      0.006  ? ? 98  'X-RAY DIFFRACTION' ? 
# 
loop_
_refine_ls_shell.pdbx_refine_id 
_refine_ls_shell.pdbx_total_number_of_bins_used 
_refine_ls_shell.d_res_high 
_refine_ls_shell.d_res_low 
_refine_ls_shell.number_reflns_R_work 
_refine_ls_shell.R_factor_R_work 
_refine_ls_shell.percent_reflns_obs 
_refine_ls_shell.R_factor_R_free 
_refine_ls_shell.R_factor_R_free_error 
_refine_ls_shell.percent_reflns_R_free 
_refine_ls_shell.number_reflns_R_free 
_refine_ls_shell.number_reflns_all 
_refine_ls_shell.R_factor_all 
'X-RAY DIFFRACTION' . 1.4493 1.5257  1878 0.2073 64.00 0.2321 . . 107 . . 
'X-RAY DIFFRACTION' . 1.5257 1.6213  2636 0.1625 90.00 0.1801 . . 126 . . 
'X-RAY DIFFRACTION' . 1.6213 1.7464  2942 0.1422 99.00 0.1650 . . 137 . . 
'X-RAY DIFFRACTION' . 1.7464 1.9221  2889 0.1404 99.00 0.2200 . . 151 . . 
'X-RAY DIFFRACTION' . 1.9221 2.2001  2899 0.1547 98.00 0.2159 . . 130 . . 
'X-RAY DIFFRACTION' . 2.2001 2.7712  2876 0.1739 98.00 0.1935 . . 134 . . 
'X-RAY DIFFRACTION' . 2.7712 24.3974 2870 0.1775 97.00 0.1938 . . 154 . . 
# 
_struct.entry_id                  3ZVZ 
_struct.title                     'PHD finger of human UHRF1' 
_struct.pdbx_model_details        ? 
_struct.pdbx_CASP_flag            ? 
_struct.pdbx_model_type_details   ? 
# 
_struct_keywords.entry_id        3ZVZ 
_struct_keywords.pdbx_keywords   LIGASE 
_struct_keywords.text            'LIGASE, HISTONE READER' 
# 
loop_
_struct_asym.id 
_struct_asym.pdbx_blank_PDB_chainid_flag 
_struct_asym.pdbx_modified 
_struct_asym.entity_id 
_struct_asym.details 
A N N 1 ? 
B N N 2 ? 
C N N 2 ? 
D N N 3 ? 
# 
_struct_ref.id                         1 
_struct_ref.db_name                    UNP 
_struct_ref.db_code                    UHRF1_HUMAN 
_struct_ref.entity_id                  1 
_struct_ref.pdbx_seq_one_letter_code   ? 
_struct_ref.pdbx_align_begin           ? 
_struct_ref.pdbx_db_accession          Q96T88 
_struct_ref.pdbx_db_isoform            ? 
# 
_struct_ref_seq.align_id                      1 
_struct_ref_seq.ref_id                        1 
_struct_ref_seq.pdbx_PDB_id_code              3ZVZ 
_struct_ref_seq.pdbx_strand_id                B 
_struct_ref_seq.seq_align_beg                 4 
_struct_ref_seq.pdbx_seq_align_beg_ins_code   ? 
_struct_ref_seq.seq_align_end                 57 
_struct_ref_seq.pdbx_seq_align_end_ins_code   ? 
_struct_ref_seq.pdbx_db_accession             Q96T88 
_struct_ref_seq.db_align_beg                  314 
_struct_ref_seq.pdbx_db_align_beg_ins_code    ? 
_struct_ref_seq.db_align_end                  367 
_struct_ref_seq.pdbx_db_align_end_ins_code    ? 
_struct_ref_seq.pdbx_auth_seq_align_beg       314 
_struct_ref_seq.pdbx_auth_seq_align_end       367 
# 
loop_
_struct_ref_seq_dif.align_id 
_struct_ref_seq_dif.pdbx_pdb_id_code 
_struct_ref_seq_dif.mon_id 
_struct_ref_seq_dif.pdbx_pdb_strand_id 
_struct_ref_seq_dif.seq_num 
_struct_ref_seq_dif.pdbx_pdb_ins_code 
_struct_ref_seq_dif.pdbx_seq_db_name 
_struct_ref_seq_dif.pdbx_seq_db_accession_code 
_struct_ref_seq_dif.db_mon_id 
_struct_ref_seq_dif.pdbx_seq_db_seq_num 
_struct_ref_seq_dif.details 
_struct_ref_seq_dif.pdbx_auth_seq_num 
_struct_ref_seq_dif.pdbx_ordinal 
1 3ZVZ GLY B 1 ? UNP Q96T88 ? ? 'expression tag' 311 1 
1 3ZVZ HIS B 2 ? UNP Q96T88 ? ? 'expression tag' 312 2 
1 3ZVZ MET B 3 ? UNP Q96T88 ? ? 'expression tag' 313 3 
# 
_pdbx_struct_assembly.id                   1 
_pdbx_struct_assembly.details              author_and_software_defined_assembly 
_pdbx_struct_assembly.method_details       PISA 
_pdbx_struct_assembly.oligomeric_details   monomeric 
_pdbx_struct_assembly.oligomeric_count     1 
# 
_pdbx_struct_assembly_gen.assembly_id       1 
_pdbx_struct_assembly_gen.oper_expression   1 
_pdbx_struct_assembly_gen.asym_id_list      A,B,C,D 
# 
_pdbx_struct_oper_list.id                   1 
_pdbx_struct_oper_list.type                 'identity operation' 
_pdbx_struct_oper_list.name                 1_555 
_pdbx_struct_oper_list.symmetry_operation   x,y,z 
_pdbx_struct_oper_list.matrix[1][1]         1.0000000000 
_pdbx_struct_oper_list.matrix[1][2]         0.0000000000 
_pdbx_struct_oper_list.matrix[1][3]         0.0000000000 
_pdbx_struct_oper_list.vector[1]            0.0000000000 
_pdbx_struct_oper_list.matrix[2][1]         0.0000000000 
_pdbx_struct_oper_list.matrix[2][2]         1.0000000000 
_pdbx_struct_oper_list.matrix[2][3]         0.0000000000 
_pdbx_struct_oper_list.vector[2]            0.0000000000 
_pdbx_struct_oper_list.matrix[3][1]         0.0000000000 
_pdbx_struct_oper_list.matrix[3][2]         0.0000000000 
_pdbx_struct_oper_list.matrix[3][3]         1.0000000000 
_pdbx_struct_oper_list.vector[3]            0.0000000000 
# 
_struct_biol.id   1 
# 
_struct_conf.conf_type_id            HELX_P 
_struct_conf.id                      HELX_P1 
_struct_conf.pdbx_PDB_helix_id       1 
_struct_conf.beg_label_comp_id       ASP 
_struct_conf.beg_label_asym_id       A 
_struct_conf.beg_label_seq_id        16 
_struct_conf.pdbx_beg_PDB_ins_code   ? 
_struct_conf.end_label_comp_id       ASP 
_struct_conf.end_label_asym_id       A 
_struct_conf.end_label_seq_id        18 
_struct_conf.pdbx_end_PDB_ins_code   ? 
_struct_conf.beg_auth_comp_id        ASP 
_struct_conf.beg_auth_asym_id        B 
_struct_conf.beg_auth_seq_id         326 
_struct_conf.end_auth_comp_id        ASP 
_struct_conf.end_auth_asym_id        B 
_struct_conf.end_auth_seq_id         328 
_struct_conf.pdbx_PDB_helix_class    5 
_struct_conf.details                 ? 
_struct_conf.pdbx_PDB_helix_length   3 
# 
_struct_conf_type.id          HELX_P 
_struct_conf_type.criteria    ? 
_struct_conf_type.reference   ? 
# 
loop_
_struct_conn.id 
_struct_conn.conn_type_id 
_struct_conn.pdbx_leaving_atom_flag 
_struct_conn.pdbx_PDB_id 
_struct_conn.ptnr1_label_asym_id 
_struct_conn.ptnr1_label_comp_id 
_struct_conn.ptnr1_label_seq_id 
_struct_conn.ptnr1_label_atom_id 
_struct_conn.pdbx_ptnr1_label_alt_id 
_struct_conn.pdbx_ptnr1_PDB_ins_code 
_struct_conn.pdbx_ptnr1_standard_comp_id 
_struct_conn.ptnr1_symmetry 
_struct_conn.ptnr2_label_asym_id 
_struct_conn.ptnr2_label_comp_id 
_struct_conn.ptnr2_label_seq_id 
_struct_conn.ptnr2_label_atom_id 
_struct_conn.pdbx_ptnr2_label_alt_id 
_struct_conn.pdbx_ptnr2_PDB_ins_code 
_struct_conn.ptnr1_auth_asym_id 
_struct_conn.ptnr1_auth_comp_id 
_struct_conn.ptnr1_auth_seq_id 
_struct_conn.ptnr2_auth_asym_id 
_struct_conn.ptnr2_auth_comp_id 
_struct_conn.ptnr2_auth_seq_id 
_struct_conn.ptnr2_symmetry 
_struct_conn.pdbx_ptnr3_label_atom_id 
_struct_conn.pdbx_ptnr3_label_seq_id 
_struct_conn.pdbx_ptnr3_label_comp_id 
_struct_conn.pdbx_ptnr3_label_asym_id 
_struct_conn.pdbx_ptnr3_label_alt_id 
_struct_conn.pdbx_ptnr3_PDB_ins_code 
_struct_conn.details 
_struct_conn.pdbx_dist_value 
_struct_conn.pdbx_value_order 
_struct_conn.pdbx_role 
metalc1 metalc ? ? A CYS 8  SG  ? ? ? 1_555 B ZN . ZN ? ? B CYS 318 B ZN 433 1_555 ? ? ? ? ? ? ? 2.347 ? ? 
metalc2 metalc ? ? A CYS 11 SG  ? ? ? 1_555 B ZN . ZN ? ? B CYS 321 B ZN 433 1_555 ? ? ? ? ? ? ? 2.344 ? ? 
metalc3 metalc ? ? A CYS 23 SG  ? ? ? 1_555 C ZN . ZN ? ? B CYS 333 B ZN 434 1_555 ? ? ? ? ? ? ? 2.318 ? ? 
metalc4 metalc ? ? A CYS 26 SG  ? ? ? 1_555 C ZN . ZN ? ? B CYS 336 B ZN 434 1_555 ? ? ? ? ? ? ? 2.339 ? ? 
metalc5 metalc ? ? A HIS 31 ND1 ? ? ? 1_555 B ZN . ZN ? ? B HIS 341 B ZN 433 1_555 ? ? ? ? ? ? ? 2.129 ? ? 
metalc6 metalc ? ? A CYS 34 SG  ? ? ? 1_555 B ZN . ZN ? ? B CYS 344 B ZN 433 1_555 ? ? ? ? ? ? ? 2.280 ? ? 
metalc7 metalc ? ? A CYS 50 SG  ? ? ? 1_555 C ZN . ZN ? ? B CYS 360 B ZN 434 1_555 ? ? ? ? ? ? ? 2.360 ? ? 
metalc8 metalc ? ? A CYS 53 SG  ? ? ? 1_555 C ZN . ZN ? ? B CYS 363 B ZN 434 1_555 ? ? ? ? ? ? ? 2.310 ? ? 
# 
_struct_conn_type.id          metalc 
_struct_conn_type.criteria    ? 
_struct_conn_type.reference   ? 
# 
loop_
_pdbx_struct_conn_angle.id 
_pdbx_struct_conn_angle.ptnr1_label_atom_id 
_pdbx_struct_conn_angle.ptnr1_label_alt_id 
_pdbx_struct_conn_angle.ptnr1_label_asym_id 
_pdbx_struct_conn_angle.ptnr1_label_comp_id 
_pdbx_struct_conn_angle.ptnr1_label_seq_id 
_pdbx_struct_conn_angle.ptnr1_auth_atom_id 
_pdbx_struct_conn_angle.ptnr1_auth_asym_id 
_pdbx_struct_conn_angle.ptnr1_auth_comp_id 
_pdbx_struct_conn_angle.ptnr1_auth_seq_id 
_pdbx_struct_conn_angle.ptnr1_PDB_ins_code 
_pdbx_struct_conn_angle.ptnr1_symmetry 
_pdbx_struct_conn_angle.ptnr2_label_atom_id 
_pdbx_struct_conn_angle.ptnr2_label_alt_id 
_pdbx_struct_conn_angle.ptnr2_label_asym_id 
_pdbx_struct_conn_angle.ptnr2_label_comp_id 
_pdbx_struct_conn_angle.ptnr2_label_seq_id 
_pdbx_struct_conn_angle.ptnr2_auth_atom_id 
_pdbx_struct_conn_angle.ptnr2_auth_asym_id 
_pdbx_struct_conn_angle.ptnr2_auth_comp_id 
_pdbx_struct_conn_angle.ptnr2_auth_seq_id 
_pdbx_struct_conn_angle.ptnr2_PDB_ins_code 
_pdbx_struct_conn_angle.ptnr2_symmetry 
_pdbx_struct_conn_angle.ptnr3_label_atom_id 
_pdbx_struct_conn_angle.ptnr3_label_alt_id 
_pdbx_struct_conn_angle.ptnr3_label_asym_id 
_pdbx_struct_conn_angle.ptnr3_label_comp_id 
_pdbx_struct_conn_angle.ptnr3_label_seq_id 
_pdbx_struct_conn_angle.ptnr3_auth_atom_id 
_pdbx_struct_conn_angle.ptnr3_auth_asym_id 
_pdbx_struct_conn_angle.ptnr3_auth_comp_id 
_pdbx_struct_conn_angle.ptnr3_auth_seq_id 
_pdbx_struct_conn_angle.ptnr3_PDB_ins_code 
_pdbx_struct_conn_angle.ptnr3_symmetry 
_pdbx_struct_conn_angle.value 
_pdbx_struct_conn_angle.value_esd 
1  SG  ? A CYS 8  ? B CYS 318 ? 1_555 ZN ? B ZN . ? B ZN 433 ? 1_555 SG  ? A CYS 11 ? B CYS 321 ? 1_555 109.1 ? 
2  SG  ? A CYS 8  ? B CYS 318 ? 1_555 ZN ? B ZN . ? B ZN 433 ? 1_555 ND1 ? A HIS 31 ? B HIS 341 ? 1_555 100.5 ? 
3  SG  ? A CYS 11 ? B CYS 321 ? 1_555 ZN ? B ZN . ? B ZN 433 ? 1_555 ND1 ? A HIS 31 ? B HIS 341 ? 1_555 97.9  ? 
4  SG  ? A CYS 8  ? B CYS 318 ? 1_555 ZN ? B ZN . ? B ZN 433 ? 1_555 SG  ? A CYS 34 ? B CYS 344 ? 1_555 119.1 ? 
5  SG  ? A CYS 11 ? B CYS 321 ? 1_555 ZN ? B ZN . ? B ZN 433 ? 1_555 SG  ? A CYS 34 ? B CYS 344 ? 1_555 112.8 ? 
6  ND1 ? A HIS 31 ? B HIS 341 ? 1_555 ZN ? B ZN . ? B ZN 433 ? 1_555 SG  ? A CYS 34 ? B CYS 344 ? 1_555 114.8 ? 
7  SG  ? A CYS 23 ? B CYS 333 ? 1_555 ZN ? C ZN . ? B ZN 434 ? 1_555 SG  ? A CYS 26 ? B CYS 336 ? 1_555 105.2 ? 
8  SG  ? A CYS 23 ? B CYS 333 ? 1_555 ZN ? C ZN . ? B ZN 434 ? 1_555 SG  ? A CYS 50 ? B CYS 360 ? 1_555 111.1 ? 
9  SG  ? A CYS 26 ? B CYS 336 ? 1_555 ZN ? C ZN . ? B ZN 434 ? 1_555 SG  ? A CYS 50 ? B CYS 360 ? 1_555 115.6 ? 
10 SG  ? A CYS 23 ? B CYS 333 ? 1_555 ZN ? C ZN . ? B ZN 434 ? 1_555 SG  ? A CYS 53 ? B CYS 363 ? 1_555 106.8 ? 
11 SG  ? A CYS 26 ? B CYS 336 ? 1_555 ZN ? C ZN . ? B ZN 434 ? 1_555 SG  ? A CYS 53 ? B CYS 363 ? 1_555 111.0 ? 
12 SG  ? A CYS 50 ? B CYS 360 ? 1_555 ZN ? C ZN . ? B ZN 434 ? 1_555 SG  ? A CYS 53 ? B CYS 363 ? 1_555 106.9 ? 
# 
_struct_mon_prot_cis.pdbx_id                1 
_struct_mon_prot_cis.label_comp_id          ASP 
_struct_mon_prot_cis.label_seq_id           36 
_struct_mon_prot_cis.label_asym_id          A 
_struct_mon_prot_cis.label_alt_id           . 
_struct_mon_prot_cis.pdbx_PDB_ins_code      ? 
_struct_mon_prot_cis.auth_comp_id           ASP 
_struct_mon_prot_cis.auth_seq_id            346 
_struct_mon_prot_cis.auth_asym_id           B 
_struct_mon_prot_cis.pdbx_label_comp_id_2   PRO 
_struct_mon_prot_cis.pdbx_label_seq_id_2    37 
_struct_mon_prot_cis.pdbx_label_asym_id_2   A 
_struct_mon_prot_cis.pdbx_PDB_ins_code_2    ? 
_struct_mon_prot_cis.pdbx_auth_comp_id_2    PRO 
_struct_mon_prot_cis.pdbx_auth_seq_id_2     347 
_struct_mon_prot_cis.pdbx_auth_asym_id_2    B 
_struct_mon_prot_cis.pdbx_PDB_model_num     1 
_struct_mon_prot_cis.pdbx_omega_angle       1.55 
# 
_struct_sheet.id               BA 
_struct_sheet.type             ? 
_struct_sheet.number_strands   2 
_struct_sheet.details          ? 
# 
_struct_sheet_order.sheet_id     BA 
_struct_sheet_order.range_id_1   1 
_struct_sheet_order.range_id_2   2 
_struct_sheet_order.offset       ? 
_struct_sheet_order.sense        anti-parallel 
# 
loop_
_struct_sheet_range.sheet_id 
_struct_sheet_range.id 
_struct_sheet_range.beg_label_comp_id 
_struct_sheet_range.beg_label_asym_id 
_struct_sheet_range.beg_label_seq_id 
_struct_sheet_range.pdbx_beg_PDB_ins_code 
_struct_sheet_range.end_label_comp_id 
_struct_sheet_range.end_label_asym_id 
_struct_sheet_range.end_label_seq_id 
_struct_sheet_range.pdbx_end_PDB_ins_code 
_struct_sheet_range.beg_auth_comp_id 
_struct_sheet_range.beg_auth_asym_id 
_struct_sheet_range.beg_auth_seq_id 
_struct_sheet_range.end_auth_comp_id 
_struct_sheet_range.end_auth_asym_id 
_struct_sheet_range.end_auth_seq_id 
BA 1 GLN A 20 ? MET A 22 ? GLN B 330 MET B 332 
BA 2 ALA A 29 ? HIS A 31 ? ALA B 339 HIS B 341 
# 
_pdbx_struct_sheet_hbond.sheet_id                BA 
_pdbx_struct_sheet_hbond.range_id_1              1 
_pdbx_struct_sheet_hbond.range_id_2              2 
_pdbx_struct_sheet_hbond.range_1_label_atom_id   N 
_pdbx_struct_sheet_hbond.range_1_label_comp_id   LEU 
_pdbx_struct_sheet_hbond.range_1_label_asym_id   A 
_pdbx_struct_sheet_hbond.range_1_label_seq_id    21 
_pdbx_struct_sheet_hbond.range_1_PDB_ins_code    ? 
_pdbx_struct_sheet_hbond.range_1_auth_atom_id    N 
_pdbx_struct_sheet_hbond.range_1_auth_comp_id    LEU 
_pdbx_struct_sheet_hbond.range_1_auth_asym_id    B 
_pdbx_struct_sheet_hbond.range_1_auth_seq_id     331 
_pdbx_struct_sheet_hbond.range_2_label_atom_id   O 
_pdbx_struct_sheet_hbond.range_2_label_comp_id   PHE 
_pdbx_struct_sheet_hbond.range_2_label_asym_id   A 
_pdbx_struct_sheet_hbond.range_2_label_seq_id    30 
_pdbx_struct_sheet_hbond.range_2_PDB_ins_code    ? 
_pdbx_struct_sheet_hbond.range_2_auth_atom_id    O 
_pdbx_struct_sheet_hbond.range_2_auth_comp_id    PHE 
_pdbx_struct_sheet_hbond.range_2_auth_asym_id    B 
_pdbx_struct_sheet_hbond.range_2_auth_seq_id     340 
# 
loop_
_struct_site.id 
_struct_site.pdbx_evidence_code 
_struct_site.pdbx_auth_asym_id 
_struct_site.pdbx_auth_comp_id 
_struct_site.pdbx_auth_seq_id 
_struct_site.pdbx_auth_ins_code 
_struct_site.pdbx_num_residues 
_struct_site.details 
AC1 Software B ZN 433 ? 4 'BINDING SITE FOR RESIDUE ZN B 433' 
AC2 Software B ZN 434 ? 4 'BINDING SITE FOR RESIDUE ZN B 434' 
# 
loop_
_struct_site_gen.id 
_struct_site_gen.site_id 
_struct_site_gen.pdbx_num_res 
_struct_site_gen.label_comp_id 
_struct_site_gen.label_asym_id 
_struct_site_gen.label_seq_id 
_struct_site_gen.pdbx_auth_ins_code 
_struct_site_gen.auth_comp_id 
_struct_site_gen.auth_asym_id 
_struct_site_gen.auth_seq_id 
_struct_site_gen.label_atom_id 
_struct_site_gen.label_alt_id 
_struct_site_gen.symmetry 
_struct_site_gen.details 
1 AC1 4 CYS A 8  ? CYS B 318 . ? 1_555 ? 
2 AC1 4 CYS A 11 ? CYS B 321 . ? 1_555 ? 
3 AC1 4 HIS A 31 ? HIS B 341 . ? 1_555 ? 
4 AC1 4 CYS A 34 ? CYS B 344 . ? 1_555 ? 
5 AC2 4 CYS A 23 ? CYS B 333 . ? 1_555 ? 
6 AC2 4 CYS A 26 ? CYS B 336 . ? 1_555 ? 
7 AC2 4 CYS A 50 ? CYS B 360 . ? 1_555 ? 
8 AC2 4 CYS A 53 ? CYS B 363 . ? 1_555 ? 
# 
_pdbx_validate_symm_contact.id                1 
_pdbx_validate_symm_contact.PDB_model_num     1 
_pdbx_validate_symm_contact.auth_atom_id_1    O 
_pdbx_validate_symm_contact.auth_asym_id_1    B 
_pdbx_validate_symm_contact.auth_comp_id_1    HOH 
_pdbx_validate_symm_contact.auth_seq_id_1     2041 
_pdbx_validate_symm_contact.PDB_ins_code_1    ? 
_pdbx_validate_symm_contact.label_alt_id_1    ? 
_pdbx_validate_symm_contact.site_symmetry_1   1_555 
_pdbx_validate_symm_contact.auth_atom_id_2    O 
_pdbx_validate_symm_contact.auth_asym_id_2    B 
_pdbx_validate_symm_contact.auth_comp_id_2    HOH 
_pdbx_validate_symm_contact.auth_seq_id_2     2043 
_pdbx_validate_symm_contact.PDB_ins_code_2    ? 
_pdbx_validate_symm_contact.label_alt_id_2    ? 
_pdbx_validate_symm_contact.site_symmetry_2   12_564 
_pdbx_validate_symm_contact.dist              2.07 
# 
_pdbx_struct_special_symmetry.id              1 
_pdbx_struct_special_symmetry.PDB_model_num   1 
_pdbx_struct_special_symmetry.auth_asym_id    B 
_pdbx_struct_special_symmetry.auth_comp_id    HOH 
_pdbx_struct_special_symmetry.auth_seq_id     2047 
_pdbx_struct_special_symmetry.PDB_ins_code    ? 
_pdbx_struct_special_symmetry.label_asym_id   D 
_pdbx_struct_special_symmetry.label_comp_id   HOH 
_pdbx_struct_special_symmetry.label_seq_id    . 
# 
loop_
_pdbx_unobs_or_zero_occ_residues.id 
_pdbx_unobs_or_zero_occ_residues.PDB_model_num 
_pdbx_unobs_or_zero_occ_residues.polymer_flag 
_pdbx_unobs_or_zero_occ_residues.occupancy_flag 
_pdbx_unobs_or_zero_occ_residues.auth_asym_id 
_pdbx_unobs_or_zero_occ_residues.auth_comp_id 
_pdbx_unobs_or_zero_occ_residues.auth_seq_id 
_pdbx_unobs_or_zero_occ_residues.PDB_ins_code 
_pdbx_unobs_or_zero_occ_residues.label_asym_id 
_pdbx_unobs_or_zero_occ_residues.label_comp_id 
_pdbx_unobs_or_zero_occ_residues.label_seq_id 
1 1 Y 1 B ASP 366 ? A ASP 56 
2 1 Y 1 B ALA 367 ? A ALA 57 
# 
loop_
_chem_comp_atom.comp_id 
_chem_comp_atom.atom_id 
_chem_comp_atom.type_symbol 
_chem_comp_atom.pdbx_aromatic_flag 
_chem_comp_atom.pdbx_stereo_config 
_chem_comp_atom.pdbx_ordinal 
ALA N    N  N N 1   
ALA CA   C  N S 2   
ALA C    C  N N 3   
ALA O    O  N N 4   
ALA CB   C  N N 5   
ALA OXT  O  N N 6   
ALA H    H  N N 7   
ALA H2   H  N N 8   
ALA HA   H  N N 9   
ALA HB1  H  N N 10  
ALA HB2  H  N N 11  
ALA HB3  H  N N 12  
ALA HXT  H  N N 13  
ARG N    N  N N 14  
ARG CA   C  N S 15  
ARG C    C  N N 16  
ARG O    O  N N 17  
ARG CB   C  N N 18  
ARG CG   C  N N 19  
ARG CD   C  N N 20  
ARG NE   N  N N 21  
ARG CZ   C  N N 22  
ARG NH1  N  N N 23  
ARG NH2  N  N N 24  
ARG OXT  O  N N 25  
ARG H    H  N N 26  
ARG H2   H  N N 27  
ARG HA   H  N N 28  
ARG HB2  H  N N 29  
ARG HB3  H  N N 30  
ARG HG2  H  N N 31  
ARG HG3  H  N N 32  
ARG HD2  H  N N 33  
ARG HD3  H  N N 34  
ARG HE   H  N N 35  
ARG HH11 H  N N 36  
ARG HH12 H  N N 37  
ARG HH21 H  N N 38  
ARG HH22 H  N N 39  
ARG HXT  H  N N 40  
ASN N    N  N N 41  
ASN CA   C  N S 42  
ASN C    C  N N 43  
ASN O    O  N N 44  
ASN CB   C  N N 45  
ASN CG   C  N N 46  
ASN OD1  O  N N 47  
ASN ND2  N  N N 48  
ASN OXT  O  N N 49  
ASN H    H  N N 50  
ASN H2   H  N N 51  
ASN HA   H  N N 52  
ASN HB2  H  N N 53  
ASN HB3  H  N N 54  
ASN HD21 H  N N 55  
ASN HD22 H  N N 56  
ASN HXT  H  N N 57  
ASP N    N  N N 58  
ASP CA   C  N S 59  
ASP C    C  N N 60  
ASP O    O  N N 61  
ASP CB   C  N N 62  
ASP CG   C  N N 63  
ASP OD1  O  N N 64  
ASP OD2  O  N N 65  
ASP OXT  O  N N 66  
ASP H    H  N N 67  
ASP H2   H  N N 68  
ASP HA   H  N N 69  
ASP HB2  H  N N 70  
ASP HB3  H  N N 71  
ASP HD2  H  N N 72  
ASP HXT  H  N N 73  
CYS N    N  N N 74  
CYS CA   C  N R 75  
CYS C    C  N N 76  
CYS O    O  N N 77  
CYS CB   C  N N 78  
CYS SG   S  N N 79  
CYS OXT  O  N N 80  
CYS H    H  N N 81  
CYS H2   H  N N 82  
CYS HA   H  N N 83  
CYS HB2  H  N N 84  
CYS HB3  H  N N 85  
CYS HG   H  N N 86  
CYS HXT  H  N N 87  
GLN N    N  N N 88  
GLN CA   C  N S 89  
GLN C    C  N N 90  
GLN O    O  N N 91  
GLN CB   C  N N 92  
GLN CG   C  N N 93  
GLN CD   C  N N 94  
GLN OE1  O  N N 95  
GLN NE2  N  N N 96  
GLN OXT  O  N N 97  
GLN H    H  N N 98  
GLN H2   H  N N 99  
GLN HA   H  N N 100 
GLN HB2  H  N N 101 
GLN HB3  H  N N 102 
GLN HG2  H  N N 103 
GLN HG3  H  N N 104 
GLN HE21 H  N N 105 
GLN HE22 H  N N 106 
GLN HXT  H  N N 107 
GLU N    N  N N 108 
GLU CA   C  N S 109 
GLU C    C  N N 110 
GLU O    O  N N 111 
GLU CB   C  N N 112 
GLU CG   C  N N 113 
GLU CD   C  N N 114 
GLU OE1  O  N N 115 
GLU OE2  O  N N 116 
GLU OXT  O  N N 117 
GLU H    H  N N 118 
GLU H2   H  N N 119 
GLU HA   H  N N 120 
GLU HB2  H  N N 121 
GLU HB3  H  N N 122 
GLU HG2  H  N N 123 
GLU HG3  H  N N 124 
GLU HE2  H  N N 125 
GLU HXT  H  N N 126 
GLY N    N  N N 127 
GLY CA   C  N N 128 
GLY C    C  N N 129 
GLY O    O  N N 130 
GLY OXT  O  N N 131 
GLY H    H  N N 132 
GLY H2   H  N N 133 
GLY HA2  H  N N 134 
GLY HA3  H  N N 135 
GLY HXT  H  N N 136 
HIS N    N  N N 137 
HIS CA   C  N S 138 
HIS C    C  N N 139 
HIS O    O  N N 140 
HIS CB   C  N N 141 
HIS CG   C  Y N 142 
HIS ND1  N  Y N 143 
HIS CD2  C  Y N 144 
HIS CE1  C  Y N 145 
HIS NE2  N  Y N 146 
HIS OXT  O  N N 147 
HIS H    H  N N 148 
HIS H2   H  N N 149 
HIS HA   H  N N 150 
HIS HB2  H  N N 151 
HIS HB3  H  N N 152 
HIS HD1  H  N N 153 
HIS HD2  H  N N 154 
HIS HE1  H  N N 155 
HIS HE2  H  N N 156 
HIS HXT  H  N N 157 
HOH O    O  N N 158 
HOH H1   H  N N 159 
HOH H2   H  N N 160 
ILE N    N  N N 161 
ILE CA   C  N S 162 
ILE C    C  N N 163 
ILE O    O  N N 164 
ILE CB   C  N S 165 
ILE CG1  C  N N 166 
ILE CG2  C  N N 167 
ILE CD1  C  N N 168 
ILE OXT  O  N N 169 
ILE H    H  N N 170 
ILE H2   H  N N 171 
ILE HA   H  N N 172 
ILE HB   H  N N 173 
ILE HG12 H  N N 174 
ILE HG13 H  N N 175 
ILE HG21 H  N N 176 
ILE HG22 H  N N 177 
ILE HG23 H  N N 178 
ILE HD11 H  N N 179 
ILE HD12 H  N N 180 
ILE HD13 H  N N 181 
ILE HXT  H  N N 182 
LEU N    N  N N 183 
LEU CA   C  N S 184 
LEU C    C  N N 185 
LEU O    O  N N 186 
LEU CB   C  N N 187 
LEU CG   C  N N 188 
LEU CD1  C  N N 189 
LEU CD2  C  N N 190 
LEU OXT  O  N N 191 
LEU H    H  N N 192 
LEU H2   H  N N 193 
LEU HA   H  N N 194 
LEU HB2  H  N N 195 
LEU HB3  H  N N 196 
LEU HG   H  N N 197 
LEU HD11 H  N N 198 
LEU HD12 H  N N 199 
LEU HD13 H  N N 200 
LEU HD21 H  N N 201 
LEU HD22 H  N N 202 
LEU HD23 H  N N 203 
LEU HXT  H  N N 204 
LYS N    N  N N 205 
LYS CA   C  N S 206 
LYS C    C  N N 207 
LYS O    O  N N 208 
LYS CB   C  N N 209 
LYS CG   C  N N 210 
LYS CD   C  N N 211 
LYS CE   C  N N 212 
LYS NZ   N  N N 213 
LYS OXT  O  N N 214 
LYS H    H  N N 215 
LYS H2   H  N N 216 
LYS HA   H  N N 217 
LYS HB2  H  N N 218 
LYS HB3  H  N N 219 
LYS HG2  H  N N 220 
LYS HG3  H  N N 221 
LYS HD2  H  N N 222 
LYS HD3  H  N N 223 
LYS HE2  H  N N 224 
LYS HE3  H  N N 225 
LYS HZ1  H  N N 226 
LYS HZ2  H  N N 227 
LYS HZ3  H  N N 228 
LYS HXT  H  N N 229 
MET N    N  N N 230 
MET CA   C  N S 231 
MET C    C  N N 232 
MET O    O  N N 233 
MET CB   C  N N 234 
MET CG   C  N N 235 
MET SD   S  N N 236 
MET CE   C  N N 237 
MET OXT  O  N N 238 
MET H    H  N N 239 
MET H2   H  N N 240 
MET HA   H  N N 241 
MET HB2  H  N N 242 
MET HB3  H  N N 243 
MET HG2  H  N N 244 
MET HG3  H  N N 245 
MET HE1  H  N N 246 
MET HE2  H  N N 247 
MET HE3  H  N N 248 
MET HXT  H  N N 249 
PHE N    N  N N 250 
PHE CA   C  N S 251 
PHE C    C  N N 252 
PHE O    O  N N 253 
PHE CB   C  N N 254 
PHE CG   C  Y N 255 
PHE CD1  C  Y N 256 
PHE CD2  C  Y N 257 
PHE CE1  C  Y N 258 
PHE CE2  C  Y N 259 
PHE CZ   C  Y N 260 
PHE OXT  O  N N 261 
PHE H    H  N N 262 
PHE H2   H  N N 263 
PHE HA   H  N N 264 
PHE HB2  H  N N 265 
PHE HB3  H  N N 266 
PHE HD1  H  N N 267 
PHE HD2  H  N N 268 
PHE HE1  H  N N 269 
PHE HE2  H  N N 270 
PHE HZ   H  N N 271 
PHE HXT  H  N N 272 
PRO N    N  N N 273 
PRO CA   C  N S 274 
PRO C    C  N N 275 
PRO O    O  N N 276 
PRO CB   C  N N 277 
PRO CG   C  N N 278 
PRO CD   C  N N 279 
PRO OXT  O  N N 280 
PRO H    H  N N 281 
PRO HA   H  N N 282 
PRO HB2  H  N N 283 
PRO HB3  H  N N 284 
PRO HG2  H  N N 285 
PRO HG3  H  N N 286 
PRO HD2  H  N N 287 
PRO HD3  H  N N 288 
PRO HXT  H  N N 289 
SER N    N  N N 290 
SER CA   C  N S 291 
SER C    C  N N 292 
SER O    O  N N 293 
SER CB   C  N N 294 
SER OG   O  N N 295 
SER OXT  O  N N 296 
SER H    H  N N 297 
SER H2   H  N N 298 
SER HA   H  N N 299 
SER HB2  H  N N 300 
SER HB3  H  N N 301 
SER HG   H  N N 302 
SER HXT  H  N N 303 
TRP N    N  N N 304 
TRP CA   C  N S 305 
TRP C    C  N N 306 
TRP O    O  N N 307 
TRP CB   C  N N 308 
TRP CG   C  Y N 309 
TRP CD1  C  Y N 310 
TRP CD2  C  Y N 311 
TRP NE1  N  Y N 312 
TRP CE2  C  Y N 313 
TRP CE3  C  Y N 314 
TRP CZ2  C  Y N 315 
TRP CZ3  C  Y N 316 
TRP CH2  C  Y N 317 
TRP OXT  O  N N 318 
TRP H    H  N N 319 
TRP H2   H  N N 320 
TRP HA   H  N N 321 
TRP HB2  H  N N 322 
TRP HB3  H  N N 323 
TRP HD1  H  N N 324 
TRP HE1  H  N N 325 
TRP HE3  H  N N 326 
TRP HZ2  H  N N 327 
TRP HZ3  H  N N 328 
TRP HH2  H  N N 329 
TRP HXT  H  N N 330 
TYR N    N  N N 331 
TYR CA   C  N S 332 
TYR C    C  N N 333 
TYR O    O  N N 334 
TYR CB   C  N N 335 
TYR CG   C  Y N 336 
TYR CD1  C  Y N 337 
TYR CD2  C  Y N 338 
TYR CE1  C  Y N 339 
TYR CE2  C  Y N 340 
TYR CZ   C  Y N 341 
TYR OH   O  N N 342 
TYR OXT  O  N N 343 
TYR H    H  N N 344 
TYR H2   H  N N 345 
TYR HA   H  N N 346 
TYR HB2  H  N N 347 
TYR HB3  H  N N 348 
TYR HD1  H  N N 349 
TYR HD2  H  N N 350 
TYR HE1  H  N N 351 
TYR HE2  H  N N 352 
TYR HH   H  N N 353 
TYR HXT  H  N N 354 
VAL N    N  N N 355 
VAL CA   C  N S 356 
VAL C    C  N N 357 
VAL O    O  N N 358 
VAL CB   C  N N 359 
VAL CG1  C  N N 360 
VAL CG2  C  N N 361 
VAL OXT  O  N N 362 
VAL H    H  N N 363 
VAL H2   H  N N 364 
VAL HA   H  N N 365 
VAL HB   H  N N 366 
VAL HG11 H  N N 367 
VAL HG12 H  N N 368 
VAL HG13 H  N N 369 
VAL HG21 H  N N 370 
VAL HG22 H  N N 371 
VAL HG23 H  N N 372 
VAL HXT  H  N N 373 
ZN  ZN   ZN N N 374 
# 
loop_
_chem_comp_bond.comp_id 
_chem_comp_bond.atom_id_1 
_chem_comp_bond.atom_id_2 
_chem_comp_bond.value_order 
_chem_comp_bond.pdbx_aromatic_flag 
_chem_comp_bond.pdbx_stereo_config 
_chem_comp_bond.pdbx_ordinal 
ALA N   CA   sing N N 1   
ALA N   H    sing N N 2   
ALA N   H2   sing N N 3   
ALA CA  C    sing N N 4   
ALA CA  CB   sing N N 5   
ALA CA  HA   sing N N 6   
ALA C   O    doub N N 7   
ALA C   OXT  sing N N 8   
ALA CB  HB1  sing N N 9   
ALA CB  HB2  sing N N 10  
ALA CB  HB3  sing N N 11  
ALA OXT HXT  sing N N 12  
ARG N   CA   sing N N 13  
ARG N   H    sing N N 14  
ARG N   H2   sing N N 15  
ARG CA  C    sing N N 16  
ARG CA  CB   sing N N 17  
ARG CA  HA   sing N N 18  
ARG C   O    doub N N 19  
ARG C   OXT  sing N N 20  
ARG CB  CG   sing N N 21  
ARG CB  HB2  sing N N 22  
ARG CB  HB3  sing N N 23  
ARG CG  CD   sing N N 24  
ARG CG  HG2  sing N N 25  
ARG CG  HG3  sing N N 26  
ARG CD  NE   sing N N 27  
ARG CD  HD2  sing N N 28  
ARG CD  HD3  sing N N 29  
ARG NE  CZ   sing N N 30  
ARG NE  HE   sing N N 31  
ARG CZ  NH1  sing N N 32  
ARG CZ  NH2  doub N N 33  
ARG NH1 HH11 sing N N 34  
ARG NH1 HH12 sing N N 35  
ARG NH2 HH21 sing N N 36  
ARG NH2 HH22 sing N N 37  
ARG OXT HXT  sing N N 38  
ASN N   CA   sing N N 39  
ASN N   H    sing N N 40  
ASN N   H2   sing N N 41  
ASN CA  C    sing N N 42  
ASN CA  CB   sing N N 43  
ASN CA  HA   sing N N 44  
ASN C   O    doub N N 45  
ASN C   OXT  sing N N 46  
ASN CB  CG   sing N N 47  
ASN CB  HB2  sing N N 48  
ASN CB  HB3  sing N N 49  
ASN CG  OD1  doub N N 50  
ASN CG  ND2  sing N N 51  
ASN ND2 HD21 sing N N 52  
ASN ND2 HD22 sing N N 53  
ASN OXT HXT  sing N N 54  
ASP N   CA   sing N N 55  
ASP N   H    sing N N 56  
ASP N   H2   sing N N 57  
ASP CA  C    sing N N 58  
ASP CA  CB   sing N N 59  
ASP CA  HA   sing N N 60  
ASP C   O    doub N N 61  
ASP C   OXT  sing N N 62  
ASP CB  CG   sing N N 63  
ASP CB  HB2  sing N N 64  
ASP CB  HB3  sing N N 65  
ASP CG  OD1  doub N N 66  
ASP CG  OD2  sing N N 67  
ASP OD2 HD2  sing N N 68  
ASP OXT HXT  sing N N 69  
CYS N   CA   sing N N 70  
CYS N   H    sing N N 71  
CYS N   H2   sing N N 72  
CYS CA  C    sing N N 73  
CYS CA  CB   sing N N 74  
CYS CA  HA   sing N N 75  
CYS C   O    doub N N 76  
CYS C   OXT  sing N N 77  
CYS CB  SG   sing N N 78  
CYS CB  HB2  sing N N 79  
CYS CB  HB3  sing N N 80  
CYS SG  HG   sing N N 81  
CYS OXT HXT  sing N N 82  
GLN N   CA   sing N N 83  
GLN N   H    sing N N 84  
GLN N   H2   sing N N 85  
GLN CA  C    sing N N 86  
GLN CA  CB   sing N N 87  
GLN CA  HA   sing N N 88  
GLN C   O    doub N N 89  
GLN C   OXT  sing N N 90  
GLN CB  CG   sing N N 91  
GLN CB  HB2  sing N N 92  
GLN CB  HB3  sing N N 93  
GLN CG  CD   sing N N 94  
GLN CG  HG2  sing N N 95  
GLN CG  HG3  sing N N 96  
GLN CD  OE1  doub N N 97  
GLN CD  NE2  sing N N 98  
GLN NE2 HE21 sing N N 99  
GLN NE2 HE22 sing N N 100 
GLN OXT HXT  sing N N 101 
GLU N   CA   sing N N 102 
GLU N   H    sing N N 103 
GLU N   H2   sing N N 104 
GLU CA  C    sing N N 105 
GLU CA  CB   sing N N 106 
GLU CA  HA   sing N N 107 
GLU C   O    doub N N 108 
GLU C   OXT  sing N N 109 
GLU CB  CG   sing N N 110 
GLU CB  HB2  sing N N 111 
GLU CB  HB3  sing N N 112 
GLU CG  CD   sing N N 113 
GLU CG  HG2  sing N N 114 
GLU CG  HG3  sing N N 115 
GLU CD  OE1  doub N N 116 
GLU CD  OE2  sing N N 117 
GLU OE2 HE2  sing N N 118 
GLU OXT HXT  sing N N 119 
GLY N   CA   sing N N 120 
GLY N   H    sing N N 121 
GLY N   H2   sing N N 122 
GLY CA  C    sing N N 123 
GLY CA  HA2  sing N N 124 
GLY CA  HA3  sing N N 125 
GLY C   O    doub N N 126 
GLY C   OXT  sing N N 127 
GLY OXT HXT  sing N N 128 
HIS N   CA   sing N N 129 
HIS N   H    sing N N 130 
HIS N   H2   sing N N 131 
HIS CA  C    sing N N 132 
HIS CA  CB   sing N N 133 
HIS CA  HA   sing N N 134 
HIS C   O    doub N N 135 
HIS C   OXT  sing N N 136 
HIS CB  CG   sing N N 137 
HIS CB  HB2  sing N N 138 
HIS CB  HB3  sing N N 139 
HIS CG  ND1  sing Y N 140 
HIS CG  CD2  doub Y N 141 
HIS ND1 CE1  doub Y N 142 
HIS ND1 HD1  sing N N 143 
HIS CD2 NE2  sing Y N 144 
HIS CD2 HD2  sing N N 145 
HIS CE1 NE2  sing Y N 146 
HIS CE1 HE1  sing N N 147 
HIS NE2 HE2  sing N N 148 
HIS OXT HXT  sing N N 149 
HOH O   H1   sing N N 150 
HOH O   H2   sing N N 151 
ILE N   CA   sing N N 152 
ILE N   H    sing N N 153 
ILE N   H2   sing N N 154 
ILE CA  C    sing N N 155 
ILE CA  CB   sing N N 156 
ILE CA  HA   sing N N 157 
ILE C   O    doub N N 158 
ILE C   OXT  sing N N 159 
ILE CB  CG1  sing N N 160 
ILE CB  CG2  sing N N 161 
ILE CB  HB   sing N N 162 
ILE CG1 CD1  sing N N 163 
ILE CG1 HG12 sing N N 164 
ILE CG1 HG13 sing N N 165 
ILE CG2 HG21 sing N N 166 
ILE CG2 HG22 sing N N 167 
ILE CG2 HG23 sing N N 168 
ILE CD1 HD11 sing N N 169 
ILE CD1 HD12 sing N N 170 
ILE CD1 HD13 sing N N 171 
ILE OXT HXT  sing N N 172 
LEU N   CA   sing N N 173 
LEU N   H    sing N N 174 
LEU N   H2   sing N N 175 
LEU CA  C    sing N N 176 
LEU CA  CB   sing N N 177 
LEU CA  HA   sing N N 178 
LEU C   O    doub N N 179 
LEU C   OXT  sing N N 180 
LEU CB  CG   sing N N 181 
LEU CB  HB2  sing N N 182 
LEU CB  HB3  sing N N 183 
LEU CG  CD1  sing N N 184 
LEU CG  CD2  sing N N 185 
LEU CG  HG   sing N N 186 
LEU CD1 HD11 sing N N 187 
LEU CD1 HD12 sing N N 188 
LEU CD1 HD13 sing N N 189 
LEU CD2 HD21 sing N N 190 
LEU CD2 HD22 sing N N 191 
LEU CD2 HD23 sing N N 192 
LEU OXT HXT  sing N N 193 
LYS N   CA   sing N N 194 
LYS N   H    sing N N 195 
LYS N   H2   sing N N 196 
LYS CA  C    sing N N 197 
LYS CA  CB   sing N N 198 
LYS CA  HA   sing N N 199 
LYS C   O    doub N N 200 
LYS C   OXT  sing N N 201 
LYS CB  CG   sing N N 202 
LYS CB  HB2  sing N N 203 
LYS CB  HB3  sing N N 204 
LYS CG  CD   sing N N 205 
LYS CG  HG2  sing N N 206 
LYS CG  HG3  sing N N 207 
LYS CD  CE   sing N N 208 
LYS CD  HD2  sing N N 209 
LYS CD  HD3  sing N N 210 
LYS CE  NZ   sing N N 211 
LYS CE  HE2  sing N N 212 
LYS CE  HE3  sing N N 213 
LYS NZ  HZ1  sing N N 214 
LYS NZ  HZ2  sing N N 215 
LYS NZ  HZ3  sing N N 216 
LYS OXT HXT  sing N N 217 
MET N   CA   sing N N 218 
MET N   H    sing N N 219 
MET N   H2   sing N N 220 
MET CA  C    sing N N 221 
MET CA  CB   sing N N 222 
MET CA  HA   sing N N 223 
MET C   O    doub N N 224 
MET C   OXT  sing N N 225 
MET CB  CG   sing N N 226 
MET CB  HB2  sing N N 227 
MET CB  HB3  sing N N 228 
MET CG  SD   sing N N 229 
MET CG  HG2  sing N N 230 
MET CG  HG3  sing N N 231 
MET SD  CE   sing N N 232 
MET CE  HE1  sing N N 233 
MET CE  HE2  sing N N 234 
MET CE  HE3  sing N N 235 
MET OXT HXT  sing N N 236 
PHE N   CA   sing N N 237 
PHE N   H    sing N N 238 
PHE N   H2   sing N N 239 
PHE CA  C    sing N N 240 
PHE CA  CB   sing N N 241 
PHE CA  HA   sing N N 242 
PHE C   O    doub N N 243 
PHE C   OXT  sing N N 244 
PHE CB  CG   sing N N 245 
PHE CB  HB2  sing N N 246 
PHE CB  HB3  sing N N 247 
PHE CG  CD1  doub Y N 248 
PHE CG  CD2  sing Y N 249 
PHE CD1 CE1  sing Y N 250 
PHE CD1 HD1  sing N N 251 
PHE CD2 CE2  doub Y N 252 
PHE CD2 HD2  sing N N 253 
PHE CE1 CZ   doub Y N 254 
PHE CE1 HE1  sing N N 255 
PHE CE2 CZ   sing Y N 256 
PHE CE2 HE2  sing N N 257 
PHE CZ  HZ   sing N N 258 
PHE OXT HXT  sing N N 259 
PRO N   CA   sing N N 260 
PRO N   CD   sing N N 261 
PRO N   H    sing N N 262 
PRO CA  C    sing N N 263 
PRO CA  CB   sing N N 264 
PRO CA  HA   sing N N 265 
PRO C   O    doub N N 266 
PRO C   OXT  sing N N 267 
PRO CB  CG   sing N N 268 
PRO CB  HB2  sing N N 269 
PRO CB  HB3  sing N N 270 
PRO CG  CD   sing N N 271 
PRO CG  HG2  sing N N 272 
PRO CG  HG3  sing N N 273 
PRO CD  HD2  sing N N 274 
PRO CD  HD3  sing N N 275 
PRO OXT HXT  sing N N 276 
SER N   CA   sing N N 277 
SER N   H    sing N N 278 
SER N   H2   sing N N 279 
SER CA  C    sing N N 280 
SER CA  CB   sing N N 281 
SER CA  HA   sing N N 282 
SER C   O    doub N N 283 
SER C   OXT  sing N N 284 
SER CB  OG   sing N N 285 
SER CB  HB2  sing N N 286 
SER CB  HB3  sing N N 287 
SER OG  HG   sing N N 288 
SER OXT HXT  sing N N 289 
TRP N   CA   sing N N 290 
TRP N   H    sing N N 291 
TRP N   H2   sing N N 292 
TRP CA  C    sing N N 293 
TRP CA  CB   sing N N 294 
TRP CA  HA   sing N N 295 
TRP C   O    doub N N 296 
TRP C   OXT  sing N N 297 
TRP CB  CG   sing N N 298 
TRP CB  HB2  sing N N 299 
TRP CB  HB3  sing N N 300 
TRP CG  CD1  doub Y N 301 
TRP CG  CD2  sing Y N 302 
TRP CD1 NE1  sing Y N 303 
TRP CD1 HD1  sing N N 304 
TRP CD2 CE2  doub Y N 305 
TRP CD2 CE3  sing Y N 306 
TRP NE1 CE2  sing Y N 307 
TRP NE1 HE1  sing N N 308 
TRP CE2 CZ2  sing Y N 309 
TRP CE3 CZ3  doub Y N 310 
TRP CE3 HE3  sing N N 311 
TRP CZ2 CH2  doub Y N 312 
TRP CZ2 HZ2  sing N N 313 
TRP CZ3 CH2  sing Y N 314 
TRP CZ3 HZ3  sing N N 315 
TRP CH2 HH2  sing N N 316 
TRP OXT HXT  sing N N 317 
TYR N   CA   sing N N 318 
TYR N   H    sing N N 319 
TYR N   H2   sing N N 320 
TYR CA  C    sing N N 321 
TYR CA  CB   sing N N 322 
TYR CA  HA   sing N N 323 
TYR C   O    doub N N 324 
TYR C   OXT  sing N N 325 
TYR CB  CG   sing N N 326 
TYR CB  HB2  sing N N 327 
TYR CB  HB3  sing N N 328 
TYR CG  CD1  doub Y N 329 
TYR CG  CD2  sing Y N 330 
TYR CD1 CE1  sing Y N 331 
TYR CD1 HD1  sing N N 332 
TYR CD2 CE2  doub Y N 333 
TYR CD2 HD2  sing N N 334 
TYR CE1 CZ   doub Y N 335 
TYR CE1 HE1  sing N N 336 
TYR CE2 CZ   sing Y N 337 
TYR CE2 HE2  sing N N 338 
TYR CZ  OH   sing N N 339 
TYR OH  HH   sing N N 340 
TYR OXT HXT  sing N N 341 
VAL N   CA   sing N N 342 
VAL N   H    sing N N 343 
VAL N   H2   sing N N 344 
VAL CA  C    sing N N 345 
VAL CA  CB   sing N N 346 
VAL CA  HA   sing N N 347 
VAL C   O    doub N N 348 
VAL C   OXT  sing N N 349 
VAL CB  CG1  sing N N 350 
VAL CB  CG2  sing N N 351 
VAL CB  HB   sing N N 352 
VAL CG1 HG11 sing N N 353 
VAL CG1 HG12 sing N N 354 
VAL CG1 HG13 sing N N 355 
VAL CG2 HG21 sing N N 356 
VAL CG2 HG22 sing N N 357 
VAL CG2 HG23 sing N N 358 
VAL OXT HXT  sing N N 359 
# 
_atom_sites.entry_id                    3ZVZ 
_atom_sites.fract_transf_matrix[1][1]   -0.01833445 
_atom_sites.fract_transf_matrix[1][2]   0.01323914 
_atom_sites.fract_transf_matrix[1][3]   0.00104320 
_atom_sites.fract_transf_matrix[2][1]   -0.01588970 
_atom_sites.fract_transf_matrix[2][2]   -0.00138359 
_atom_sites.fract_transf_matrix[2][3]   -0.01606635 
_atom_sites.fract_transf_matrix[3][1]   -0.00569157 
_atom_sites.fract_transf_matrix[3][2]   -0.00838250 
_atom_sites.fract_transf_matrix[3][3]   0.00635087 
_atom_sites.fract_transf_vector[1]      0.264046 
_atom_sites.fract_transf_vector[2]      0.384964 
_atom_sites.fract_transf_vector[3]      0.004179 
# 
loop_
_atom_type.symbol 
C  
N  
O  
S  
ZN 
# 
loop_
_atom_site.group_PDB 
_atom_site.id 
_atom_site.type_symbol 
_atom_site.label_atom_id 
_atom_site.label_alt_id 
_atom_site.label_comp_id 
_atom_site.label_asym_id 
_atom_site.label_entity_id 
_atom_site.label_seq_id 
_atom_site.pdbx_PDB_ins_code 
_atom_site.Cartn_x 
_atom_site.Cartn_y 
_atom_site.Cartn_z 
_atom_site.occupancy 
_atom_site.B_iso_or_equiv 
_atom_site.pdbx_formal_charge 
_atom_site.auth_seq_id 
_atom_site.auth_comp_id 
_atom_site.auth_asym_id 
_atom_site.auth_atom_id 
_atom_site.pdbx_PDB_model_num 
ATOM   1   N  N   . GLY A 1 1  ? -19.994 -9.579  -3.259  1.00 29.24 ? 311  GLY B N   1 
ATOM   2   C  CA  . GLY A 1 1  ? -18.662 -9.788  -2.751  1.00 33.96 ? 311  GLY B CA  1 
ATOM   3   C  C   . GLY A 1 1  ? -18.520 -9.157  -1.386  1.00 29.07 ? 311  GLY B C   1 
ATOM   4   O  O   . GLY A 1 1  ? -19.355 -8.362  -0.959  1.00 26.54 ? 311  GLY B O   1 
ATOM   5   N  N   . HIS A 1 2  ? -17.432 -9.506  -0.713  1.00 33.57 ? 312  HIS B N   1 
ATOM   6   C  CA  . HIS A 1 2  ? -17.147 -8.960  0.603   1.00 37.18 ? 312  HIS B CA  1 
ATOM   7   C  C   . HIS A 1 2  ? -16.081 -7.900  0.563   1.00 37.63 ? 312  HIS B C   1 
ATOM   8   O  O   . HIS A 1 2  ? -15.204 -7.905  -0.298  1.00 41.39 ? 312  HIS B O   1 
ATOM   9   C  CB  . HIS A 1 2  ? -16.760 -10.065 1.568   1.00 46.87 ? 312  HIS B CB  1 
ATOM   10  C  CG  . HIS A 1 2  ? -17.904 -10.954 1.920   1.00 50.98 ? 312  HIS B CG  1 
ATOM   11  N  ND1 . HIS A 1 2  ? -18.842 -10.612 2.871   1.00 55.08 ? 312  HIS B ND1 1 
ATOM   12  C  CD2 . HIS A 1 2  ? -18.296 -12.149 1.415   1.00 56.50 ? 312  HIS B CD2 1 
ATOM   13  C  CE1 . HIS A 1 2  ? -19.747 -11.571 2.954   1.00 55.45 ? 312  HIS B CE1 1 
ATOM   14  N  NE2 . HIS A 1 2  ? -19.437 -12.515 2.085   1.00 57.25 ? 312  HIS B NE2 1 
ATOM   15  N  N   A MET A 1 3  ? -16.180 -6.972  1.504   0.56 36.25 ? 313  MET B N   1 
ATOM   16  N  N   B MET A 1 3  ? -16.164 -6.979  1.509   0.44 36.27 ? 313  MET B N   1 
ATOM   17  C  CA  A MET A 1 3  ? -15.222 -5.897  1.650   0.56 38.14 ? 313  MET B CA  1 
ATOM   18  C  CA  B MET A 1 3  ? -15.206 -5.900  1.603   0.44 38.12 ? 313  MET B CA  1 
ATOM   19  C  C   A MET A 1 3  ? -14.034 -6.397  2.455   0.56 34.48 ? 313  MET B C   1 
ATOM   20  C  C   B MET A 1 3  ? -14.038 -6.332  2.471   0.44 34.55 ? 313  MET B C   1 
ATOM   21  O  O   A MET A 1 3  ? -14.211 -6.995  3.514   0.56 39.05 ? 313  MET B O   1 
ATOM   22  O  O   B MET A 1 3  ? -14.231 -6.825  3.580   0.44 39.06 ? 313  MET B O   1 
ATOM   23  C  CB  A MET A 1 3  ? -15.881 -4.743  2.403   0.56 40.92 ? 313  MET B CB  1 
ATOM   24  C  CB  B MET A 1 3  ? -15.882 -4.677  2.208   0.44 40.90 ? 313  MET B CB  1 
ATOM   25  C  CG  A MET A 1 3  ? -14.984 -3.543  2.617   0.56 44.88 ? 313  MET B CG  1 
ATOM   26  C  CG  B MET A 1 3  ? -17.081 -4.209  1.413   0.44 45.03 ? 313  MET B CG  1 
ATOM   27  S  SD  A MET A 1 3  ? -14.881 -2.576  1.112   0.56 54.51 ? 313  MET B SD  1 
ATOM   28  S  SD  B MET A 1 3  ? -16.563 -3.567  -0.178  0.44 54.55 ? 313  MET B SD  1 
ATOM   29  C  CE  A MET A 1 3  ? -13.115 -2.553  0.832   0.56 55.77 ? 313  MET B CE  1 
ATOM   30  C  CE  B MET A 1 3  ? -15.149 -2.602  0.347   0.44 55.81 ? 313  MET B CE  1 
ATOM   31  N  N   . ARG A 1 4  ? -12.826 -6.153  1.962   1.00 36.85 ? 314  ARG B N   1 
ATOM   32  C  CA  . ARG A 1 4  ? -11.647 -6.397  2.764   1.00 39.39 ? 314  ARG B CA  1 
ATOM   33  C  C   . ARG A 1 4  ? -11.424 -5.168  3.621   1.00 40.62 ? 314  ARG B C   1 
ATOM   34  O  O   . ARG A 1 4  ? -11.752 -4.052  3.212   1.00 39.62 ? 314  ARG B O   1 
ATOM   35  C  CB  . ARG A 1 4  ? -10.422 -6.629  1.892   1.00 43.14 ? 314  ARG B CB  1 
ATOM   36  C  CG  . ARG A 1 4  ? -10.417 -7.954  1.179   1.00 44.64 ? 314  ARG B CG  1 
ATOM   37  C  CD  . ARG A 1 4  ? -9.071  -8.152  0.517   1.00 46.44 ? 314  ARG B CD  1 
ATOM   38  N  NE  . ARG A 1 4  ? -7.976  -8.130  1.486   1.00 46.91 ? 314  ARG B NE  1 
ATOM   39  C  CZ  . ARG A 1 4  ? -6.695  -7.933  1.165   1.00 45.66 ? 314  ARG B CZ  1 
ATOM   40  N  NH1 . ARG A 1 4  ? -6.355  -7.718  -0.095  1.00 50.70 ? 314  ARG B NH1 1 
ATOM   41  N  NH2 . ARG A 1 4  ? -5.758  -7.933  2.103   1.00 52.14 ? 314  ARG B NH2 1 
ATOM   42  N  N   . VAL A 1 5  ? -10.873 -5.379  4.808   1.00 39.38 ? 315  VAL B N   1 
ATOM   43  C  CA  . VAL A 1 5  ? -10.595 -4.306  5.751   1.00 41.65 ? 315  VAL B CA  1 
ATOM   44  C  C   . VAL A 1 5  ? -9.456  -3.417  5.270   1.00 38.56 ? 315  VAL B C   1 
ATOM   45  O  O   . VAL A 1 5  ? -9.518  -2.183  5.379   1.00 34.02 ? 315  VAL B O   1 
ATOM   46  C  CB  . VAL A 1 5  ? -10.247 -4.888  7.126   1.00 38.92 ? 315  VAL B CB  1 
ATOM   47  C  CG1 . VAL A 1 5  ? -9.855  -3.786  8.096   1.00 39.52 ? 315  VAL B CG1 1 
ATOM   48  C  CG2 . VAL A 1 5  ? -11.421 -5.676  7.651   1.00 39.77 ? 315  VAL B CG2 1 
ATOM   49  N  N   . CYS A 1 6  ? -8.393  -4.042  4.786   1.00 36.64 ? 316  CYS B N   1 
ATOM   50  C  CA  . CYS A 1 6  ? -7.249  -3.321  4.242   1.00 41.31 ? 316  CYS B CA  1 
ATOM   51  C  C   . CYS A 1 6  ? -6.693  -2.289  5.205   1.00 44.44 ? 316  CYS B C   1 
ATOM   52  O  O   . CYS A 1 6  ? -6.482  -1.121  4.831   1.00 39.95 ? 316  CYS B O   1 
ATOM   53  C  CB  . CYS A 1 6  ? -7.631  -2.615  2.944   1.00 49.95 ? 316  CYS B CB  1 
ATOM   54  S  SG  . CYS A 1 6  ? -8.013  -3.710  1.560   1.00 50.07 ? 316  CYS B SG  1 
ATOM   55  N  N   . ALA A 1 7  ? -6.438  -2.692  6.443   1.00 26.29 ? 317  ALA B N   1 
ATOM   56  C  CA  . ALA A 1 7  ? -5.740  -1.771  7.321   1.00 23.51 ? 317  ALA B CA  1 
ATOM   57  C  C   . ALA A 1 7  ? -4.253  -1.816  6.979   1.00 22.88 ? 317  ALA B C   1 
ATOM   58  O  O   . ALA A 1 7  ? -3.710  -2.852  6.562   1.00 23.89 ? 317  ALA B O   1 
ATOM   59  C  CB  . ALA A 1 7  ? -5.951  -2.143  8.754   1.00 24.60 ? 317  ALA B CB  1 
ATOM   60  N  N   . CYS A 1 8  ? -3.586  -0.690  7.183   1.00 20.07 ? 318  CYS B N   1 
ATOM   61  C  CA  . CYS A 1 8  ? -2.159  -0.601  6.919   1.00 20.31 ? 318  CYS B CA  1 
ATOM   62  C  C   . CYS A 1 8  ? -1.424  -1.623  7.778   1.00 21.32 ? 318  CYS B C   1 
ATOM   63  O  O   . CYS A 1 8  ? -1.630  -1.694  9.003   1.00 23.17 ? 318  CYS B O   1 
ATOM   64  C  CB  . CYS A 1 8  ? -1.658  0.812   7.222   1.00 21.46 ? 318  CYS B CB  1 
ATOM   65  S  SG  . CYS A 1 8  ? 0.127   1.002   7.119   1.00 22.68 ? 318  CYS B SG  1 
ATOM   66  N  N   . HIS A 1 9  ? -0.569  -2.409  7.140   1.00 23.68 ? 319  HIS B N   1 
ATOM   67  C  CA  . HIS A 1 9  ? 0.175   -3.454  7.825   1.00 25.27 ? 319  HIS B CA  1 
ATOM   68  C  C   . HIS A 1 9  ? 1.049   -2.889  8.947   1.00 26.31 ? 319  HIS B C   1 
ATOM   69  O  O   . HIS A 1 9  ? 1.322   -3.563  9.957   1.00 25.78 ? 319  HIS B O   1 
ATOM   70  C  CB  . HIS A 1 9  ? 1.058   -4.172  6.791   1.00 28.28 ? 319  HIS B CB  1 
ATOM   71  C  CG  . HIS A 1 9  ? 1.845   -5.315  7.347   1.00 34.65 ? 319  HIS B CG  1 
ATOM   72  N  ND1 . HIS A 1 9  ? 1.254   -6.438  7.884   1.00 39.89 ? 319  HIS B ND1 1 
ATOM   73  C  CD2 . HIS A 1 9  ? 3.180   -5.508  7.451   1.00 37.47 ? 319  HIS B CD2 1 
ATOM   74  C  CE1 . HIS A 1 9  ? 2.190   -7.273  8.297   1.00 40.43 ? 319  HIS B CE1 1 
ATOM   75  N  NE2 . HIS A 1 9  ? 3.369   -6.734  8.043   1.00 43.33 ? 319  HIS B NE2 1 
ATOM   76  N  N   . LEU A 1 10 ? 1.489   -1.649  8.763   1.00 27.35 ? 320  LEU B N   1 
ATOM   77  C  CA  . LEU A 1 10 ? 2.448   -1.025  9.674   1.00 29.24 ? 320  LEU B CA  1 
ATOM   78  C  C   . LEU A 1 10 ? 1.782   -0.296  10.849  1.00 28.76 ? 320  LEU B C   1 
ATOM   79  O  O   . LEU A 1 10 ? 2.220   -0.445  11.987  1.00 32.39 ? 320  LEU B O   1 
ATOM   80  C  CB  . LEU A 1 10 ? 3.395   -0.102  8.896   1.00 30.27 ? 320  LEU B CB  1 
ATOM   81  C  CG  . LEU A 1 10 ? 4.194   -0.888  7.850   1.00 33.72 ? 320  LEU B CG  1 
ATOM   82  C  CD1 . LEU A 1 10 ? 5.056   0.013   6.971   1.00 35.15 ? 320  LEU B CD1 1 
ATOM   83  C  CD2 . LEU A 1 10 ? 5.087   -1.931  8.535   1.00 37.06 ? 320  LEU B CD2 1 
ATOM   84  N  N   . CYS A 1 11 ? 0.730   0.474   10.582  1.00 25.94 ? 321  CYS B N   1 
ATOM   85  C  CA  . CYS A 1 11 ? 0.138   1.306   11.630  1.00 24.85 ? 321  CYS B CA  1 
ATOM   86  C  C   . CYS A 1 11 ? -1.231  0.832   12.102  1.00 25.66 ? 321  CYS B C   1 
ATOM   87  O  O   . CYS A 1 11 ? -1.718  1.269   13.152  1.00 27.60 ? 321  CYS B O   1 
ATOM   88  C  CB  . CYS A 1 11 ? 0.042   2.769   11.204  1.00 24.45 ? 321  CYS B CB  1 
ATOM   89  S  SG  . CYS A 1 11 ? -1.225  3.126   9.994   1.00 24.36 ? 321  CYS B SG  1 
ATOM   90  N  N   . GLY A 1 12 ? -1.843  -0.063  11.332  1.00 24.00 ? 322  GLY B N   1 
ATOM   91  C  CA  . GLY A 1 12 ? -3.152  -0.584  11.663  1.00 22.66 ? 322  GLY B CA  1 
ATOM   92  C  C   . GLY A 1 12 ? -4.317  0.333   11.318  1.00 22.98 ? 322  GLY B C   1 
ATOM   93  O  O   . GLY A 1 12 ? -5.466  0.016   11.614  1.00 24.02 ? 322  GLY B O   1 
ATOM   94  N  N   . GLY A 1 13 ? -4.040  1.470   10.691  1.00 21.75 ? 323  GLY B N   1 
ATOM   95  C  CA  . GLY A 1 13 ? -5.094  2.395   10.314  1.00 21.50 ? 323  GLY B CA  1 
ATOM   96  C  C   . GLY A 1 13 ? -5.655  2.213   8.910   1.00 20.96 ? 323  GLY B C   1 
ATOM   97  O  O   . GLY A 1 13 ? -4.989  1.666   8.038   1.00 21.11 ? 323  GLY B O   1 
ATOM   98  N  N   . ARG A 1 14 ? -6.871  2.714   8.697   1.00 24.25 ? 324  ARG B N   1 
ATOM   99  C  CA  . ARG A 1 14 ? -7.536  2.660   7.391   1.00 25.94 ? 324  ARG B CA  1 
ATOM   100 C  C   . ARG A 1 14 ? -7.676  4.013   6.739   1.00 26.49 ? 324  ARG B C   1 
ATOM   101 O  O   . ARG A 1 14 ? -8.289  4.114   5.674   1.00 26.68 ? 324  ARG B O   1 
ATOM   102 C  CB  . ARG A 1 14 ? -8.946  2.071   7.506   1.00 28.64 ? 324  ARG B CB  1 
ATOM   103 C  CG  . ARG A 1 14 ? -8.973  0.594   7.677   1.00 29.28 ? 324  ARG B CG  1 
ATOM   104 C  CD  . ARG A 1 14 ? -10.406 0.067   7.744   1.00 23.92 ? 324  ARG B CD  1 
ATOM   105 N  NE  . ARG A 1 14 ? -11.040 -0.028  6.421   1.00 23.81 ? 324  ARG B NE  1 
ATOM   106 C  CZ  . ARG A 1 14 ? -12.122 0.664   6.048   1.00 29.68 ? 324  ARG B CZ  1 
ATOM   107 N  NH1 . ARG A 1 14 ? -12.691 1.519   6.880   1.00 28.12 ? 324  ARG B NH1 1 
ATOM   108 N  NH2 . ARG A 1 14 ? -12.643 0.503   4.842   1.00 29.66 ? 324  ARG B NH2 1 
ATOM   109 N  N   . GLN A 1 15 ? -7.112  5.041   7.364   1.00 25.79 ? 325  GLN B N   1 
ATOM   110 C  CA  . GLN A 1 15 ? -7.259  6.401   6.875   1.00 28.91 ? 325  GLN B CA  1 
ATOM   111 C  C   . GLN A 1 15 ? -6.542  6.592   5.538   1.00 28.90 ? 325  GLN B C   1 
ATOM   112 O  O   . GLN A 1 15 ? -5.678  5.800   5.179   1.00 24.95 ? 325  GLN B O   1 
ATOM   113 C  CB  . GLN A 1 15 ? -6.723  7.404   7.900   1.00 33.09 ? 325  GLN B CB  1 
ATOM   114 C  CG  . GLN A 1 15 ? -5.198  7.514   7.957   1.00 33.02 ? 325  GLN B CG  1 
ATOM   115 C  CD  . GLN A 1 15 ? -4.532  6.457   8.821   1.00 32.86 ? 325  GLN B CD  1 
ATOM   116 O  OE1 . GLN A 1 15 ? -5.154  5.488   9.230   1.00 32.71 ? 325  GLN B OE1 1 
ATOM   117 N  NE2 . GLN A 1 15 ? -3.254  6.652   9.104   1.00 36.66 ? 325  GLN B NE2 1 
ATOM   118 N  N   . ASP A 1 16 ? -6.896  7.646   4.809   1.00 31.53 ? 326  ASP B N   1 
ATOM   119 C  CA  . ASP A 1 16 ? -6.214  7.989   3.555   1.00 30.18 ? 326  ASP B CA  1 
ATOM   120 C  C   . ASP A 1 16 ? -6.067  6.816   2.583   1.00 30.95 ? 326  ASP B C   1 
ATOM   121 O  O   . ASP A 1 16 ? -4.952  6.491   2.168   1.00 26.55 ? 326  ASP B O   1 
ATOM   122 C  CB  . ASP A 1 16 ? -4.818  8.558   3.826   1.00 35.12 ? 326  ASP B CB  1 
ATOM   123 C  CG  . ASP A 1 16 ? -4.846  9.824   4.670   1.00 40.09 ? 326  ASP B CG  1 
ATOM   124 O  OD1 . ASP A 1 16 ? -5.773  10.656  4.515   1.00 42.93 ? 326  ASP B OD1 1 
ATOM   125 O  OD2 . ASP A 1 16 ? -3.927  9.996   5.501   1.00 37.62 ? 326  ASP B OD2 1 
ATOM   126 N  N   . PRO A 1 17 ? -7.191  6.205   2.186   1.00 31.06 ? 327  PRO B N   1 
ATOM   127 C  CA  . PRO A 1 17 ? -7.096  5.115   1.210   1.00 26.63 ? 327  PRO B CA  1 
ATOM   128 C  C   . PRO A 1 17 ? -6.409  5.561   -0.085  1.00 29.41 ? 327  PRO B C   1 
ATOM   129 O  O   . PRO A 1 17 ? -5.800  4.724   -0.762  1.00 27.98 ? 327  PRO B O   1 
ATOM   130 C  CB  . PRO A 1 17 ? -8.572  4.752   0.955   1.00 27.67 ? 327  PRO B CB  1 
ATOM   131 C  CG  . PRO A 1 17 ? -9.346  5.970   1.361   1.00 27.84 ? 327  PRO B CG  1 
ATOM   132 C  CD  . PRO A 1 17 ? -8.593  6.521   2.532   1.00 28.19 ? 327  PRO B CD  1 
ATOM   133 N  N   . ASP A 1 18 ? -6.503  6.847   -0.421  1.00 27.92 ? 328  ASP B N   1 
ATOM   134 C  CA  . ASP A 1 18 ? -5.833  7.364   -1.616  1.00 32.21 ? 328  ASP B CA  1 
ATOM   135 C  C   . ASP A 1 18 ? -4.306  7.335   -1.513  1.00 29.70 ? 328  ASP B C   1 
ATOM   136 O  O   . ASP A 1 18 ? -3.597  7.499   -2.511  1.00 33.63 ? 328  ASP B O   1 
ATOM   137 C  CB  . ASP A 1 18 ? -6.299  8.793   -1.933  1.00 37.72 ? 328  ASP B CB  1 
ATOM   138 C  CG  . ASP A 1 18 ? -6.007  9.781   -0.807  1.00 37.36 ? 328  ASP B CG  1 
ATOM   139 O  OD1 . ASP A 1 18 ? -6.126  9.402   0.374   1.00 40.43 ? 328  ASP B OD1 1 
ATOM   140 O  OD2 . ASP A 1 18 ? -5.686  10.952  -1.105  1.00 45.24 ? 328  ASP B OD2 1 
ATOM   141 N  N   . LYS A 1 19 ? -3.809  7.113   -0.299  1.00 25.71 ? 329  LYS B N   1 
ATOM   142 C  CA  A LYS A 1 19 ? -2.371  7.062   -0.058  0.67 25.33 ? 329  LYS B CA  1 
ATOM   143 C  CA  B LYS A 1 19 ? -2.371  7.062   -0.058  0.33 25.82 ? 329  LYS B CA  1 
ATOM   144 C  C   . LYS A 1 19 ? -1.921  5.670   0.354   1.00 24.50 ? 329  LYS B C   1 
ATOM   145 O  O   . LYS A 1 19 ? -0.829  5.493   0.894   1.00 24.78 ? 329  LYS B O   1 
ATOM   146 C  CB  A LYS A 1 19 ? -1.959  8.093   0.991   0.67 29.19 ? 329  LYS B CB  1 
ATOM   147 C  CB  B LYS A 1 19 ? -1.955  8.091   0.994   0.33 30.57 ? 329  LYS B CB  1 
ATOM   148 C  CG  A LYS A 1 19 ? -2.187  9.518   0.525   0.67 33.69 ? 329  LYS B CG  1 
ATOM   149 C  CG  B LYS A 1 19 ? -1.929  9.515   0.470   0.33 35.82 ? 329  LYS B CG  1 
ATOM   150 C  CD  A LYS A 1 19 ? -1.923  10.540  1.616   0.67 38.86 ? 329  LYS B CD  1 
ATOM   151 C  CD  B LYS A 1 19 ? -1.457  10.495  1.527   0.33 42.18 ? 329  LYS B CD  1 
ATOM   152 C  CE  A LYS A 1 19 ? -2.117  11.949  1.075   0.67 47.20 ? 329  LYS B CE  1 
ATOM   153 C  CE  B LYS A 1 19 ? -1.274  11.880  0.931   0.33 46.23 ? 329  LYS B CE  1 
ATOM   154 N  NZ  A LYS A 1 19 ? -1.862  13.016  2.089   0.67 49.51 ? 329  LYS B NZ  1 
ATOM   155 N  NZ  B LYS A 1 19 ? -2.503  12.341  0.230   0.33 50.35 ? 329  LYS B NZ  1 
ATOM   156 N  N   . GLN A 1 20 ? -2.755  4.676   0.086   1.00 22.70 ? 330  GLN B N   1 
ATOM   157 C  CA  A GLN A 1 20 ? -2.384  3.295   0.388   0.54 21.89 ? 330  GLN B CA  1 
ATOM   158 C  CA  B GLN A 1 20 ? -2.379  3.297   0.387   0.46 22.37 ? 330  GLN B CA  1 
ATOM   159 C  C   . GLN A 1 20 ? -2.028  2.525   -0.874  1.00 21.65 ? 330  GLN B C   1 
ATOM   160 O  O   . GLN A 1 20 ? -2.647  2.710   -1.941  1.00 26.25 ? 330  GLN B O   1 
ATOM   161 C  CB  A GLN A 1 20 ? -3.505  2.573   1.132   0.54 21.01 ? 330  GLN B CB  1 
ATOM   162 C  CB  B GLN A 1 20 ? -3.485  2.573   1.146   0.46 22.25 ? 330  GLN B CB  1 
ATOM   163 C  CG  A GLN A 1 20 ? -3.906  3.257   2.425   0.54 22.98 ? 330  GLN B CG  1 
ATOM   164 C  CG  B GLN A 1 20 ? -3.696  3.106   2.539   0.46 22.05 ? 330  GLN B CG  1 
ATOM   165 C  CD  A GLN A 1 20 ? -5.044  2.529   3.112   0.54 26.80 ? 330  GLN B CD  1 
ATOM   166 C  CD  B GLN A 1 20 ? -4.685  2.278   3.333   0.46 24.16 ? 330  GLN B CD  1 
ATOM   167 O  OE1 A GLN A 1 20 ? -5.228  1.324   2.919   0.54 27.48 ? 330  GLN B OE1 1 
ATOM   168 O  OE1 B GLN A 1 20 ? -5.896  2.354   3.120   0.46 28.31 ? 330  GLN B OE1 1 
ATOM   169 N  NE2 A GLN A 1 20 ? -5.837  3.256   3.895   0.54 25.70 ? 330  GLN B NE2 1 
ATOM   170 N  NE2 B GLN A 1 20 ? -4.176  1.485   4.259   0.46 27.23 ? 330  GLN B NE2 1 
ATOM   171 N  N   . LEU A 1 21 ? -1.035  1.661   -0.749  1.00 21.54 ? 331  LEU B N   1 
ATOM   172 C  CA  . LEU A 1 21 ? -0.659  0.745   -1.817  1.00 21.93 ? 331  LEU B CA  1 
ATOM   173 C  C   . LEU A 1 21 ? -0.946  -0.663  -1.325  1.00 20.83 ? 331  LEU B C   1 
ATOM   174 O  O   . LEU A 1 21 ? -0.818  -0.957  -0.128  1.00 22.63 ? 331  LEU B O   1 
ATOM   175 C  CB  . LEU A 1 21 ? 0.837   0.882   -2.181  1.00 22.69 ? 331  LEU B CB  1 
ATOM   176 C  CG  . LEU A 1 21 ? 1.258   2.214   -2.784  1.00 26.55 ? 331  LEU B CG  1 
ATOM   177 C  CD1 . LEU A 1 21 ? 2.779   2.309   -2.864  1.00 26.35 ? 331  LEU B CD1 1 
ATOM   178 C  CD2 . LEU A 1 21 ? 0.633   2.384   -4.171  1.00 31.02 ? 331  LEU B CD2 1 
ATOM   179 N  N   . MET A 1 22 ? -1.354  -1.536  -2.238  1.00 20.64 ? 332  MET B N   1 
ATOM   180 C  CA  A MET A 1 22 ? -1.522  -2.952  -1.954  0.42 19.91 ? 332  MET B CA  1 
ATOM   181 C  CA  B MET A 1 22 ? -1.484  -2.933  -1.888  0.58 20.52 ? 332  MET B CA  1 
ATOM   182 C  C   . MET A 1 22 ? -0.351  -3.714  -2.548  1.00 19.55 ? 332  MET B C   1 
ATOM   183 O  O   . MET A 1 22 ? -0.039  -3.523  -3.737  1.00 21.62 ? 332  MET B O   1 
ATOM   184 C  CB  A MET A 1 22 ? -2.790  -3.479  -2.630  0.42 21.26 ? 332  MET B CB  1 
ATOM   185 C  CB  B MET A 1 22 ? -2.860  -3.507  -2.276  0.58 25.13 ? 332  MET B CB  1 
ATOM   186 C  CG  A MET A 1 22 ? -4.032  -2.703  -2.322  0.42 22.87 ? 332  MET B CG  1 
ATOM   187 C  CG  B MET A 1 22 ? -3.062  -4.957  -1.827  0.58 27.77 ? 332  MET B CG  1 
ATOM   188 S  SD  A MET A 1 22 ? -4.438  -2.856  -0.579  0.42 28.44 ? 332  MET B SD  1 
ATOM   189 S  SD  B MET A 1 22 ? -4.696  -5.647  -2.116  0.58 36.03 ? 332  MET B SD  1 
ATOM   190 C  CE  A MET A 1 22 ? -4.680  -4.620  -0.428  0.42 28.85 ? 332  MET B CE  1 
ATOM   191 C  CE  B MET A 1 22 ? -5.676  -4.354  -1.361  0.58 33.99 ? 332  MET B CE  1 
ATOM   192 N  N   . CYS A 1 23 ? 0.266   -4.593  -1.772  1.00 20.97 ? 333  CYS B N   1 
ATOM   193 C  CA  . CYS A 1 23 ? 1.341   -5.428  -2.313  1.00 23.24 ? 333  CYS B CA  1 
ATOM   194 C  C   . CYS A 1 23 ? 0.763   -6.500  -3.227  1.00 20.42 ? 333  CYS B C   1 
ATOM   195 O  O   . CYS A 1 23 ? -0.170  -7.211  -2.840  1.00 22.46 ? 333  CYS B O   1 
ATOM   196 C  CB  . CYS A 1 23 ? 2.121   -6.094  -1.188  1.00 25.91 ? 333  CYS B CB  1 
ATOM   197 S  SG  . CYS A 1 23 ? 3.468   -7.112  -1.784  1.00 24.97 ? 333  CYS B SG  1 
ATOM   198 N  N   . ASP A 1 24 ? 1.321   -6.608  -4.430  1.00 21.06 ? 334  ASP B N   1 
ATOM   199 C  CA  . ASP A 1 24 ? 0.761   -7.531  -5.389  1.00 23.51 ? 334  ASP B CA  1 
ATOM   200 C  C   . ASP A 1 24 ? 1.133   -8.988  -5.119  1.00 25.28 ? 334  ASP B C   1 
ATOM   201 O  O   . ASP A 1 24 ? 0.567   -9.901  -5.734  1.00 29.45 ? 334  ASP B O   1 
ATOM   202 C  CB  . ASP A 1 24 ? 1.153   -7.108  -6.791  1.00 26.32 ? 334  ASP B CB  1 
ATOM   203 C  CG  . ASP A 1 24 ? 0.335   -5.935  -7.260  1.00 33.35 ? 334  ASP B CG  1 
ATOM   204 O  OD1 . ASP A 1 24 ? -0.857  -6.150  -7.496  1.00 40.84 ? 334  ASP B OD1 1 
ATOM   205 O  OD2 . ASP A 1 24 ? 0.856   -4.814  -7.378  1.00 31.89 ? 334  ASP B OD2 1 
ATOM   206 N  N   . GLU A 1 25 ? 2.048   -9.204  -4.175  1.00 25.65 ? 335  GLU B N   1 
ATOM   207 C  CA  . GLU A 1 25 ? 2.379   -10.547 -3.727  1.00 27.41 ? 335  GLU B CA  1 
ATOM   208 C  C   . GLU A 1 25 ? 1.625   -10.965 -2.460  1.00 27.43 ? 335  GLU B C   1 
ATOM   209 O  O   . GLU A 1 25 ? 0.915   -11.974 -2.469  1.00 32.76 ? 335  GLU B O   1 
ATOM   210 C  CB  . GLU A 1 25 ? 3.894   -10.725 -3.544  1.00 31.07 ? 335  GLU B CB  1 
ATOM   211 C  CG  . GLU A 1 25 ? 4.284   -12.028 -2.845  1.00 34.97 ? 335  GLU B CG  1 
ATOM   212 C  CD  . GLU A 1 25 ? 3.856   -13.275 -3.609  1.00 43.47 ? 335  GLU B CD  1 
ATOM   213 O  OE1 . GLU A 1 25 ? 3.668   -13.194 -4.843  1.00 42.51 ? 335  GLU B OE1 1 
ATOM   214 O  OE2 . GLU A 1 25 ? 3.702   -14.340 -2.972  1.00 49.86 ? 335  GLU B OE2 1 
ATOM   215 N  N   . CYS A 1 26 ? 1.775   -10.207 -1.376  1.00 26.26 ? 336  CYS B N   1 
ATOM   216 C  CA  . CYS A 1 26 ? 1.189   -10.627 -0.094  1.00 29.36 ? 336  CYS B CA  1 
ATOM   217 C  C   . CYS A 1 26 ? -0.197  -10.053 0.201   1.00 27.59 ? 336  CYS B C   1 
ATOM   218 O  O   . CYS A 1 26 ? -0.832  -10.453 1.164   1.00 31.49 ? 336  CYS B O   1 
ATOM   219 C  CB  . CYS A 1 26 ? 2.131   -10.320 1.074   1.00 33.83 ? 336  CYS B CB  1 
ATOM   220 S  SG  . CYS A 1 26 ? 2.302   -8.559  1.416   1.00 31.80 ? 336  CYS B SG  1 
ATOM   221 N  N   . ASP A 1 27 ? -0.647  -9.121  -0.634  1.00 27.03 ? 337  ASP B N   1 
ATOM   222 C  CA  . ASP A 1 27 ? -1.998  -8.568  -0.564  1.00 26.71 ? 337  ASP B CA  1 
ATOM   223 C  C   . ASP A 1 27 ? -2.227  -7.666  0.631   1.00 26.93 ? 337  ASP B C   1 
ATOM   224 O  O   . ASP A 1 27 ? -3.364  -7.338  0.956   1.00 29.91 ? 337  ASP B O   1 
ATOM   225 C  CB  . ASP A 1 27 ? -3.040  -9.687  -0.542  1.00 30.30 ? 337  ASP B CB  1 
ATOM   226 C  CG  . ASP A 1 27 ? -2.973  -10.559 -1.761  1.00 42.01 ? 337  ASP B CG  1 
ATOM   227 O  OD1 . ASP A 1 27 ? -2.630  -10.042 -2.854  1.00 51.83 ? 337  ASP B OD1 1 
ATOM   228 O  OD2 . ASP A 1 27 ? -3.259  -11.765 -1.617  1.00 53.67 ? 337  ASP B OD2 1 
ATOM   229 N  N   . MET A 1 28 ? -1.147  -7.274  1.293   1.00 25.00 ? 338  MET B N   1 
ATOM   230 C  CA  A MET A 1 28 ? -1.214  -6.374  2.443   0.47 30.30 ? 338  MET B CA  1 
ATOM   231 C  CA  B MET A 1 28 ? -1.282  -6.368  2.423   0.53 26.24 ? 338  MET B CA  1 
ATOM   232 C  C   . MET A 1 28 ? -1.211  -4.918  1.982   1.00 23.98 ? 338  MET B C   1 
ATOM   233 O  O   . MET A 1 28 ? -0.588  -4.592  0.954   1.00 23.54 ? 338  MET B O   1 
ATOM   234 C  CB  A MET A 1 28 ? -0.028  -6.617  3.386   0.47 32.58 ? 338  MET B CB  1 
ATOM   235 C  CB  B MET A 1 28 ? -0.249  -6.688  3.497   0.53 29.13 ? 338  MET B CB  1 
ATOM   236 C  CG  A MET A 1 28 ? 0.053   -8.034  3.954   0.47 39.38 ? 338  MET B CG  1 
ATOM   237 C  CG  B MET A 1 28 ? -0.360  -8.101  4.030   0.53 32.54 ? 338  MET B CG  1 
ATOM   238 S  SD  A MET A 1 28 ? 1.219   -8.228  5.319   0.47 45.30 ? 338  MET B SD  1 
ATOM   239 S  SD  B MET A 1 28 ? -1.849  -8.427  4.988   0.53 43.71 ? 338  MET B SD  1 
ATOM   240 C  CE  A MET A 1 28 ? 2.822   -8.139  4.531   0.47 37.60 ? 338  MET B CE  1 
ATOM   241 C  CE  B MET A 1 28 ? -3.208  -8.144  3.873   0.53 39.89 ? 338  MET B CE  1 
ATOM   242 N  N   . ALA A 1 29 ? -1.893  -4.060  2.741   1.00 25.41 ? 339  ALA B N   1 
ATOM   243 C  CA  . ALA A 1 29 ? -1.970  -2.621  2.468   1.00 22.01 ? 339  ALA B CA  1 
ATOM   244 C  C   . ALA A 1 29 ? -0.923  -1.877  3.260   1.00 20.07 ? 339  ALA B C   1 
ATOM   245 O  O   . ALA A 1 29 ? -0.603  -2.280  4.382   1.00 21.31 ? 339  ALA B O   1 
ATOM   246 C  CB  . ALA A 1 29 ? -3.375  -2.058  2.822   1.00 24.06 ? 339  ALA B CB  1 
ATOM   247 N  N   . PHE A 1 30 ? -0.439  -0.782  2.684   1.00 19.20 ? 340  PHE B N   1 
ATOM   248 C  CA  . PHE A 1 30 ? 0.550   0.093   3.326   1.00 18.92 ? 340  PHE B CA  1 
ATOM   249 C  C   . PHE A 1 30 ? 0.290   1.564   2.999   1.00 19.83 ? 340  PHE B C   1 
ATOM   250 O  O   . PHE A 1 30 ? 0.161   1.904   1.812   1.00 22.53 ? 340  PHE B O   1 
ATOM   251 C  CB  . PHE A 1 30 ? 1.958   -0.227  2.787   1.00 20.45 ? 340  PHE B CB  1 
ATOM   252 C  CG  . PHE A 1 30 ? 2.437   -1.621  3.092   1.00 21.54 ? 340  PHE B CG  1 
ATOM   253 C  CD1 . PHE A 1 30 ? 1.984   -2.710  2.348   1.00 24.03 ? 340  PHE B CD1 1 
ATOM   254 C  CD2 . PHE A 1 30 ? 3.354   -1.845  4.110   1.00 24.56 ? 340  PHE B CD2 1 
ATOM   255 C  CE1 . PHE A 1 30 ? 2.419   -3.995  2.628   1.00 24.64 ? 340  PHE B CE1 1 
ATOM   256 C  CE2 . PHE A 1 30 ? 3.819   -3.142  4.381   1.00 26.14 ? 340  PHE B CE2 1 
ATOM   257 C  CZ  . PHE A 1 30 ? 3.347   -4.210  3.658   1.00 27.00 ? 340  PHE B CZ  1 
ATOM   258 N  N   . HIS A 1 31 ? 0.266   2.444   4.009   1.00 20.09 ? 341  HIS B N   1 
ATOM   259 C  CA  . HIS A 1 31 ? 0.348   3.883   3.712   1.00 22.01 ? 341  HIS B CA  1 
ATOM   260 C  C   . HIS A 1 31 ? 1.712   4.202   3.148   1.00 24.46 ? 341  HIS B C   1 
ATOM   261 O  O   . HIS A 1 31 ? 2.721   3.718   3.653   1.00 24.62 ? 341  HIS B O   1 
ATOM   262 C  CB  . HIS A 1 31 ? 0.153   4.763   4.950   1.00 21.65 ? 341  HIS B CB  1 
ATOM   263 C  CG  . HIS A 1 31 ? -1.210  4.663   5.547   1.00 20.40 ? 341  HIS B CG  1 
ATOM   264 N  ND1 . HIS A 1 31 ? -1.457  4.039   6.752   1.00 23.13 ? 341  HIS B ND1 1 
ATOM   265 C  CD2 . HIS A 1 31 ? -2.411  5.084   5.092   1.00 20.46 ? 341  HIS B CD2 1 
ATOM   266 C  CE1 . HIS A 1 31 ? -2.753  4.090   7.014   1.00 23.53 ? 341  HIS B CE1 1 
ATOM   267 N  NE2 . HIS A 1 31 ? -3.351  4.723   6.020   1.00 22.61 ? 341  HIS B NE2 1 
ATOM   268 N  N   . ILE A 1 32 ? 1.757   5.036   2.117   1.00 25.72 ? 342  ILE B N   1 
ATOM   269 C  CA  . ILE A 1 32 ? 3.046   5.428   1.564   1.00 26.99 ? 342  ILE B CA  1 
ATOM   270 C  C   . ILE A 1 32 ? 3.907   6.099   2.634   1.00 30.85 ? 342  ILE B C   1 
ATOM   271 O  O   . ILE A 1 32 ? 5.133   5.991   2.611   1.00 31.79 ? 342  ILE B O   1 
ATOM   272 C  CB  . ILE A 1 32 ? 2.904   6.334   0.317   1.00 29.17 ? 342  ILE B CB  1 
ATOM   273 C  CG1 . ILE A 1 32 ? 2.003   7.539   0.606   1.00 31.12 ? 342  ILE B CG1 1 
ATOM   274 C  CG2 . ILE A 1 32 ? 2.360   5.511   -0.855  1.00 30.06 ? 342  ILE B CG2 1 
ATOM   275 C  CD1 . ILE A 1 32 ? 1.895   8.517   -0.539  1.00 35.93 ? 342  ILE B CD1 1 
ATOM   276 N  N   . TYR A 1 33 ? 3.263   6.766   3.591   1.00 31.69 ? 343  TYR B N   1 
ATOM   277 C  CA  . TYR A 1 33 ? 4.008   7.507   4.594   1.00 31.50 ? 343  TYR B CA  1 
ATOM   278 C  C   . TYR A 1 33 ? 4.415   6.655   5.801   1.00 33.32 ? 343  TYR B C   1 
ATOM   279 O  O   . TYR A 1 33 ? 5.106   7.141   6.714   1.00 33.70 ? 343  TYR B O   1 
ATOM   280 C  CB  . TYR A 1 33 ? 3.235   8.748   5.028   1.00 28.76 ? 343  TYR B CB  1 
ATOM   281 C  CG  . TYR A 1 33 ? 1.777   8.538   5.410   1.00 29.39 ? 343  TYR B CG  1 
ATOM   282 C  CD1 . TYR A 1 33 ? 1.415   7.840   6.562   1.00 29.73 ? 343  TYR B CD1 1 
ATOM   283 C  CD2 . TYR A 1 33 ? 0.758   9.091   4.644   1.00 29.90 ? 343  TYR B CD2 1 
ATOM   284 C  CE1 . TYR A 1 33 ? 0.065   7.680   6.918   1.00 30.49 ? 343  TYR B CE1 1 
ATOM   285 C  CE2 . TYR A 1 33 ? -0.583  8.938   4.992   1.00 34.41 ? 343  TYR B CE2 1 
ATOM   286 C  CZ  . TYR A 1 33 ? -0.930  8.241   6.135   1.00 30.17 ? 343  TYR B CZ  1 
ATOM   287 O  OH  . TYR A 1 33 ? -2.268  8.105   6.484   1.00 31.22 ? 343  TYR B OH  1 
ATOM   288 N  N   . CYS A 1 34 ? 4.011   5.382   5.787   1.00 29.03 ? 344  CYS B N   1 
ATOM   289 C  CA  . CYS A 1 34 ? 4.381   4.469   6.868   1.00 28.79 ? 344  CYS B CA  1 
ATOM   290 C  C   . CYS A 1 34 ? 5.605   3.646   6.524   1.00 35.16 ? 344  CYS B C   1 
ATOM   291 O  O   . CYS A 1 34 ? 6.250   3.096   7.421   1.00 35.88 ? 344  CYS B O   1 
ATOM   292 C  CB  . CYS A 1 34 ? 3.220   3.552   7.253   1.00 28.90 ? 344  CYS B CB  1 
ATOM   293 S  SG  . CYS A 1 34 ? 1.946   4.382   8.202   1.00 27.47 ? 344  CYS B SG  1 
ATOM   294 N  N   . LEU A 1 35 ? 5.909   3.555   5.229   1.00 34.93 ? 345  LEU B N   1 
ATOM   295 C  CA  . LEU A 1 35 ? 7.083   2.826   4.752   1.00 33.81 ? 345  LEU B CA  1 
ATOM   296 C  C   . LEU A 1 35 ? 8.366   3.472   5.267   1.00 37.12 ? 345  LEU B C   1 
ATOM   297 O  O   . LEU A 1 35 ? 8.427   4.688   5.459   1.00 40.44 ? 345  LEU B O   1 
ATOM   298 C  CB  . LEU A 1 35 ? 7.098   2.787   3.229   1.00 31.88 ? 345  LEU B CB  1 
ATOM   299 C  CG  . LEU A 1 35 ? 5.891   2.050   2.644   1.00 32.68 ? 345  LEU B CG  1 
ATOM   300 C  CD1 . LEU A 1 35 ? 5.745   2.405   1.176   1.00 35.41 ? 345  LEU B CD1 1 
ATOM   301 C  CD2 . LEU A 1 35 ? 6.038   0.547   2.834   1.00 33.24 ? 345  LEU B CD2 1 
ATOM   302 N  N   . ASP A 1 36 ? 9.384   2.652   5.496   1.00 44.91 ? 346  ASP B N   1 
ATOM   303 C  CA  . ASP A 1 36 ? 10.670  3.148   5.972   1.00 50.47 ? 346  ASP B CA  1 
ATOM   304 C  C   . ASP A 1 36 ? 11.767  2.839   4.957   1.00 55.10 ? 346  ASP B C   1 
ATOM   305 O  O   . ASP A 1 36 ? 12.229  1.697   4.867   1.00 58.21 ? 346  ASP B O   1 
ATOM   306 C  CB  . ASP A 1 36 ? 11.000  2.527   7.332   1.00 53.70 ? 346  ASP B CB  1 
ATOM   307 C  CG  . ASP A 1 36 ? 12.326  3.014   7.900   1.00 59.09 ? 346  ASP B CG  1 
ATOM   308 O  OD1 . ASP A 1 36 ? 12.757  4.143   7.574   1.00 57.57 ? 346  ASP B OD1 1 
ATOM   309 O  OD2 . ASP A 1 36 ? 12.938  2.260   8.688   1.00 59.56 ? 346  ASP B OD2 1 
ATOM   310 N  N   . PRO A 1 37 ? 12.184  3.855   4.178   1.00 50.87 ? 347  PRO B N   1 
ATOM   311 C  CA  . PRO A 1 37 ? 11.703  5.237   4.238   1.00 43.97 ? 347  PRO B CA  1 
ATOM   312 C  C   . PRO A 1 37 ? 10.387  5.428   3.490   1.00 47.95 ? 347  PRO B C   1 
ATOM   313 O  O   . PRO A 1 37 ? 10.001  4.574   2.696   1.00 47.56 ? 347  PRO B O   1 
ATOM   314 C  CB  . PRO A 1 37 ? 12.820  6.010   3.534   1.00 47.45 ? 347  PRO B CB  1 
ATOM   315 C  CG  . PRO A 1 37 ? 13.285  5.058   2.492   1.00 47.86 ? 347  PRO B CG  1 
ATOM   316 C  CD  . PRO A 1 37 ? 13.239  3.698   3.157   1.00 55.40 ? 347  PRO B CD  1 
ATOM   317 N  N   . PRO A 1 38 ? 9.703   6.553   3.731   1.00 46.03 ? 348  PRO B N   1 
ATOM   318 C  CA  . PRO A 1 38 ? 8.387   6.787   3.121   1.00 43.67 ? 348  PRO B CA  1 
ATOM   319 C  C   . PRO A 1 38 ? 8.477   7.051   1.624   1.00 42.66 ? 348  PRO B C   1 
ATOM   320 O  O   . PRO A 1 38 ? 9.464   7.639   1.168   1.00 47.38 ? 348  PRO B O   1 
ATOM   321 C  CB  . PRO A 1 38 ? 7.915   8.066   3.819   1.00 44.91 ? 348  PRO B CB  1 
ATOM   322 C  CG  . PRO A 1 38 ? 9.176   8.748   4.230   1.00 47.30 ? 348  PRO B CG  1 
ATOM   323 C  CD  . PRO A 1 38 ? 10.077  7.636   4.654   1.00 47.31 ? 348  PRO B CD  1 
ATOM   324 N  N   . LEU A 1 39 ? 7.459   6.619   0.881   1.00 42.66 ? 349  LEU B N   1 
ATOM   325 C  CA  . LEU A 1 39 ? 7.271   7.055   -0.502  1.00 40.38 ? 349  LEU B CA  1 
ATOM   326 C  C   . LEU A 1 39 ? 6.548   8.381   -0.518  1.00 39.47 ? 349  LEU B C   1 
ATOM   327 O  O   . LEU A 1 39 ? 5.585   8.585   0.231   1.00 44.54 ? 349  LEU B O   1 
ATOM   328 C  CB  . LEU A 1 39 ? 6.448   6.063   -1.310  1.00 40.21 ? 349  LEU B CB  1 
ATOM   329 C  CG  . LEU A 1 39 ? 7.159   4.810   -1.817  1.00 42.11 ? 349  LEU B CG  1 
ATOM   330 C  CD1 . LEU A 1 39 ? 6.157   3.915   -2.543  1.00 41.40 ? 349  LEU B CD1 1 
ATOM   331 C  CD2 . LEU A 1 39 ? 8.345   5.162   -2.720  1.00 39.28 ? 349  LEU B CD2 1 
ATOM   332 N  N   . SER A 1 40 ? 6.973   9.241   -1.428  1.00 49.03 ? 350  SER B N   1 
ATOM   333 C  CA  A SER A 1 40 ? 6.503   10.616  -1.459  0.57 50.11 ? 350  SER B CA  1 
ATOM   334 C  CA  B SER A 1 40 ? 6.513   10.622  -1.483  0.43 50.73 ? 350  SER B CA  1 
ATOM   335 C  C   . SER A 1 40 ? 5.129   10.770  -2.093  1.00 49.44 ? 350  SER B C   1 
ATOM   336 O  O   . SER A 1 40 ? 4.367   11.661  -1.721  1.00 53.03 ? 350  SER B O   1 
ATOM   337 C  CB  A SER A 1 40 ? 7.515   11.482  -2.195  0.57 49.85 ? 350  SER B CB  1 
ATOM   338 C  CB  B SER A 1 40 ? 7.498   11.446  -2.298  0.43 53.28 ? 350  SER B CB  1 
ATOM   339 O  OG  A SER A 1 40 ? 8.822   11.235  -1.708  0.57 52.50 ? 350  SER B OG  1 
ATOM   340 O  OG  B SER A 1 40 ? 7.556   10.977  -3.635  0.43 54.45 ? 350  SER B OG  1 
ATOM   341 N  N   . SER A 1 41 ? 4.813   9.908   -3.048  1.00 53.17 ? 351  SER B N   1 
ATOM   342 C  CA  A SER A 1 41 ? 3.514   9.955   -3.705  0.57 54.65 ? 351  SER B CA  1 
ATOM   343 C  CA  B SER A 1 41 ? 3.518   9.960   -3.712  0.43 54.13 ? 351  SER B CA  1 
ATOM   344 C  C   . SER A 1 41 ? 3.088   8.563   -4.135  1.00 51.31 ? 351  SER B C   1 
ATOM   345 O  O   . SER A 1 41 ? 3.922   7.675   -4.306  1.00 52.09 ? 351  SER B O   1 
ATOM   346 C  CB  A SER A 1 41 ? 3.558   10.873  -4.925  0.57 55.79 ? 351  SER B CB  1 
ATOM   347 C  CB  B SER A 1 41 ? 3.572   10.886  -4.932  0.43 55.34 ? 351  SER B CB  1 
ATOM   348 O  OG  A SER A 1 41 ? 4.318   10.289  -5.966  0.57 54.33 ? 351  SER B OG  1 
ATOM   349 O  OG  B SER A 1 41 ? 3.935   12.210  -4.568  0.43 52.10 ? 351  SER B OG  1 
ATOM   350 N  N   . VAL A 1 42 ? 1.784   8.373   -4.296  1.00 49.66 ? 352  VAL B N   1 
ATOM   351 C  CA  . VAL A 1 42 ? 1.280   7.109   -4.800  1.00 46.35 ? 352  VAL B CA  1 
ATOM   352 C  C   . VAL A 1 42 ? 1.670   7.020   -6.267  1.00 45.77 ? 352  VAL B C   1 
ATOM   353 O  O   . VAL A 1 42 ? 1.280   7.866   -7.076  1.00 50.62 ? 352  VAL B O   1 
ATOM   354 C  CB  . VAL A 1 42 ? -0.240  7.002   -4.664  1.00 50.88 ? 352  VAL B CB  1 
ATOM   355 C  CG1 . VAL A 1 42 ? -0.730  5.708   -5.284  1.00 47.21 ? 352  VAL B CG1 1 
ATOM   356 C  CG2 . VAL A 1 42 ? -0.637  7.079   -3.207  1.00 53.70 ? 352  VAL B CG2 1 
ATOM   357 N  N   . PRO A 1 43 ? 2.469   6.007   -6.618  1.00 39.40 ? 353  PRO B N   1 
ATOM   358 C  CA  . PRO A 1 43 ? 2.886   5.893   -8.019  1.00 40.02 ? 353  PRO B CA  1 
ATOM   359 C  C   . PRO A 1 43 ? 1.671   5.668   -8.905  1.00 48.44 ? 353  PRO B C   1 
ATOM   360 O  O   . PRO A 1 43 ? 0.727   4.982   -8.505  1.00 54.72 ? 353  PRO B O   1 
ATOM   361 C  CB  . PRO A 1 43 ? 3.773   4.647   -8.020  1.00 36.34 ? 353  PRO B CB  1 
ATOM   362 C  CG  . PRO A 1 43 ? 4.236   4.502   -6.610  1.00 38.68 ? 353  PRO B CG  1 
ATOM   363 C  CD  . PRO A 1 43 ? 3.097   4.984   -5.765  1.00 38.75 ? 353  PRO B CD  1 
ATOM   364 N  N   A SER A 1 44 ? 1.687   6.247   -10.101 0.50 49.46 ? 354  SER B N   1 
ATOM   365 N  N   B SER A 1 44 ? 1.707   6.249   -10.095 0.50 49.57 ? 354  SER B N   1 
ATOM   366 C  CA  A SER A 1 44 ? 0.597   6.067   -11.058 0.50 50.77 ? 354  SER B CA  1 
ATOM   367 C  CA  B SER A 1 44 ? 0.648   6.093   -11.081 0.50 50.82 ? 354  SER B CA  1 
ATOM   368 C  C   A SER A 1 44 ? 0.475   4.604   -11.488 0.50 53.79 ? 354  SER B C   1 
ATOM   369 C  C   B SER A 1 44 ? 0.569   4.652   -11.597 0.50 54.89 ? 354  SER B C   1 
ATOM   370 O  O   A SER A 1 44 ? -0.611  4.134   -11.839 0.50 59.54 ? 354  SER B O   1 
ATOM   371 O  O   B SER A 1 44 ? -0.376  4.282   -12.293 0.50 61.52 ? 354  SER B O   1 
ATOM   372 C  CB  A SER A 1 44 ? 0.799   6.972   -12.278 0.50 53.82 ? 354  SER B CB  1 
ATOM   373 C  CB  B SER A 1 44 ? 0.911   7.053   -12.245 0.50 53.89 ? 354  SER B CB  1 
ATOM   374 O  OG  A SER A 1 44 ? 2.069   6.760   -12.877 0.50 60.33 ? 354  SER B OG  1 
ATOM   375 O  OG  B SER A 1 44 ? -0.017  6.864   -13.296 0.50 60.73 ? 354  SER B OG  1 
ATOM   376 N  N   A GLU A 1 45 ? 1.599   3.897   -11.449 0.50 43.87 ? 355  GLU B N   1 
ATOM   377 N  N   B GLU A 1 45 ? 1.549   3.842   -11.200 0.50 47.87 ? 355  GLU B N   1 
ATOM   378 C  CA  A GLU A 1 45 ? 1.680   2.484   -11.810 0.50 45.22 ? 355  GLU B CA  1 
ATOM   379 C  CA  B GLU A 1 45 ? 1.908   2.586   -11.871 0.50 41.21 ? 355  GLU B CA  1 
ATOM   380 C  C   A GLU A 1 45 ? 0.844   1.625   -10.871 0.50 43.43 ? 355  GLU B C   1 
ATOM   381 C  C   B GLU A 1 45 ? 1.041   1.349   -11.586 0.50 38.32 ? 355  GLU B C   1 
ATOM   382 O  O   A GLU A 1 45 ? 0.799   1.878   -9.668  0.50 47.94 ? 355  GLU B O   1 
ATOM   383 O  O   B GLU A 1 45 ? 0.214   1.345   -10.681 0.50 40.44 ? 355  GLU B O   1 
ATOM   384 C  CB  A GLU A 1 45 ? 3.131   2.005   -11.735 0.50 47.17 ? 355  GLU B CB  1 
ATOM   385 C  CB  B GLU A 1 45 ? 3.366   2.261   -11.535 0.50 39.77 ? 355  GLU B CB  1 
ATOM   386 C  CG  A GLU A 1 45 ? 4.171   3.120   -11.781 0.50 46.54 ? 355  GLU B CG  1 
ATOM   387 C  CG  B GLU A 1 45 ? 4.326   3.435   -11.733 0.50 38.48 ? 355  GLU B CG  1 
ATOM   388 C  CD  A GLU A 1 45 ? 4.337   3.707   -13.168 0.50 49.94 ? 355  GLU B CD  1 
ATOM   389 C  CD  B GLU A 1 45 ? 4.529   3.781   -13.198 0.50 44.35 ? 355  GLU B CD  1 
ATOM   390 O  OE1 A GLU A 1 45 ? 3.983   3.024   -14.152 0.50 54.69 ? 355  GLU B OE1 1 
ATOM   391 O  OE1 B GLU A 1 45 ? 4.174   2.949   -14.059 0.50 49.11 ? 355  GLU B OE1 1 
ATOM   392 O  OE2 A GLU A 1 45 ? 4.826   4.853   -13.274 0.50 49.99 ? 355  GLU B OE2 1 
ATOM   393 O  OE2 B GLU A 1 45 ? 5.045   4.883   -13.489 0.50 47.24 ? 355  GLU B OE2 1 
ATOM   394 N  N   A ASP A 1 46 ? 0.209   0.593   -11.418 0.50 39.43 ? 356  ASP B N   1 
ATOM   395 N  N   B ASP A 1 46 ? 1.273   0.289   -12.360 0.50 39.10 ? 356  ASP B N   1 
ATOM   396 C  CA  A ASP A 1 46 ? -0.654  -0.273  -10.620 0.50 39.11 ? 356  ASP B CA  1 
ATOM   397 C  CA  B ASP A 1 46 ? 0.486   -0.945  -12.265 0.50 34.50 ? 356  ASP B CA  1 
ATOM   398 C  C   A ASP A 1 46 ? 0.008   -1.543  -10.083 0.50 39.73 ? 356  ASP B C   1 
ATOM   399 C  C   B ASP A 1 46 ? 0.706   -1.731  -10.981 0.50 31.68 ? 356  ASP B C   1 
ATOM   400 O  O   A ASP A 1 46 ? -0.637  -2.337  -9.400  0.50 45.84 ? 356  ASP B O   1 
ATOM   401 O  O   B ASP A 1 46 ? -0.202  -1.904  -10.168 0.50 40.07 ? 356  ASP B O   1 
ATOM   402 C  CB  A ASP A 1 46 ? -1.923  -0.654  -11.379 0.50 41.43 ? 356  ASP B CB  1 
ATOM   403 C  CB  B ASP A 1 46 ? 0.805   -1.868  -13.445 0.50 40.83 ? 356  ASP B CB  1 
ATOM   404 C  CG  A ASP A 1 46 ? -2.877  -1.470  -10.520 0.50 43.59 ? 356  ASP B CG  1 
ATOM   405 C  CG  B ASP A 1 46 ? 0.501   -1.236  -14.787 0.50 35.34 ? 356  ASP B CG  1 
ATOM   406 O  OD1 A ASP A 1 46 ? -3.493  -0.887  -9.606  0.50 41.52 ? 356  ASP B OD1 1 
ATOM   407 O  OD1 B ASP A 1 46 ? -0.319  -0.297  -14.833 0.50 38.56 ? 356  ASP B OD1 1 
ATOM   408 O  OD2 A ASP A 1 46 ? -2.985  -2.696  -10.738 0.50 47.57 ? 356  ASP B OD2 1 
ATOM   409 O  OD2 B ASP A 1 46 ? 1.091   -1.685  -15.795 0.50 34.64 ? 356  ASP B OD2 1 
ATOM   410 N  N   A GLU A 1 47 ? 1.279   -1.755  -10.399 0.50 28.26 ? 357  GLU B N   1 
ATOM   411 N  N   B GLU A 1 47 ? 1.920   -2.235  -10.827 0.50 29.41 ? 357  GLU B N   1 
ATOM   412 C  CA  A GLU A 1 47 ? 2.004   -2.839  -9.749  0.50 23.40 ? 357  GLU B CA  1 
ATOM   413 C  CA  B GLU A 1 47 ? 2.233   -3.180  -9.777  0.50 30.94 ? 357  GLU B CA  1 
ATOM   414 C  C   A GLU A 1 47 ? 2.881   -2.305  -8.612  0.50 23.90 ? 357  GLU B C   1 
ATOM   415 C  C   B GLU A 1 47 ? 3.105   -2.545  -8.721  0.50 29.10 ? 357  GLU B C   1 
ATOM   416 O  O   A GLU A 1 47 ? 3.479   -1.232  -8.745  0.50 23.61 ? 357  GLU B O   1 
ATOM   417 O  O   B GLU A 1 47 ? 3.890   -1.633  -9.003  0.50 28.35 ? 357  GLU B O   1 
ATOM   418 C  CB  A GLU A 1 47 ? 2.840   -3.624  -10.766 0.50 28.09 ? 357  GLU B CB  1 
ATOM   419 C  CB  B GLU A 1 47 ? 2.949   -4.391  -10.373 0.50 33.34 ? 357  GLU B CB  1 
ATOM   420 C  CG  A GLU A 1 47 ? 2.470   -5.103  -10.821 0.50 32.51 ? 357  GLU B CG  1 
ATOM   421 C  CG  B GLU A 1 47 ? 2.214   -4.982  -11.560 0.50 37.83 ? 357  GLU B CG  1 
ATOM   422 C  CD  A GLU A 1 47 ? 3.471   -5.946  -11.613 0.50 30.02 ? 357  GLU B CD  1 
ATOM   423 C  CD  B GLU A 1 47 ? 2.990   -4.895  -12.865 0.50 31.78 ? 357  GLU B CD  1 
ATOM   424 O  OE1 A GLU A 1 47 ? 3.984   -5.474  -12.656 0.50 36.91 ? 357  GLU B OE1 1 
ATOM   425 O  OE1 B GLU A 1 47 ? 4.203   -4.571  -12.860 0.50 34.68 ? 357  GLU B OE1 1 
ATOM   426 O  OE2 A GLU A 1 47 ? 3.762   -7.080  -11.183 0.50 26.83 ? 357  GLU B OE2 1 
ATOM   427 O  OE2 B GLU A 1 47 ? 2.384   -5.173  -13.919 0.50 34.84 ? 357  GLU B OE2 1 
ATOM   428 N  N   . TRP A 1 48 ? 2.950   -3.044  -7.502  1.00 24.18 ? 358  TRP B N   1 
ATOM   429 C  CA  . TRP A 1 48 ? 3.789   -2.629  -6.374  1.00 24.51 ? 358  TRP B CA  1 
ATOM   430 C  C   . TRP A 1 48 ? 4.049   -3.807  -5.464  1.00 23.14 ? 358  TRP B C   1 
ATOM   431 O  O   . TRP A 1 48 ? 3.146   -4.600  -5.196  1.00 24.34 ? 358  TRP B O   1 
ATOM   432 C  CB  . TRP A 1 48 ? 3.130   -1.513  -5.573  1.00 23.36 ? 358  TRP B CB  1 
ATOM   433 C  CG  . TRP A 1 48 ? 4.008   -0.971  -4.489  1.00 22.24 ? 358  TRP B CG  1 
ATOM   434 C  CD1 . TRP A 1 48 ? 5.080   -0.142  -4.653  1.00 24.14 ? 358  TRP B CD1 1 
ATOM   435 C  CD2 . TRP A 1 48 ? 3.921   -1.245  -3.078  1.00 22.67 ? 358  TRP B CD2 1 
ATOM   436 N  NE1 . TRP A 1 48 ? 5.649   0.156   -3.426  1.00 23.12 ? 358  TRP B NE1 1 
ATOM   437 C  CE2 . TRP A 1 48 ? 4.965   -0.524  -2.448  1.00 23.47 ? 358  TRP B CE2 1 
ATOM   438 C  CE3 . TRP A 1 48 ? 3.068   -2.023  -2.292  1.00 21.74 ? 358  TRP B CE3 1 
ATOM   439 C  CZ2 . TRP A 1 48 ? 5.161   -0.546  -1.068  1.00 24.73 ? 358  TRP B CZ2 1 
ATOM   440 C  CZ3 . TRP A 1 48 ? 3.267   -2.040  -0.900  1.00 21.73 ? 358  TRP B CZ3 1 
ATOM   441 C  CH2 . TRP A 1 48 ? 4.303   -1.304  -0.315  1.00 23.18 ? 358  TRP B CH2 1 
ATOM   442 N  N   . TYR A 1 49 ? 5.280   -3.889  -4.960  1.00 22.48 ? 359  TYR B N   1 
ATOM   443 C  CA  . TYR A 1 49 ? 5.685   -4.938  -4.022  1.00 21.88 ? 359  TYR B CA  1 
ATOM   444 C  C   . TYR A 1 49 ? 6.260   -4.341  -2.754  1.00 24.97 ? 359  TYR B C   1 
ATOM   445 O  O   . TYR A 1 49 ? 7.093   -3.455  -2.817  1.00 25.83 ? 359  TYR B O   1 
ATOM   446 C  CB  . TYR A 1 49 ? 6.712   -5.875  -4.683  1.00 24.22 ? 359  TYR B CB  1 
ATOM   447 C  CG  . TYR A 1 49 ? 6.107   -6.564  -5.864  1.00 23.40 ? 359  TYR B CG  1 
ATOM   448 C  CD1 . TYR A 1 49 ? 6.037   -5.927  -7.105  1.00 23.94 ? 359  TYR B CD1 1 
ATOM   449 C  CD2 . TYR A 1 49 ? 5.507   -7.806  -5.722  1.00 24.79 ? 359  TYR B CD2 1 
ATOM   450 C  CE1 . TYR A 1 49 ? 5.403   -6.531  -8.182  1.00 22.40 ? 359  TYR B CE1 1 
ATOM   451 C  CE2 . TYR A 1 49 ? 4.909   -8.434  -6.786  1.00 23.32 ? 359  TYR B CE2 1 
ATOM   452 C  CZ  . TYR A 1 49 ? 4.857   -7.792  -8.012  1.00 24.49 ? 359  TYR B CZ  1 
ATOM   453 O  OH  . TYR A 1 49 ? 4.217   -8.426  -9.049  1.00 25.96 ? 359  TYR B OH  1 
ATOM   454 N  N   . CYS A 1 50 ? 5.782   -4.810  -1.605  1.00 23.85 ? 360  CYS B N   1 
ATOM   455 C  CA  . CYS A 1 50 ? 6.207   -4.254  -0.324  1.00 26.35 ? 360  CYS B CA  1 
ATOM   456 C  C   . CYS A 1 50 ? 7.674   -4.592  -0.032  1.00 30.95 ? 360  CYS B C   1 
ATOM   457 O  O   . CYS A 1 50 ? 8.301   -5.382  -0.746  1.00 29.96 ? 360  CYS B O   1 
ATOM   458 C  CB  . CYS A 1 50 ? 5.286   -4.730  0.808   1.00 25.83 ? 360  CYS B CB  1 
ATOM   459 S  SG  . CYS A 1 50 ? 5.648   -6.415  1.322   1.00 27.85 ? 360  CYS B SG  1 
ATOM   460 N  N   . PRO A 1 51 ? 8.250   -3.967  0.997   1.00 31.97 ? 361  PRO B N   1 
ATOM   461 C  CA  . PRO A 1 51 ? 9.671   -4.197  1.289   1.00 34.41 ? 361  PRO B CA  1 
ATOM   462 C  C   . PRO A 1 51 ? 10.013  -5.676  1.513   1.00 37.77 ? 361  PRO B C   1 
ATOM   463 O  O   . PRO A 1 51 ? 11.108  -6.117  1.168   1.00 40.38 ? 361  PRO B O   1 
ATOM   464 C  CB  . PRO A 1 51 ? 9.897   -3.358  2.551   1.00 37.23 ? 361  PRO B CB  1 
ATOM   465 C  CG  . PRO A 1 51 ? 8.912   -2.210  2.371   1.00 33.74 ? 361  PRO B CG  1 
ATOM   466 C  CD  . PRO A 1 51 ? 7.690   -2.858  1.793   1.00 31.40 ? 361  PRO B CD  1 
ATOM   467 N  N   . GLU A 1 52 ? 9.065   -6.434  2.049   1.00 39.19 ? 362  GLU B N   1 
ATOM   468 C  CA  . GLU A 1 52 ? 9.276   -7.850  2.330   1.00 43.88 ? 362  GLU B CA  1 
ATOM   469 C  C   . GLU A 1 52 ? 9.265   -8.695  1.068   1.00 37.26 ? 362  GLU B C   1 
ATOM   470 O  O   . GLU A 1 52 ? 10.088  -9.592  0.899   1.00 41.53 ? 362  GLU B O   1 
ATOM   471 C  CB  . GLU A 1 52 ? 8.185   -8.360  3.275   1.00 51.52 ? 362  GLU B CB  1 
ATOM   472 C  CG  . GLU A 1 52 ? 8.708   -9.104  4.473   1.00 61.84 ? 362  GLU B CG  1 
ATOM   473 C  CD  . GLU A 1 52 ? 9.676   -8.267  5.276   1.00 69.77 ? 362  GLU B CD  1 
ATOM   474 O  OE1 . GLU A 1 52 ? 9.312   -7.131  5.653   1.00 74.85 ? 362  GLU B OE1 1 
ATOM   475 O  OE2 . GLU A 1 52 ? 10.804  -8.743  5.521   1.00 69.48 ? 362  GLU B OE2 1 
ATOM   476 N  N   . CYS A 1 53 ? 8.332   -8.398  0.173   1.00 36.29 ? 363  CYS B N   1 
ATOM   477 C  CA  . CYS A 1 53 ? 8.125   -9.238  -1.000  1.00 36.25 ? 363  CYS B CA  1 
ATOM   478 C  C   . CYS A 1 53 ? 9.048   -8.903  -2.164  1.00 37.13 ? 363  CYS B C   1 
ATOM   479 O  O   . CYS A 1 53 ? 9.366   -9.770  -2.985  1.00 42.14 ? 363  CYS B O   1 
ATOM   480 C  CB  . CYS A 1 53 ? 6.674   -9.155  -1.458  1.00 36.15 ? 363  CYS B CB  1 
ATOM   481 S  SG  . CYS A 1 53 ? 5.511   -9.814  -0.259  1.00 34.79 ? 363  CYS B SG  1 
ATOM   482 N  N   . ARG A 1 54 ? 9.474   -7.649  -2.244  1.00 34.74 ? 364  ARG B N   1 
ATOM   483 C  CA  . ARG A 1 54 ? 10.362  -7.224  -3.321  1.00 36.98 ? 364  ARG B CA  1 
ATOM   484 C  C   . ARG A 1 54 ? 11.765  -7.831  -3.157  1.00 42.98 ? 364  ARG B C   1 
ATOM   485 O  O   . ARG A 1 54 ? 12.559  -7.826  -4.085  1.00 48.56 ? 364  ARG B O   1 
ATOM   486 C  CB  . ARG A 1 54 ? 10.436  -5.695  -3.389  1.00 34.25 ? 364  ARG B CB  1 
ATOM   487 C  CG  . ARG A 1 54 ? 11.244  -5.063  -2.276  1.00 29.60 ? 364  ARG B CG  1 
ATOM   488 C  CD  . ARG A 1 54 ? 11.239  -3.548  -2.393  1.00 29.36 ? 364  ARG B CD  1 
ATOM   489 N  NE  . ARG A 1 54 ? 9.932   -3.002  -2.083  1.00 27.43 ? 364  ARG B NE  1 
ATOM   490 C  CZ  . ARG A 1 54 ? 9.736   -1.770  -1.623  1.00 27.27 ? 364  ARG B CZ  1 
ATOM   491 N  NH1 . ARG A 1 54 ? 10.771  -0.961  -1.421  1.00 28.97 ? 364  ARG B NH1 1 
ATOM   492 N  NH2 . ARG A 1 54 ? 8.503   -1.360  -1.345  1.00 27.42 ? 364  ARG B NH2 1 
ATOM   493 N  N   . ASN A 1 55 ? 12.054  -8.353  -1.967  1.00 48.26 ? 365  ASN B N   1 
ATOM   494 C  CA  . ASN A 1 55 ? 13.333  -8.990  -1.684  1.00 48.53 ? 365  ASN B CA  1 
ATOM   495 C  C   . ASN A 1 55 ? 13.169  -10.475 -1.372  1.00 60.77 ? 365  ASN B C   1 
ATOM   496 O  O   . ASN A 1 55 ? 12.867  -11.280 -2.255  1.00 62.91 ? 365  ASN B O   1 
ATOM   497 C  CB  . ASN A 1 55 ? 14.026  -8.286  -0.518  1.00 33.05 ? 365  ASN B CB  1 
HETATM 498 ZN ZN  . ZN  B 2 .  ? 0.024   3.171   8.011   1.00 24.79 2 433  ZN  B ZN  1 
HETATM 499 ZN ZN  . ZN  C 2 .  ? 4.229   -7.957  0.236   1.00 30.88 2 434  ZN  B ZN  1 
HETATM 500 O  O   . HOH D 3 .  ? 7.045   -14.473 -6.945  1.00 49.65 ? 2001 HOH B O   1 
HETATM 501 O  O   . HOH D 3 .  ? 1.455   -14.556 1.272   1.00 61.24 ? 2002 HOH B O   1 
HETATM 502 O  O   . HOH D 3 .  ? 8.935   -0.883  8.647   1.00 53.00 ? 2003 HOH B O   1 
HETATM 503 O  O   . HOH D 3 .  ? 7.550   -3.172  5.699   1.00 48.93 ? 2004 HOH B O   1 
HETATM 504 O  O   . HOH D 3 .  ? 2.117   11.190  2.060   1.00 46.33 ? 2005 HOH B O   1 
HETATM 505 O  O   . HOH D 3 .  ? -15.377 -10.954 -1.849  1.00 35.10 ? 2006 HOH B O   1 
HETATM 506 O  O   . HOH D 3 .  ? -18.320 -8.059  3.648   1.00 35.85 ? 2007 HOH B O   1 
HETATM 507 O  O   . HOH D 3 .  ? -11.724 -1.135  3.190   1.00 44.55 ? 2008 HOH B O   1 
HETATM 508 O  O   . HOH D 3 .  ? -8.057  0.914   3.789   1.00 35.67 ? 2009 HOH B O   1 
HETATM 509 O  O   . HOH D 3 .  ? -2.867  -5.095  5.337   1.00 30.98 ? 2010 HOH B O   1 
HETATM 510 O  O   . HOH D 3 .  ? 2.353   -5.947  11.358  1.00 56.83 ? 2011 HOH B O   1 
HETATM 511 O  O   . HOH D 3 .  ? 4.321   -1.765  12.848  1.00 57.19 ? 2012 HOH B O   1 
HETATM 512 O  O   . HOH D 3 .  ? 4.415   1.724   13.291  1.00 55.07 ? 2013 HOH B O   1 
HETATM 513 O  O   . HOH D 3 .  ? -3.063  4.539   12.700  1.00 47.65 ? 2014 HOH B O   1 
HETATM 514 O  O   . HOH D 3 .  ? -4.548  11.332  7.859   1.00 46.74 ? 2015 HOH B O   1 
HETATM 515 O  O   . HOH D 3 .  ? -5.438  11.554  1.936   1.00 52.81 ? 2016 HOH B O   1 
HETATM 516 O  O   . HOH D 3 .  ? -8.419  11.497  3.983   1.00 55.76 ? 2017 HOH B O   1 
HETATM 517 O  O   . HOH D 3 .  ? -5.826  13.506  5.052   1.00 35.50 ? 2018 HOH B O   1 
HETATM 518 O  O   . HOH D 3 .  ? -8.321  11.986  1.396   0.50 35.77 ? 2019 HOH B O   1 
HETATM 519 O  O   . HOH D 3 .  ? -2.785  -7.547  -4.123  1.00 49.12 ? 2020 HOH B O   1 
HETATM 520 O  O   . HOH D 3 .  ? -1.623  -11.741 -4.644  1.00 43.10 ? 2021 HOH B O   1 
HETATM 521 O  O   . HOH D 3 .  ? -1.572  -4.643  -9.667  1.00 39.22 ? 2022 HOH B O   1 
HETATM 522 O  O   . HOH D 3 .  ? -2.872  -5.523  -5.580  1.00 44.52 ? 2023 HOH B O   1 
HETATM 523 O  O   . HOH D 3 .  ? -1.158  -13.636 -1.155  1.00 36.00 ? 2024 HOH B O   1 
HETATM 524 O  O   . HOH D 3 .  ? 5.179   -12.239 -6.748  1.00 38.40 ? 2025 HOH B O   1 
HETATM 525 O  O   . HOH D 3 .  ? 3.869   -14.266 0.187   1.00 40.33 ? 2026 HOH B O   1 
HETATM 526 O  O   . HOH D 3 .  ? -0.317  -12.689 2.661   1.00 52.03 ? 2027 HOH B O   1 
HETATM 527 O  O   . HOH D 3 .  ? 6.070   3.825   9.771   1.00 59.05 ? 2028 HOH B O   1 
HETATM 528 O  O   . HOH D 3 .  ? 8.155   1.313   9.045   0.50 38.81 ? 2029 HOH B O   1 
HETATM 529 O  O   . HOH D 3 .  ? 3.577   3.480   11.276  1.00 58.78 ? 2030 HOH B O   1 
HETATM 530 O  O   . HOH D 3 .  ? 8.715   6.670   7.557   1.00 55.75 ? 2031 HOH B O   1 
HETATM 531 O  O   . HOH D 3 .  ? 10.280  1.475   2.211   1.00 54.92 ? 2032 HOH B O   1 
HETATM 532 O  O   . HOH D 3 .  ? 8.884   -0.534  5.696   1.00 43.38 ? 2033 HOH B O   1 
HETATM 533 O  O   . HOH D 3 .  ? 11.415  6.050   8.143   1.00 53.82 ? 2034 HOH B O   1 
HETATM 534 O  O   . HOH D 3 .  ? 9.911   3.751   0.155   1.00 53.17 ? 2035 HOH B O   1 
HETATM 535 O  O   . HOH D 3 .  ? 4.571   9.931   2.120   1.00 40.71 ? 2036 HOH B O   1 
HETATM 536 O  O   . HOH D 3 .  ? 6.204   8.042   -5.347  1.00 53.66 ? 2037 HOH B O   1 
HETATM 537 O  O   A HOH D 3 .  ? 0.556   0.185   -7.773  0.60 44.87 ? 2038 HOH B O   1 
HETATM 538 O  O   B HOH D 3 .  ? 1.531   1.696   -7.685  0.40 45.57 ? 2038 HOH B O   1 
HETATM 539 O  O   . HOH D 3 .  ? 4.287   7.333   -10.898 1.00 53.35 ? 2039 HOH B O   1 
HETATM 540 O  O   . HOH D 3 .  ? 3.500   0.844   -14.864 1.00 51.51 ? 2041 HOH B O   1 
HETATM 541 O  O   . HOH D 3 .  ? 4.947   2.337   -17.113 1.00 50.65 ? 2042 HOH B O   1 
HETATM 542 O  O   . HOH D 3 .  ? 1.316   -4.503  -15.829 1.00 45.66 ? 2043 HOH B O   1 
HETATM 543 O  O   . HOH D 3 .  ? 3.108   -4.275  -16.438 0.50 36.83 ? 2044 HOH B O   1 
HETATM 544 O  O   . HOH D 3 .  ? 5.150   -0.821  -11.034 1.00 31.42 ? 2045 HOH B O   1 
HETATM 545 O  O   . HOH D 3 .  ? 4.042   1.016   -7.877  1.00 44.72 ? 2046 HOH B O   1 
HETATM 546 O  O   . HOH D 3 .  ? 4.374   -3.778  -14.845 0.50 49.07 ? 2047 HOH B O   1 
HETATM 547 O  O   . HOH D 3 .  ? 1.124   -7.606  -11.973 1.00 40.49 ? 2048 HOH B O   1 
HETATM 548 O  O   . HOH D 3 .  ? 3.633   -11.024 -8.817  1.00 37.62 ? 2049 HOH B O   1 
HETATM 549 O  O   . HOH D 3 .  ? 13.461  -5.176  0.350   1.00 45.99 ? 2050 HOH B O   1 
HETATM 550 O  O   . HOH D 3 .  ? 10.194  -4.927  5.996   1.00 54.39 ? 2051 HOH B O   1 
HETATM 551 O  O   . HOH D 3 .  ? 7.164   -11.205 -5.108  1.00 49.32 ? 2052 HOH B O   1 
HETATM 552 O  O   . HOH D 3 .  ? 14.476  -5.947  -3.612  1.00 41.05 ? 2053 HOH B O   1 
HETATM 553 O  O   . HOH D 3 .  ? 11.618  -8.243  -6.382  1.00 37.68 ? 2054 HOH B O   1 
HETATM 554 O  O   . HOH D 3 .  ? 9.242   1.246   -0.245  1.00 40.20 ? 2055 HOH B O   1 
# 
loop_
_atom_site_anisotrop.id 
_atom_site_anisotrop.type_symbol 
_atom_site_anisotrop.pdbx_label_atom_id 
_atom_site_anisotrop.pdbx_label_alt_id 
_atom_site_anisotrop.pdbx_label_comp_id 
_atom_site_anisotrop.pdbx_label_asym_id 
_atom_site_anisotrop.pdbx_label_seq_id 
_atom_site_anisotrop.pdbx_PDB_ins_code 
_atom_site_anisotrop.U[1][1] 
_atom_site_anisotrop.U[2][2] 
_atom_site_anisotrop.U[3][3] 
_atom_site_anisotrop.U[1][2] 
_atom_site_anisotrop.U[1][3] 
_atom_site_anisotrop.U[2][3] 
_atom_site_anisotrop.pdbx_auth_seq_id 
_atom_site_anisotrop.pdbx_auth_comp_id 
_atom_site_anisotrop.pdbx_auth_asym_id 
_atom_site_anisotrop.pdbx_auth_atom_id 
1   N  N   . GLY A 1  ? 0.3537 0.2874 0.4697 0.0777  -0.1358 -0.1435 311 GLY B N   
2   C  CA  . GLY A 1  ? 0.5591 0.3346 0.3967 -0.0034 -0.0295 -0.1966 311 GLY B CA  
3   C  C   . GLY A 1  ? 0.3620 0.3033 0.4393 0.0947  -0.1037 -0.0454 311 GLY B C   
4   O  O   . GLY A 1  ? 0.3907 0.2815 0.3360 0.0382  -0.0950 -0.0414 311 GLY B O   
5   N  N   . HIS A 2  ? 0.3985 0.4588 0.4183 0.0220  -0.0787 -0.0505 312 HIS B N   
6   C  CA  . HIS A 2  ? 0.5425 0.5360 0.3342 -0.1042 -0.1141 -0.0540 312 HIS B CA  
7   C  C   . HIS A 2  ? 0.5454 0.6233 0.2609 -0.0673 -0.0716 -0.0652 312 HIS B C   
8   O  O   . HIS A 2  ? 0.5064 0.6626 0.4037 -0.0904 0.0462  -0.0243 312 HIS B O   
9   C  CB  . HIS A 2  ? 0.6945 0.7090 0.3774 -0.3030 -0.0500 -0.1082 312 HIS B CB  
10  C  CG  . HIS A 2  ? 0.5336 0.7300 0.6734 -0.3105 -0.0249 -0.0450 312 HIS B CG  
11  N  ND1 . HIS A 2  ? 0.6347 0.6994 0.7585 -0.3003 -0.0245 -0.0242 312 HIS B ND1 
12  C  CD2 . HIS A 2  ? 0.6572 0.8221 0.6673 -0.4110 -0.0149 -0.0486 312 HIS B CD2 
13  C  CE1 . HIS A 2  ? 0.5461 0.7489 0.8120 -0.3215 -0.0241 -0.0320 312 HIS B CE1 
14  N  NE2 . HIS A 2  ? 0.6393 0.8392 0.6969 -0.3655 0.0177  -0.0390 312 HIS B NE2 
15  N  N   A MET A 3  ? 0.4214 0.6583 0.2976 0.0178  -0.0494 -0.0746 313 MET B N   
16  N  N   B MET A 3  ? 0.4219 0.6584 0.2977 0.0174  -0.0496 -0.0745 313 MET B N   
17  C  CA  A MET A 3  ? 0.4045 0.6361 0.4086 0.0077  0.0130  -0.1326 313 MET B CA  
18  C  CA  B MET A 3  ? 0.4043 0.6356 0.4084 0.0073  0.0128  -0.1327 313 MET B CA  
19  C  C   A MET A 3  ? 0.2837 0.5758 0.4507 0.0190  -0.0108 -0.0780 313 MET B C   
20  C  C   B MET A 3  ? 0.2865 0.5760 0.4503 0.0191  -0.0107 -0.0776 313 MET B C   
21  O  O   A MET A 3  ? 0.4217 0.5750 0.4870 0.0215  0.0580  0.0226  313 MET B O   
22  O  O   B MET A 3  ? 0.4211 0.5757 0.4873 0.0215  0.0588  0.0236  313 MET B O   
23  C  CB  A MET A 3  ? 0.4065 0.5498 0.5986 0.1475  0.0383  -0.0775 313 MET B CB  
24  C  CB  B MET A 3  ? 0.4057 0.5498 0.5985 0.1478  0.0380  -0.0767 313 MET B CB  
25  C  CG  A MET A 3  ? 0.4562 0.5290 0.7198 0.1291  -0.0954 0.0091  313 MET B CG  
26  C  CG  B MET A 3  ? 0.4606 0.5344 0.7160 0.1253  -0.0912 0.0068  313 MET B CG  
27  S  SD  A MET A 3  ? 0.9765 0.4432 0.6513 0.0040  -0.1261 -0.0600 313 MET B SD  
28  S  SD  B MET A 3  ? 0.9756 0.4636 0.6336 0.0035  -0.1227 -0.0575 313 MET B SD  
29  C  CE  A MET A 3  ? 0.9366 0.4658 0.7165 -0.0140 -0.1105 -0.0885 313 MET B CE  
30  C  CE  B MET A 3  ? 0.9373 0.4686 0.7146 -0.0138 -0.1088 -0.0879 313 MET B CE  
31  N  N   . ARG A 4  ? 0.3339 0.5976 0.4686 0.0278  0.0187  -0.1017 314 ARG B N   
32  C  CA  . ARG A 4  ? 0.3006 0.6995 0.4965 0.0339  -0.0009 -0.1125 314 ARG B CA  
33  C  C   . ARG A 4  ? 0.2726 0.6435 0.6271 0.1010  -0.0246 -0.0873 314 ARG B C   
34  O  O   . ARG A 4  ? 0.3613 0.6893 0.4546 0.1091  -0.0559 -0.1862 314 ARG B O   
35  C  CB  . ARG A 4  ? 0.3810 0.7217 0.5365 -0.1013 0.0486  -0.2157 314 ARG B CB  
36  C  CG  . ARG A 4  ? 0.5335 0.6001 0.5625 -0.1187 0.0202  -0.2025 314 ARG B CG  
37  C  CD  . ARG A 4  ? 0.3456 0.6330 0.7860 -0.0466 0.0559  -0.1273 314 ARG B CD  
38  N  NE  . ARG A 4  ? 0.3585 0.6644 0.7594 -0.0410 0.0193  -0.1333 314 ARG B NE  
39  C  CZ  . ARG A 4  ? 0.3166 0.7668 0.6514 0.0144  -0.0048 -0.0548 314 ARG B CZ  
40  N  NH1 . ARG A 4  ? 0.5239 0.7168 0.6856 0.1249  0.0910  0.0536  314 ARG B NH1 
41  N  NH2 . ARG A 4  ? 0.3431 0.9475 0.6906 -0.0386 0.1171  -0.0387 314 ARG B NH2 
42  N  N   . VAL A 5  ? 0.3903 0.5095 0.5963 -0.0519 -0.1119 -0.0984 315 VAL B N   
43  C  CA  . VAL A 5  ? 0.7056 0.5075 0.3694 -0.1561 -0.0255 -0.1548 315 VAL B CA  
44  C  C   . VAL A 5  ? 0.6098 0.4432 0.4121 -0.1234 -0.0246 -0.1510 315 VAL B C   
45  O  O   . VAL A 5  ? 0.4429 0.4604 0.3892 -0.1214 -0.0641 -0.0678 315 VAL B O   
46  C  CB  . VAL A 5  ? 0.5184 0.5577 0.4025 -0.0478 0.0228  -0.0434 315 VAL B CB  
47  C  CG1 . VAL A 5  ? 0.5316 0.6166 0.3534 -0.0287 0.0730  -0.1372 315 VAL B CG1 
48  C  CG2 . VAL A 5  ? 0.4198 0.4647 0.6267 -0.0891 0.1363  0.0032  315 VAL B CG2 
49  N  N   . CYS A 6  ? 0.4786 0.4865 0.4271 -0.0059 -0.0332 -0.1150 316 CYS B N   
50  C  CA  . CYS A 6  ? 0.3937 0.7049 0.4712 -0.0890 -0.1040 0.0173  316 CYS B CA  
51  C  C   . CYS A 6  ? 0.6391 0.6710 0.3785 -0.1833 0.0074  -0.0591 316 CYS B C   
52  O  O   . CYS A 6  ? 0.3710 0.8067 0.3403 -0.1726 -0.0055 -0.1371 316 CYS B O   
53  C  CB  . CYS A 6  ? 0.6548 0.8891 0.3542 -0.2923 -0.0240 -0.1094 316 CYS B CB  
54  S  SG  . CYS A 6  ? 0.5877 0.9763 0.3385 -0.3112 -0.0083 -0.1224 316 CYS B SG  
55  N  N   . ALA A 7  ? 0.3194 0.4233 0.2559 0.0053  0.0333  -0.0383 317 ALA B N   
56  C  CA  . ALA A 7  ? 0.2836 0.4027 0.2070 -0.0501 0.0276  -0.0699 317 ALA B CA  
57  C  C   . ALA A 7  ? 0.2934 0.3963 0.1797 -0.0404 0.0352  -0.0447 317 ALA B C   
58  O  O   . ALA A 7  ? 0.2547 0.3892 0.2641 -0.0287 0.0269  -0.0483 317 ALA B O   
59  C  CB  . ALA A 7  ? 0.2393 0.5139 0.1818 -0.0692 0.0365  -0.0518 317 ALA B CB  
60  N  N   . CYS A 8  ? 0.2189 0.3466 0.1969 -0.0253 -0.0032 -0.0301 318 CYS B N   
61  C  CA  . CYS A 8  ? 0.1836 0.3578 0.2302 -0.0146 -0.0053 -0.0408 318 CYS B CA  
62  C  C   . CYS A 8  ? 0.2037 0.3900 0.2164 0.0110  0.0223  -0.0683 318 CYS B C   
63  O  O   . CYS A 8  ? 0.2859 0.4116 0.1827 0.0340  0.0271  -0.0314 318 CYS B O   
64  C  CB  . CYS A 8  ? 0.2303 0.3612 0.2242 -0.0347 0.0136  -0.0586 318 CYS B CB  
65  S  SG  . CYS A 8  ? 0.2206 0.4149 0.2262 -0.0023 -0.0004 -0.0571 318 CYS B SG  
66  N  N   . HIS A 9  ? 0.2754 0.3824 0.2420 0.0384  0.0338  -0.0383 319 HIS B N   
67  C  CA  . HIS A 9  ? 0.3486 0.3928 0.2188 0.0590  0.0188  -0.0510 319 HIS B CA  
68  C  C   . HIS A 9  ? 0.3131 0.4333 0.2534 0.0939  0.0362  -0.0078 319 HIS B C   
69  O  O   . HIS A 9  ? 0.3078 0.4472 0.2245 0.0556  0.0137  0.0007  319 HIS B O   
70  C  CB  . HIS A 9  ? 0.3966 0.4132 0.2646 0.1397  0.0357  -0.0568 319 HIS B CB  
71  C  CG  . HIS A 9  ? 0.5164 0.5004 0.2998 0.2225  0.0516  0.0336  319 HIS B CG  
72  N  ND1 . HIS A 9  ? 0.6200 0.5174 0.3783 0.2039  0.0873  0.0406  319 HIS B ND1 
73  C  CD2 . HIS A 9  ? 0.5128 0.5689 0.3419 0.3061  0.0404  0.0778  319 HIS B CD2 
74  C  CE1 . HIS A 9  ? 0.5275 0.5922 0.4163 0.2096  0.0866  0.0181  319 HIS B CE1 
75  N  NE2 . HIS A 9  ? 0.5554 0.6654 0.4256 0.2960  0.1245  0.0804  319 HIS B NE2 
76  N  N   . LEU A 10 ? 0.2455 0.4992 0.2944 0.0493  0.0091  -0.0652 320 LEU B N   
77  C  CA  . LEU A 10 ? 0.2045 0.5938 0.3127 0.0270  0.0316  -0.0881 320 LEU B CA  
78  C  C   . LEU A 10 ? 0.1853 0.5757 0.3316 0.0688  0.0009  -0.0748 320 LEU B C   
79  O  O   . LEU A 10 ? 0.3131 0.6140 0.3037 0.0865  -0.0829 -0.0673 320 LEU B O   
80  C  CB  . LEU A 10 ? 0.2036 0.6133 0.3333 0.0204  0.0285  -0.1041 320 LEU B CB  
81  C  CG  . LEU A 10 ? 0.2041 0.6567 0.4204 0.0535  0.0095  -0.0938 320 LEU B CG  
82  C  CD1 . LEU A 10 ? 0.2598 0.6832 0.3923 -0.0516 0.0297  -0.1547 320 LEU B CD1 
83  C  CD2 . LEU A 10 ? 0.2665 0.7028 0.4387 0.1610  0.0462  -0.0759 320 LEU B CD2 
84  N  N   . CYS A 11 ? 0.2161 0.4999 0.2697 0.0470  0.0209  -0.0779 321 CYS B N   
85  C  CA  . CYS A 11 ? 0.2652 0.4714 0.2077 0.0574  0.0172  -0.0577 321 CYS B CA  
86  C  C   . CYS A 11 ? 0.2384 0.4969 0.2397 0.0302  0.0497  -0.0522 321 CYS B C   
87  O  O   . CYS A 11 ? 0.2910 0.5177 0.2401 0.0053  0.0514  -0.0978 321 CYS B O   
88  C  CB  . CYS A 11 ? 0.2650 0.4198 0.2441 -0.0022 -0.0023 -0.1011 321 CYS B CB  
89  S  SG  . CYS A 11 ? 0.2645 0.4188 0.2420 0.0100  -0.0087 -0.0892 321 CYS B SG  
90  N  N   . GLY A 12 ? 0.2661 0.4284 0.2174 0.0084  -0.0208 -0.0173 322 GLY B N   
91  C  CA  . GLY A 12 ? 0.2730 0.4020 0.1861 0.0242  -0.0223 0.0175  322 GLY B CA  
92  C  C   . GLY A 12 ? 0.2909 0.4502 0.1319 0.0097  0.0085  -0.0094 322 GLY B C   
93  O  O   . GLY A 12 ? 0.3043 0.4443 0.1638 -0.0151 0.0041  -0.0223 322 GLY B O   
94  N  N   . GLY A 13 ? 0.2177 0.4153 0.1933 0.0462  0.0058  -0.0382 323 GLY B N   
95  C  CA  . GLY A 13 ? 0.2321 0.3950 0.1898 0.0157  0.0132  -0.0652 323 GLY B CA  
96  C  C   . GLY A 13 ? 0.2436 0.3722 0.1804 -0.0257 0.0035  -0.0523 323 GLY B C   
97  O  O   . GLY A 13 ? 0.2312 0.3466 0.2243 -0.0297 0.0258  -0.0606 323 GLY B O   
98  N  N   . ARG A 14 ? 0.2407 0.4439 0.2365 -0.0324 -0.0084 0.0265  324 ARG B N   
99  C  CA  . ARG A 14 ? 0.2568 0.4869 0.2419 -0.0456 0.0063  0.0366  324 ARG B CA  
100 C  C   . ARG A 14 ? 0.2389 0.5735 0.1940 -0.0909 0.0015  -0.0179 324 ARG B C   
101 O  O   . ARG A 14 ? 0.2323 0.5515 0.2298 -0.0457 0.0022  -0.0021 324 ARG B O   
102 C  CB  . ARG A 14 ? 0.3034 0.4498 0.3352 -0.0770 -0.0388 0.0534  324 ARG B CB  
103 C  CG  . ARG A 14 ? 0.3478 0.4032 0.3615 -0.0906 -0.0809 0.0826  324 ARG B CG  
104 C  CD  . ARG A 14 ? 0.2543 0.3379 0.3167 -0.0345 -0.0128 0.0323  324 ARG B CD  
105 N  NE  . ARG A 14 ? 0.3160 0.3297 0.2588 -0.0173 -0.0224 0.0289  324 ARG B NE  
106 C  CZ  . ARG A 14 ? 0.4318 0.3583 0.3376 -0.0382 0.0414  0.0921  324 ARG B CZ  
107 N  NH1 . ARG A 14 ? 0.2554 0.4223 0.3907 -0.0562 0.0022  0.0907  324 ARG B NH1 
108 N  NH2 . ARG A 14 ? 0.4297 0.3626 0.3347 -0.1285 -0.0563 0.0831  324 ARG B NH2 
109 N  N   . GLN A 15 ? 0.2130 0.4870 0.2801 0.0150  0.0500  0.0034  325 GLN B N   
110 C  CA  . GLN A 15 ? 0.2966 0.4308 0.3712 -0.0051 0.0857  -0.0275 325 GLN B CA  
111 C  C   . GLN A 15 ? 0.3168 0.3745 0.4068 0.0466  0.1579  0.0249  325 GLN B C   
112 O  O   . GLN A 15 ? 0.2809 0.3539 0.3133 0.0487  0.0824  0.0060  325 GLN B O   
113 C  CB  . GLN A 15 ? 0.3213 0.4461 0.4898 -0.0454 0.0977  -0.1064 325 GLN B CB  
114 C  CG  . GLN A 15 ? 0.3175 0.4609 0.4763 -0.0056 0.0544  -0.0698 325 GLN B CG  
115 C  CD  . GLN A 15 ? 0.3480 0.5356 0.3650 -0.0388 0.0256  -0.0777 325 GLN B CD  
116 O  OE1 . GLN A 15 ? 0.3524 0.4474 0.4429 -0.0491 0.0723  -0.1066 325 GLN B OE1 
117 N  NE2 . GLN A 15 ? 0.3918 0.5888 0.4122 -0.1001 -0.0604 -0.0514 325 GLN B NE2 
118 N  N   . ASP A 16 ? 0.4290 0.3497 0.4193 0.0275  0.1271  0.0386  326 ASP B N   
119 C  CA  . ASP A 16 ? 0.4294 0.3023 0.4150 0.0552  0.1469  0.0094  326 ASP B CA  
120 C  C   . ASP A 16 ? 0.4251 0.3304 0.4204 0.1055  0.1676  0.0768  326 ASP B C   
121 O  O   . ASP A 16 ? 0.3366 0.2989 0.3732 0.0626  0.1117  0.0280  326 ASP B O   
122 C  CB  . ASP A 16 ? 0.5061 0.3526 0.4758 -0.0124 0.2073  -0.0886 326 ASP B CB  
123 C  CG  . ASP A 16 ? 0.5661 0.3739 0.5832 0.0432  0.2140  -0.1049 326 ASP B CG  
124 O  OD1 . ASP A 16 ? 0.5246 0.3869 0.7196 0.0448  0.1386  -0.1624 326 ASP B OD1 
125 O  OD2 . ASP A 16 ? 0.4050 0.4250 0.5993 -0.0307 0.1051  -0.1008 326 ASP B OD2 
126 N  N   . PRO A 17 ? 0.3621 0.3821 0.4359 0.1008  0.1966  0.0611  327 PRO B N   
127 C  CA  . PRO A 17 ? 0.2708 0.3743 0.3666 0.0504  0.0723  0.0857  327 PRO B CA  
128 C  C   . PRO A 17 ? 0.4605 0.3261 0.3308 -0.0453 0.0587  0.0570  327 PRO B C   
129 O  O   . PRO A 17 ? 0.3542 0.3747 0.3341 -0.0407 -0.0118 0.0418  327 PRO B O   
130 C  CB  . PRO A 17 ? 0.2367 0.3960 0.4185 0.0315  0.0622  0.0461  327 PRO B CB  
131 C  CG  . PRO A 17 ? 0.3016 0.3786 0.3775 0.0475  0.0791  0.0231  327 PRO B CG  
132 C  CD  . PRO A 17 ? 0.2958 0.3910 0.3842 0.1097  0.1424  0.0429  327 PRO B CD  
133 N  N   . ASP A 18 ? 0.2796 0.3580 0.4231 0.0005  0.0685  0.1326  328 ASP B N   
134 C  CA  . ASP A 18 ? 0.3349 0.4380 0.4509 -0.0150 0.0855  0.1780  328 ASP B CA  
135 C  C   . ASP A 18 ? 0.3370 0.4325 0.3590 0.0280  0.1255  0.1302  328 ASP B C   
136 O  O   . ASP A 18 ? 0.3848 0.5305 0.3626 0.0259  0.1232  0.1440  328 ASP B O   
137 C  CB  . ASP A 18 ? 0.5316 0.4284 0.4731 -0.0302 0.0563  0.2126  328 ASP B CB  
138 C  CG  . ASP A 18 ? 0.4186 0.3583 0.6425 0.1085  0.1226  0.2248  328 ASP B CG  
139 O  OD1 . ASP A 18 ? 0.5490 0.3737 0.6132 0.1271  0.1526  0.1478  328 ASP B OD1 
140 O  OD2 . ASP A 18 ? 0.6309 0.3931 0.6947 0.0966  0.2545  0.2134  328 ASP B OD2 
141 N  N   . LYS A 19 ? 0.3027 0.3183 0.3559 0.0217  0.0849  0.0559  329 LYS B N   
142 C  CA  A LYS A 19 ? 0.2759 0.2829 0.4037 0.0155  0.1067  0.0074  329 LYS B CA  
143 C  CA  B LYS A 19 ? 0.2979 0.2903 0.3930 0.0197  0.0895  0.0317  329 LYS B CA  
144 C  C   . LYS A 19 ? 0.2858 0.2850 0.3600 0.0135  0.1024  0.0169  329 LYS B C   
145 O  O   . LYS A 19 ? 0.2637 0.3145 0.3632 -0.0046 0.0704  0.0037  329 LYS B O   
146 C  CB  A LYS A 19 ? 0.3377 0.2930 0.4783 0.0056  0.1356  -0.0622 329 LYS B CB  
147 C  CB  B LYS A 19 ? 0.3989 0.3046 0.4581 0.0015  0.0809  0.0022  329 LYS B CB  
148 C  CG  A LYS A 19 ? 0.3477 0.2787 0.6538 0.0319  0.0702  -0.0260 329 LYS B CG  
149 C  CG  B LYS A 19 ? 0.4666 0.3119 0.5825 0.0084  0.0712  -0.0023 329 LYS B CG  
150 C  CD  A LYS A 19 ? 0.3698 0.3108 0.7961 0.0281  0.0998  -0.0317 329 LYS B CD  
151 C  CD  B LYS A 19 ? 0.5480 0.3693 0.6852 -0.0005 0.1410  -0.0110 329 LYS B CD  
152 C  CE  A LYS A 19 ? 0.7429 0.3351 0.7152 -0.1008 0.0589  -0.0208 329 LYS B CE  
153 C  CE  B LYS A 19 ? 0.6199 0.4302 0.7064 -0.0215 0.1550  0.0268  329 LYS B CE  
154 N  NZ  A LYS A 19 ? 0.8732 0.4171 0.5906 -0.1877 0.0575  -0.0506 329 LYS B NZ  
155 N  NZ  B LYS A 19 ? 0.7823 0.5016 0.6295 -0.1567 0.1526  0.0024  329 LYS B NZ  
156 N  N   . GLN A 20 ? 0.2903 0.2959 0.2765 -0.0209 0.0681  -0.0139 330 GLN B N   
157 C  CA  A GLN A 20 ? 0.2692 0.2931 0.2694 -0.0403 0.0867  -0.0452 330 GLN B CA  
158 C  CA  B GLN A 20 ? 0.2871 0.3242 0.2385 0.0321  0.0601  0.0270  330 GLN B CA  
159 C  C   . GLN A 20 ? 0.2627 0.3488 0.2111 -0.0173 0.0240  -0.0213 330 GLN B C   
160 O  O   . GLN A 20 ? 0.3297 0.3982 0.2694 0.0168  -0.0107 -0.0200 330 GLN B O   
161 C  CB  A GLN A 20 ? 0.1904 0.2902 0.3179 -0.0673 0.1007  -0.0922 330 GLN B CB  
162 C  CB  B GLN A 20 ? 0.2726 0.3516 0.2210 0.0989  0.0530  0.0744  330 GLN B CB  
163 C  CG  A GLN A 20 ? 0.2123 0.3286 0.3323 -0.0806 0.0827  -0.0709 330 GLN B CG  
164 C  CG  B GLN A 20 ? 0.3215 0.2861 0.2302 0.0967  0.1104  0.0288  330 GLN B CG  
165 C  CD  A GLN A 20 ? 0.3133 0.3988 0.3063 -0.1479 0.0555  -0.1312 330 GLN B CD  
166 C  CD  B GLN A 20 ? 0.2786 0.3729 0.2666 -0.0027 0.0366  -0.0104 330 GLN B CD  
167 O  OE1 A GLN A 20 ? 0.2332 0.3223 0.4886 -0.0774 0.0771  -0.1364 330 GLN B OE1 
168 O  OE1 B GLN A 20 ? 0.2363 0.4868 0.3526 0.0182  -0.0089 0.0927  330 GLN B OE1 
169 N  NE2 A GLN A 20 ? 0.2201 0.4957 0.2606 -0.0056 0.0382  -0.0464 330 GLN B NE2 
170 N  NE2 B GLN A 20 ? 0.4446 0.3505 0.2395 -0.0119 0.0013  -0.0355 330 GLN B NE2 
171 N  N   . LEU A 21 ? 0.2284 0.3224 0.2674 0.0013  0.0508  -0.0308 331 LEU B N   
172 C  CA  . LEU A 21 ? 0.2498 0.3264 0.2570 -0.0103 0.0766  -0.0632 331 LEU B CA  
173 C  C   . LEU A 21 ? 0.2399 0.3185 0.2332 -0.0036 0.0638  -0.0450 331 LEU B C   
174 O  O   . LEU A 21 ? 0.3081 0.3187 0.2330 -0.0650 0.0657  -0.0541 331 LEU B O   
175 C  CB  . LEU A 21 ? 0.1981 0.3527 0.3112 -0.0113 0.0783  -0.0405 331 LEU B CB  
176 C  CG  . LEU A 21 ? 0.2831 0.4101 0.3154 -0.0577 0.0681  0.0021  331 LEU B CG  
177 C  CD1 . LEU A 21 ? 0.2840 0.3679 0.3495 -0.0134 0.1324  0.0409  331 LEU B CD1 
178 C  CD2 . LEU A 21 ? 0.3218 0.5289 0.3281 -0.0543 0.0067  0.0911  331 LEU B CD2 
179 N  N   . MET A 22 ? 0.2040 0.3486 0.2316 -0.0150 0.0612  -0.0781 332 MET B N   
180 C  CA  A MET A 22 ? 0.1581 0.3425 0.2560 -0.0148 0.0547  -0.0678 332 MET B CA  
181 C  CA  B MET A 22 ? 0.1944 0.3101 0.2752 0.0197  0.0603  -0.0848 332 MET B CA  
182 C  C   . MET A 22 ? 0.1930 0.3312 0.2189 0.0254  0.0435  -0.0630 332 MET B C   
183 O  O   . MET A 22 ? 0.2436 0.4053 0.1728 0.0551  0.0514  -0.0378 332 MET B O   
184 C  CB  A MET A 22 ? 0.1776 0.3361 0.2939 -0.0377 0.0181  -0.0914 332 MET B CB  
185 C  CB  B MET A 22 ? 0.1694 0.3766 0.4090 0.0295  0.0638  -0.0905 332 MET B CB  
186 C  CG  A MET A 22 ? 0.1622 0.4355 0.2711 -0.0562 0.0223  -0.0676 332 MET B CG  
187 C  CG  B MET A 22 ? 0.1904 0.3380 0.5268 0.0242  -0.0014 -0.0999 332 MET B CG  
188 S  SD  A MET A 22 ? 0.2724 0.4380 0.3703 -0.0081 0.0499  -0.0680 332 MET B SD  
189 S  SD  B MET A 22 ? 0.3729 0.4467 0.5494 -0.0322 0.0414  -0.1058 332 MET B SD  
190 C  CE  A MET A 22 ? 0.3029 0.3855 0.4076 -0.0048 0.0055  -0.0963 332 MET B CE  
191 C  CE  B MET A 22 ? 0.2110 0.5363 0.5442 -0.0559 0.0243  -0.1371 332 MET B CE  
192 N  N   . CYS A 23 ? 0.1889 0.3447 0.2630 0.0280  0.0457  -0.0406 333 CYS B N   
193 C  CA  . CYS A 23 ? 0.2608 0.3684 0.2538 -0.0048 0.0643  -0.0509 333 CYS B CA  
194 C  C   . CYS A 23 ? 0.1680 0.3623 0.2457 0.0281  0.0735  -0.0432 333 CYS B C   
195 O  O   . CYS A 23 ? 0.2340 0.3638 0.2556 0.0173  0.0565  -0.0358 333 CYS B O   
196 C  CB  . CYS A 23 ? 0.3360 0.4200 0.2282 0.0484  0.0854  0.0148  333 CYS B CB  
197 S  SG  . CYS A 23 ? 0.2604 0.4065 0.2818 0.0634  0.0582  0.0015  333 CYS B SG  
198 N  N   . ASP A 24 ? 0.2275 0.3306 0.2421 0.0137  0.0516  -0.0868 334 ASP B N   
199 C  CA  . ASP A 24 ? 0.3048 0.3362 0.2524 0.0620  0.0548  -0.0204 334 ASP B CA  
200 C  C   . ASP A 24 ? 0.3018 0.3532 0.3057 0.0719  0.0479  0.0034  334 ASP B C   
201 O  O   . ASP A 24 ? 0.4046 0.3740 0.3404 -0.0420 0.0545  -0.0887 334 ASP B O   
202 C  CB  . ASP A 24 ? 0.3406 0.4010 0.2585 0.0322  0.0539  -0.0218 334 ASP B CB  
203 C  CG  . ASP A 24 ? 0.3626 0.4780 0.4267 0.1657  0.0738  0.0937  334 ASP B CG  
204 O  OD1 . ASP A 24 ? 0.4053 0.6853 0.4611 0.1532  0.0562  0.1020  334 ASP B OD1 
205 O  OD2 . ASP A 24 ? 0.4002 0.4412 0.3703 0.0844  -0.0433 0.0309  334 ASP B OD2 
206 N  N   . GLU A 25 ? 0.2953 0.3820 0.2972 0.1063  0.0619  0.0236  335 GLU B N   
207 C  CA  . GLU A 25 ? 0.3321 0.3690 0.3404 0.0748  0.1376  -0.0098 335 GLU B CA  
208 C  C   . GLU A 25 ? 0.4230 0.3590 0.2603 0.0101  0.0810  -0.0164 335 GLU B C   
209 O  O   . GLU A 25 ? 0.4872 0.3439 0.4134 -0.0063 0.1396  -0.0080 335 GLU B O   
210 C  CB  . GLU A 25 ? 0.3697 0.3624 0.4485 0.1022  0.1927  -0.0112 335 GLU B CB  
211 C  CG  . GLU A 25 ? 0.5240 0.3746 0.4303 0.1401  0.1664  0.0525  335 GLU B CG  
212 C  CD  . GLU A 25 ? 0.7356 0.4686 0.4474 0.0998  0.1961  0.1027  335 GLU B CD  
213 O  OE1 . GLU A 25 ? 0.7472 0.3790 0.4887 0.1731  0.1784  0.0986  335 GLU B OE1 
214 O  OE2 . GLU A 25 ? 0.9060 0.4698 0.5187 0.0997  0.2840  0.1011  335 GLU B OE2 
215 N  N   . CYS A 26 ? 0.3631 0.3762 0.2586 0.0487  0.0584  -0.0287 336 CYS B N   
216 C  CA  . CYS A 26 ? 0.3916 0.4355 0.2885 0.0617  0.1082  0.0107  336 CYS B CA  
217 C  C   . CYS A 26 ? 0.4004 0.3667 0.2813 0.0002  0.1291  -0.0362 336 CYS B C   
218 O  O   . CYS A 26 ? 0.4637 0.4307 0.3022 -0.0626 0.1280  -0.0534 336 CYS B O   
219 C  CB  . CYS A 26 ? 0.4153 0.5526 0.3175 0.0122  0.1242  0.0556  336 CYS B CB  
220 S  SG  . CYS A 26 ? 0.3649 0.5272 0.3160 -0.0334 0.0493  0.0332  336 CYS B SG  
221 N  N   . ASP A 27 ? 0.3677 0.3662 0.2931 -0.0781 0.0611  -0.0629 337 ASP B N   
222 C  CA  . ASP A 27 ? 0.2887 0.3563 0.3698 -0.0499 0.0531  -0.0899 337 ASP B CA  
223 C  C   . ASP A 27 ? 0.3423 0.3900 0.2910 -0.0521 0.0524  -0.0716 337 ASP B C   
224 O  O   . ASP A 27 ? 0.3464 0.4338 0.3561 -0.0310 0.0904  -0.1084 337 ASP B O   
225 C  CB  . ASP A 27 ? 0.3110 0.4158 0.4246 -0.0413 0.0283  -0.1340 337 ASP B CB  
226 C  CG  . ASP A 27 ? 0.4989 0.5644 0.5330 -0.1587 0.0568  -0.2528 337 ASP B CG  
227 O  OD1 . ASP A 27 ? 0.7763 0.7057 0.4871 -0.1772 0.1660  -0.2979 337 ASP B OD1 
228 O  OD2 . ASP A 27 ? 0.8434 0.5139 0.6819 -0.2640 0.0532  -0.2441 337 ASP B OD2 
229 N  N   . MET A 28 ? 0.3767 0.3104 0.2628 -0.0435 0.0761  -0.0693 338 MET B N   
230 C  CA  A MET A 28 ? 0.5280 0.3431 0.2800 -0.0939 0.0878  -0.0695 338 MET B CA  
231 C  CA  B MET A 28 ? 0.3800 0.3203 0.2965 -0.0823 0.1357  -0.0883 338 MET B CA  
232 C  C   . MET A 28 ? 0.3677 0.3459 0.1976 -0.0923 0.0977  -0.0823 338 MET B C   
233 O  O   . MET A 28 ? 0.3425 0.3577 0.1942 -0.0588 0.0775  -0.0399 338 MET B O   
234 C  CB  A MET A 28 ? 0.5501 0.4154 0.2722 -0.0262 -0.0294 0.0195  338 MET B CB  
235 C  CB  B MET A 28 ? 0.5083 0.3240 0.2746 -0.0978 0.0932  -0.0643 338 MET B CB  
236 C  CG  A MET A 28 ? 0.7453 0.4889 0.2620 -0.0001 0.0093  0.0463  338 MET B CG  
237 C  CG  B MET A 28 ? 0.6026 0.3504 0.2833 -0.0705 0.0855  0.0255  338 MET B CG  
238 S  SD  A MET A 28 ? 1.0047 0.4187 0.2979 0.0560  0.0498  0.0178  338 MET B SD  
239 S  SD  B MET A 28 ? 0.8890 0.4169 0.3551 -0.1413 0.1975  0.0143  338 MET B SD  
240 C  CE  A MET A 28 ? 0.7541 0.4709 0.2037 0.0340  -0.0337 0.0142  338 MET B CE  
241 C  CE  B MET A 28 ? 0.5856 0.5828 0.3474 -0.1137 0.1347  0.0973  338 MET B CE  
242 N  N   . ALA A 29 ? 0.3490 0.3603 0.2560 -0.0855 0.0992  -0.0937 339 ALA B N   
243 C  CA  . ALA A 29 ? 0.2412 0.3542 0.2408 -0.1063 0.0762  -0.0820 339 ALA B CA  
244 C  C   . ALA A 29 ? 0.2399 0.3211 0.2015 -0.0223 0.0673  -0.0453 339 ALA B C   
245 O  O   . ALA A 29 ? 0.3113 0.2973 0.2010 -0.0035 0.0606  -0.0504 339 ALA B O   
246 C  CB  . ALA A 29 ? 0.2097 0.4269 0.2776 -0.0772 0.0658  -0.0405 339 ALA B CB  
247 N  N   . PHE A 30 ? 0.2231 0.3040 0.2023 -0.0170 0.0564  -0.0389 340 PHE B N   
248 C  CA  . PHE A 30 ? 0.1693 0.2770 0.2726 -0.0050 0.0274  -0.0497 340 PHE B CA  
249 C  C   . PHE A 30 ? 0.1989 0.3064 0.2481 0.0065  0.0225  -0.0635 340 PHE B C   
250 O  O   . PHE A 30 ? 0.2811 0.3326 0.2425 -0.0200 0.0089  -0.0594 340 PHE B O   
251 C  CB  . PHE A 30 ? 0.1894 0.3023 0.2852 -0.0090 0.0404  -0.0684 340 PHE B CB  
252 C  CG  . PHE A 30 ? 0.2037 0.3155 0.2992 0.0567  0.0515  -0.0523 340 PHE B CG  
253 C  CD1 . PHE A 30 ? 0.2933 0.3012 0.3184 0.0654  0.1165  -0.0481 340 PHE B CD1 
254 C  CD2 . PHE A 30 ? 0.1962 0.4395 0.2972 0.0656  0.0478  -0.0670 340 PHE B CD2 
255 C  CE1 . PHE A 30 ? 0.2693 0.3742 0.2926 0.0304  0.0950  -0.0689 340 PHE B CE1 
256 C  CE2 . PHE A 30 ? 0.2254 0.4701 0.2978 0.1240  0.0651  -0.0244 340 PHE B CE2 
257 C  CZ  . PHE A 30 ? 0.3156 0.4422 0.2681 0.0249  0.1101  -0.0666 340 PHE B CZ  
258 N  N   . HIS A 31 ? 0.2084 0.3151 0.2398 0.0025  0.0355  -0.0862 341 HIS B N   
259 C  CA  . HIS A 31 ? 0.1810 0.3240 0.3313 -0.0181 0.0637  -0.0924 341 HIS B CA  
260 C  C   . HIS A 31 ? 0.2061 0.3212 0.4021 -0.0039 0.0785  -0.0864 341 HIS B C   
261 O  O   . HIS A 31 ? 0.2158 0.3780 0.3416 -0.0344 0.0550  -0.1153 341 HIS B O   
262 C  CB  . HIS A 31 ? 0.2372 0.3347 0.2507 -0.0296 0.0667  -0.0775 341 HIS B CB  
263 C  CG  . HIS A 31 ? 0.1765 0.3086 0.2898 -0.0080 0.0647  -0.0592 341 HIS B CG  
264 N  ND1 . HIS A 31 ? 0.2335 0.3678 0.2775 -0.0336 0.0545  -0.0541 341 HIS B ND1 
265 C  CD2 . HIS A 31 ? 0.1860 0.2810 0.3105 0.0048  0.0321  -0.0669 341 HIS B CD2 
266 C  CE1 . HIS A 31 ? 0.2178 0.4115 0.2648 -0.0234 0.0435  -0.0498 341 HIS B CE1 
267 N  NE2 . HIS A 31 ? 0.2525 0.3513 0.2551 -0.0284 0.0166  -0.0557 341 HIS B NE2 
268 N  N   . ILE A 32 ? 0.2524 0.3576 0.3671 -0.0761 0.0384  -0.0704 342 ILE B N   
269 C  CA  . ILE A 32 ? 0.2258 0.4206 0.3792 -0.1150 0.0735  -0.0850 342 ILE B CA  
270 C  C   . ILE A 32 ? 0.2687 0.4640 0.4394 -0.1650 0.1014  -0.1125 342 ILE B C   
271 O  O   . ILE A 32 ? 0.2911 0.4658 0.4511 -0.1824 0.0860  -0.1459 342 ILE B O   
272 C  CB  . ILE A 32 ? 0.3186 0.3727 0.4169 -0.0728 0.1596  -0.0756 342 ILE B CB  
273 C  CG1 . ILE A 32 ? 0.3913 0.3395 0.4517 -0.0978 0.1395  -0.0326 342 ILE B CG1 
274 C  CG2 . ILE A 32 ? 0.3242 0.4172 0.4008 -0.1430 0.1105  -0.1468 342 ILE B CG2 
275 C  CD1 . ILE A 32 ? 0.4805 0.3394 0.5452 -0.0755 0.1620  -0.0168 342 ILE B CD1 
276 N  N   . TYR A 33 ? 0.3337 0.4205 0.4500 -0.1513 0.1476  -0.1586 343 TYR B N   
277 C  CA  . TYR A 33 ? 0.2992 0.4318 0.4659 -0.0891 0.1205  -0.1512 343 TYR B CA  
278 C  C   . TYR A 33 ? 0.3911 0.4824 0.3924 -0.1675 0.0681  -0.1986 343 TYR B C   
279 O  O   . TYR A 33 ? 0.3167 0.4863 0.4775 -0.1023 0.0456  -0.1777 343 TYR B O   
280 C  CB  . TYR A 33 ? 0.2609 0.4243 0.4076 -0.0807 0.0803  -0.1531 343 TYR B CB  
281 C  CG  . TYR A 33 ? 0.2765 0.4101 0.4301 -0.1113 0.0884  -0.1645 343 TYR B CG  
282 C  CD1 . TYR A 33 ? 0.3022 0.3674 0.4601 -0.0490 0.1308  -0.1662 343 TYR B CD1 
283 C  CD2 . TYR A 33 ? 0.2954 0.3505 0.4902 -0.0979 0.0400  -0.1232 343 TYR B CD2 
284 C  CE1 . TYR A 33 ? 0.3065 0.3785 0.4734 -0.0495 0.1163  -0.1697 343 TYR B CE1 
285 C  CE2 . TYR A 33 ? 0.3908 0.2957 0.6208 -0.1033 0.1259  -0.1077 343 TYR B CE2 
286 C  CZ  . TYR A 33 ? 0.2712 0.3189 0.5562 -0.0660 0.0974  -0.1278 343 TYR B CZ  
287 O  OH  . TYR A 33 ? 0.3073 0.3692 0.5096 -0.0660 0.1004  -0.1415 343 TYR B OH  
288 N  N   . CYS A 34 ? 0.2404 0.5042 0.3583 -0.0801 0.0316  -0.1230 344 CYS B N   
289 C  CA  . CYS A 34 ? 0.2401 0.5057 0.3481 -0.0474 0.0191  -0.1604 344 CYS B CA  
290 C  C   . CYS A 34 ? 0.2530 0.5606 0.5223 -0.0535 0.0822  -0.2017 344 CYS B C   
291 O  O   . CYS A 34 ? 0.3146 0.5370 0.5117 -0.0829 -0.0064 -0.1804 344 CYS B O   
292 C  CB  . CYS A 34 ? 0.2294 0.4706 0.3981 -0.0277 0.0121  -0.1525 344 CYS B CB  
293 S  SG  . CYS A 34 ? 0.2289 0.4650 0.3499 -0.0331 -0.0077 -0.1556 344 CYS B SG  
294 N  N   . LEU A 35 ? 0.2289 0.5880 0.5105 -0.0701 0.0669  -0.2636 345 LEU B N   
295 C  CA  . LEU A 35 ? 0.2146 0.5597 0.5104 -0.0283 -0.0312 -0.2212 345 LEU B CA  
296 C  C   . LEU A 35 ? 0.2116 0.5122 0.6867 0.0142  -0.0473 -0.2063 345 LEU B C   
297 O  O   . LEU A 35 ? 0.2713 0.4698 0.7955 -0.0396 -0.0369 -0.2219 345 LEU B O   
298 C  CB  . LEU A 35 ? 0.2137 0.5073 0.4902 -0.0361 0.0167  -0.2049 345 LEU B CB  
299 C  CG  . LEU A 35 ? 0.2789 0.4857 0.4771 -0.0751 0.0511  -0.2061 345 LEU B CG  
300 C  CD1 . LEU A 35 ? 0.2759 0.5472 0.5222 -0.0448 0.1219  -0.2241 345 LEU B CD1 
301 C  CD2 . LEU A 35 ? 0.3476 0.4589 0.4562 -0.0937 0.0537  -0.1541 345 LEU B CD2 
302 N  N   . ASP A 36 ? 0.2372 0.6493 0.8197 -0.0080 -0.0350 -0.1565 346 ASP B N   
303 C  CA  . ASP A 36 ? 0.2878 0.7810 0.8491 -0.0394 -0.0975 -0.1078 346 ASP B CA  
304 C  C   . ASP A 36 ? 0.4213 0.7460 0.9263 -0.1551 0.0395  -0.2350 346 ASP B C   
305 O  O   . ASP A 36 ? 0.4120 0.6808 1.1189 -0.1386 0.0539  -0.2274 346 ASP B O   
306 C  CB  . ASP A 36 ? 0.3703 0.7836 0.8862 0.0527  -0.1752 0.0111  346 ASP B CB  
307 C  CG  . ASP A 36 ? 0.5606 0.7967 0.8878 -0.0655 -0.1781 0.0182  346 ASP B CG  
308 O  OD1 . ASP A 36 ? 0.5604 0.6543 0.9727 -0.0480 -0.2081 -0.0533 346 ASP B OD1 
309 O  OD2 . ASP A 36 ? 0.5604 0.9298 0.7728 -0.1283 -0.1749 0.1019  346 ASP B OD2 
310 N  N   . PRO A 37 ? 0.5222 0.6656 0.7447 -0.1876 0.0663  -0.2926 347 PRO B N   
311 C  CA  . PRO A 37 ? 0.3045 0.6058 0.7602 -0.1102 0.0170  -0.2519 347 PRO B CA  
312 C  C   . PRO A 37 ? 0.3041 0.6674 0.8503 -0.1353 0.0568  -0.1880 347 PRO B C   
313 O  O   . PRO A 37 ? 0.2852 0.6738 0.8483 -0.1142 0.0757  -0.2136 347 PRO B O   
314 C  CB  . PRO A 37 ? 0.3578 0.6171 0.8280 -0.1515 0.0998  -0.2765 347 PRO B CB  
315 C  CG  . PRO A 37 ? 0.3882 0.6587 0.7715 -0.1786 0.1641  -0.2737 347 PRO B CG  
316 C  CD  . PRO A 37 ? 0.6078 0.7161 0.7812 -0.2100 0.1944  -0.2655 347 PRO B CD  
317 N  N   . PRO A 38 ? 0.2991 0.5836 0.8663 -0.1133 0.0966  -0.1724 348 PRO B N   
318 C  CA  . PRO A 38 ? 0.3290 0.5631 0.7673 -0.1566 0.1338  -0.2108 348 PRO B CA  
319 C  C   . PRO A 38 ? 0.3295 0.5478 0.7435 -0.1354 0.1554  -0.2100 348 PRO B C   
320 O  O   . PRO A 38 ? 0.3407 0.5674 0.8920 -0.1238 0.1888  -0.2082 348 PRO B O   
321 C  CB  . PRO A 38 ? 0.3734 0.4971 0.8357 -0.0828 0.1276  -0.1598 348 PRO B CB  
322 C  CG  . PRO A 38 ? 0.4879 0.5841 0.7254 -0.1977 0.0511  -0.2415 348 PRO B CG  
323 C  CD  . PRO A 38 ? 0.4925 0.5270 0.7779 -0.1795 0.0298  -0.2132 348 PRO B CD  
324 N  N   . LEU A 39 ? 0.4891 0.4803 0.6515 -0.1560 0.1773  -0.2170 349 LEU B N   
325 C  CA  . LEU A 39 ? 0.3776 0.5196 0.6373 -0.1736 0.1779  -0.1332 349 LEU B CA  
326 C  C   . LEU A 39 ? 0.3694 0.4557 0.6745 -0.1175 0.1928  -0.0260 349 LEU B C   
327 O  O   . LEU A 39 ? 0.5406 0.5558 0.5958 -0.2492 0.2162  -0.0845 349 LEU B O   
328 C  CB  . LEU A 39 ? 0.3067 0.4859 0.7353 -0.0563 0.1674  -0.0699 349 LEU B CB  
329 C  CG  . LEU A 39 ? 0.3473 0.5513 0.7015 -0.0507 0.1994  -0.1502 349 LEU B CG  
330 C  CD1 . LEU A 39 ? 0.4281 0.5520 0.5929 -0.1288 0.1501  -0.2181 349 LEU B CD1 
331 C  CD2 . LEU A 39 ? 0.3618 0.6259 0.5048 0.0478  0.1505  -0.1242 349 LEU B CD2 
332 N  N   . SER A 40 ? 0.6379 0.4773 0.7475 -0.1542 0.2917  0.0053  350 SER B N   
333 C  CA  A SER A 40 ? 0.6891 0.5317 0.6829 -0.2381 0.2131  0.0069  350 SER B CA  
334 C  CA  B SER A 40 ? 0.6940 0.5575 0.6760 -0.2220 0.2351  0.0197  350 SER B CA  
335 C  C   . SER A 40 ? 0.6914 0.5937 0.5935 -0.2187 0.2063  -0.0167 350 SER B C   
336 O  O   . SER A 40 ? 0.7658 0.6240 0.6253 -0.1056 0.2773  0.0054  350 SER B O   
337 C  CB  A SER A 40 ? 0.5780 0.5409 0.7750 -0.2747 0.1386  0.0163  350 SER B CB  
338 C  CB  B SER A 40 ? 0.6642 0.6180 0.7420 -0.2420 0.2161  0.0709  350 SER B CB  
339 O  OG  A SER A 40 ? 0.4902 0.5589 0.9459 -0.2426 0.1752  -0.0172 350 SER B OG  
340 O  OG  B SER A 40 ? 0.6007 0.6856 0.7828 -0.1865 0.2141  0.1146  350 SER B OG  
341 N  N   . SER A 41 ? 0.8339 0.6916 0.4946 -0.2090 0.2049  0.0073  351 SER B N   
342 C  CA  A SER A 41 ? 0.9034 0.7041 0.4690 -0.2307 0.1853  0.0032  351 SER B CA  
343 C  CA  B SER A 41 ? 0.8675 0.6908 0.4983 -0.2105 0.1705  -0.0050 351 SER B CA  
344 C  C   . SER A 41 ? 0.8300 0.7164 0.4030 -0.2086 0.1684  -0.0340 351 SER B C   
345 O  O   . SER A 41 ? 0.8565 0.6515 0.4711 -0.2160 0.2381  -0.0204 351 SER B O   
346 C  CB  A SER A 41 ? 0.9571 0.6386 0.5240 -0.2008 0.1491  0.0739  351 SER B CB  
347 C  CB  B SER A 41 ? 0.8832 0.5923 0.6271 -0.1897 0.1201  0.0090  351 SER B CB  
348 O  OG  A SER A 41 ? 0.9542 0.6186 0.4914 -0.1317 0.1780  0.1251  351 SER B OG  
349 O  OG  B SER A 41 ? 0.7965 0.4718 0.7111 -0.1181 0.0782  0.0273  351 SER B OG  
350 N  N   . VAL A 42 ? 0.6652 0.7616 0.4598 -0.0346 0.1859  0.0097  352 VAL B N   
351 C  CA  . VAL A 42 ? 0.5555 0.7634 0.4423 0.0645  0.0701  0.1186  352 VAL B CA  
352 C  C   . VAL A 42 ? 0.6826 0.5453 0.5109 0.2639  0.1844  0.1657  352 VAL B C   
353 O  O   . VAL A 42 ? 0.8267 0.5537 0.5430 0.3197  0.2324  0.1151  352 VAL B O   
354 C  CB  . VAL A 42 ? 0.4795 0.9099 0.5438 -0.0547 0.1491  0.0276  352 VAL B CB  
355 C  CG1 . VAL A 42 ? 0.2990 0.9045 0.5903 -0.0672 0.1129  0.0123  352 VAL B CG1 
356 C  CG2 . VAL A 42 ? 0.4309 1.0704 0.5390 -0.0375 0.1880  0.0235  352 VAL B CG2 
357 N  N   . PRO A 43 ? 0.4266 0.5491 0.5215 0.1627  0.1189  0.1439  353 PRO B N   
358 C  CA  . PRO A 43 ? 0.4234 0.5701 0.5272 0.1606  0.1149  0.1212  353 PRO B CA  
359 C  C   . PRO A 43 ? 0.5805 0.6708 0.5892 0.1375  0.1687  0.0797  353 PRO B C   
360 O  O   . PRO A 43 ? 0.5183 0.8380 0.7229 -0.0430 0.1555  0.0175  353 PRO B O   
361 C  CB  . PRO A 43 ? 0.3375 0.6140 0.4293 0.0496  0.0111  0.0751  353 PRO B CB  
362 C  CG  . PRO A 43 ? 0.3311 0.6721 0.4664 -0.0567 0.0725  0.0096  353 PRO B CG  
363 C  CD  . PRO A 43 ? 0.2882 0.6847 0.4993 0.0158  0.0520  0.1514  353 PRO B CD  
364 N  N   A SER A 44 ? 0.5484 0.6498 0.6812 0.2295  0.2087  0.1022  354 SER B N   
365 N  N   B SER A 44 ? 0.5538 0.6493 0.6804 0.2296  0.2084  0.1034  354 SER B N   
366 C  CA  A SER A 44 ? 0.6402 0.6829 0.6061 0.1270  0.0913  0.0745  354 SER B CA  
367 C  CA  B SER A 44 ? 0.6280 0.6800 0.6231 0.1259  0.0869  0.0777  354 SER B CA  
368 C  C   A SER A 44 ? 0.7526 0.7383 0.5529 0.0083  0.0870  0.0126  354 SER B C   
369 C  C   B SER A 44 ? 0.7649 0.7327 0.5881 -0.0124 0.0673  0.0197  354 SER B C   
370 O  O   A SER A 44 ? 0.9320 0.8193 0.5109 -0.1018 0.1042  -0.0217 354 SER B O   
371 O  O   B SER A 44 ? 0.9645 0.7905 0.5824 -0.0923 0.0674  -0.0250 354 SER B O   
372 C  CB  A SER A 44 ? 0.7378 0.6432 0.6638 0.1362  0.0612  0.1202  354 SER B CB  
373 C  CB  B SER A 44 ? 0.7390 0.6300 0.6785 0.1381  0.0501  0.1256  354 SER B CB  
374 O  OG  A SER A 44 ? 0.9530 0.6991 0.6403 -0.0233 0.0658  0.0453  354 SER B OG  
375 O  OG  B SER A 44 ? 0.9900 0.6618 0.6556 -0.0216 0.0343  0.0577  354 SER B OG  
376 N  N   A GLU A 45 ? 0.3190 0.6855 0.6624 0.0996  0.0834  0.0289  355 GLU B N   
377 N  N   B GLU A 45 ? 0.5038 0.6992 0.6157 -0.0326 0.0842  0.0072  355 GLU B N   
378 C  CA  A GLU A 45 ? 0.5348 0.6748 0.5086 0.0141  0.1181  0.0417  355 GLU B CA  
379 C  CA  B GLU A 45 ? 0.5588 0.6291 0.3778 -0.0191 0.1088  -0.0019 355 GLU B CA  
380 C  C   A GLU A 45 ? 0.4385 0.7164 0.4951 0.1187  0.1046  0.1501  355 GLU B C   
381 C  C   B GLU A 45 ? 0.4280 0.6370 0.3910 0.0754  0.0145  0.0790  355 GLU B C   
382 O  O   A GLU A 45 ? 0.4486 0.7991 0.5736 0.2104  0.0828  0.2139  355 GLU B O   
383 O  O   B GLU A 45 ? 0.3221 0.7158 0.4986 0.1809  0.0957  0.1420  355 GLU B O   
384 C  CB  A GLU A 45 ? 0.4449 0.6828 0.6643 -0.0103 0.2267  0.0191  355 GLU B CB  
385 C  CB  B GLU A 45 ? 0.4088 0.5991 0.5030 -0.0102 0.2334  -0.0320 355 GLU B CB  
386 C  CG  A GLU A 45 ? 0.4905 0.6832 0.5945 -0.0150 0.1648  0.0513  355 GLU B CG  
387 C  CG  B GLU A 45 ? 0.3320 0.6030 0.5269 -0.0382 0.1781  0.0151  355 GLU B CG  
388 C  CD  A GLU A 45 ? 0.6583 0.5206 0.7183 0.0338  0.1177  0.1097  355 GLU B CD  
389 C  CD  B GLU A 45 ? 0.5137 0.4791 0.6925 -0.0048 0.1286  0.0922  355 GLU B CD  
390 O  OE1 A GLU A 45 ? 0.8602 0.4458 0.7718 0.0709  0.1364  0.1751  355 GLU B OE1 
391 O  OE1 B GLU A 45 ? 0.7537 0.3797 0.7324 0.0812  0.1349  0.1845  355 GLU B OE1 
392 O  OE2 A GLU A 45 ? 0.7056 0.4278 0.7660 0.0933  0.0761  0.1277  355 GLU B OE2 
393 O  OE2 B GLU A 45 ? 0.6353 0.4233 0.7365 0.0661  0.1273  0.1233  355 GLU B OE2 
394 N  N   A ASP A 46 ? 0.4702 0.5974 0.4306 0.1606  0.1582  0.1515  356 ASP B N   
395 N  N   B ASP A 46 ? 0.5925 0.6158 0.2771 0.0416  -0.0203 0.0613  356 ASP B N   
396 C  CA  A ASP A 46 ? 0.4909 0.5684 0.4267 0.1346  0.1016  0.1884  356 ASP B CA  
397 C  CA  B ASP A 46 ? 0.4535 0.5148 0.3424 0.1333  0.0579  0.0425  356 ASP B CA  
398 C  C   A ASP A 46 ? 0.4092 0.5440 0.5564 0.1156  0.1011  0.1270  356 ASP B C   
399 C  C   B ASP A 46 ? 0.3255 0.5430 0.3354 0.0791  0.0206  0.0382  356 ASP B C   
400 O  O   A ASP A 46 ? 0.5461 0.5237 0.6718 0.0401  0.0448  0.1092  356 ASP B O   
401 O  O   B ASP A 46 ? 0.3982 0.5746 0.5498 0.1638  0.1333  0.2367  356 ASP B O   
402 C  CB  A ASP A 46 ? 0.4833 0.6628 0.4279 -0.0042 0.1638  0.0821  356 ASP B CB  
403 C  CB  B ASP A 46 ? 0.6585 0.5268 0.3659 0.0967  0.0850  0.0637  356 ASP B CB  
404 C  CG  A ASP A 46 ? 0.5435 0.6694 0.4435 0.0573  0.1793  0.0457  356 ASP B CG  
405 C  CG  B ASP A 46 ? 0.4897 0.5427 0.3106 0.2043  0.0342  0.1205  356 ASP B CG  
406 O  OD1 A ASP A 46 ? 0.7634 0.5877 0.2264 0.0780  0.0426  0.0513  356 ASP B OD1 
407 O  OD1 B ASP A 46 ? 0.5144 0.5050 0.4457 0.2472  0.0961  0.1519  356 ASP B OD1 
408 O  OD2 A ASP A 46 ? 0.4927 0.6442 0.6706 0.2047  0.2061  0.1094  356 ASP B OD2 
409 O  OD2 B ASP A 46 ? 0.4881 0.5744 0.2538 0.2341  0.0744  0.1043  356 ASP B OD2 
410 N  N   A GLU A 47 ? 0.2578 0.4725 0.3437 0.1078  0.0937  -0.0278 357 GLU B N   
411 N  N   B GLU A 47 ? 0.4669 0.5028 0.1475 -0.0047 -0.0483 -0.0537 357 GLU B N   
412 C  CA  A GLU A 47 ? 0.2760 0.3912 0.2216 0.1435  0.0042  -0.0414 357 GLU B CA  
413 C  CA  B GLU A 47 ? 0.4881 0.4718 0.2156 0.0055  0.0429  -0.1323 357 GLU B CA  
414 C  C   A GLU A 47 ? 0.2791 0.4443 0.1846 0.0888  0.0447  -0.0408 357 GLU B C   
415 C  C   B GLU A 47 ? 0.3648 0.5031 0.2377 0.0249  0.0504  -0.1134 357 GLU B C   
416 O  O   A GLU A 47 ? 0.2586 0.4137 0.2247 0.1377  0.0542  0.0269  357 GLU B O   
417 O  O   B GLU A 47 ? 0.2816 0.5033 0.2922 0.0875  0.0771  -0.1106 357 GLU B O   
418 C  CB  A GLU A 47 ? 0.3427 0.3477 0.3767 0.1388  0.0441  -0.1107 357 GLU B CB  
419 C  CB  B GLU A 47 ? 0.4815 0.4516 0.3337 0.0466  0.0886  -0.1673 357 GLU B CB  
420 C  CG  A GLU A 47 ? 0.5456 0.3630 0.3268 0.1215  0.0689  -0.1196 357 GLU B CG  
421 C  CG  B GLU A 47 ? 0.5557 0.5063 0.3754 -0.0378 0.0717  -0.2068 357 GLU B CG  
422 C  CD  A GLU A 47 ? 0.3739 0.4503 0.3165 0.1775  0.0023  0.0191  357 GLU B CD  
423 C  CD  B GLU A 47 ? 0.2614 0.5370 0.4091 0.1017  0.0067  -0.0359 357 GLU B CD  
424 O  OE1 A GLU A 47 ? 0.4055 0.5659 0.4310 0.0126  -0.0822 -0.0466 357 GLU B OE1 
425 O  OE1 B GLU A 47 ? 0.3214 0.6530 0.3434 -0.0862 0.0955  -0.0896 357 GLU B OE1 
426 O  OE2 A GLU A 47 ? 0.3151 0.4236 0.2807 0.0832  -0.0327 0.0496  357 GLU B OE2 
427 O  OE2 B GLU A 47 ? 0.4603 0.5030 0.3607 0.1789  -0.0287 0.0465  357 GLU B OE2 
428 N  N   . TRP A 48 ? 0.2426 0.4493 0.2268 0.0834  0.0632  -0.0782 358 TRP B N   
429 C  CA  . TRP A 48 ? 0.3088 0.4322 0.1902 0.0415  0.0820  -0.0823 358 TRP B CA  
430 C  C   . TRP A 48 ? 0.2294 0.4196 0.2303 0.0608  0.0717  -0.0460 358 TRP B C   
431 O  O   . TRP A 48 ? 0.2433 0.3866 0.2950 0.0482  0.0718  -0.0496 358 TRP B O   
432 C  CB  . TRP A 48 ? 0.2462 0.4278 0.2134 0.0065  0.0579  -0.1153 358 TRP B CB  
433 C  CG  . TRP A 48 ? 0.1921 0.4004 0.2525 0.0308  0.0428  -0.1057 358 TRP B CG  
434 C  CD1 . TRP A 48 ? 0.2089 0.4194 0.2891 -0.0275 0.0635  -0.1397 358 TRP B CD1 
435 C  CD2 . TRP A 48 ? 0.1845 0.4167 0.2600 0.0438  0.0397  -0.0645 358 TRP B CD2 
436 N  NE1 . TRP A 48 ? 0.1756 0.4063 0.2965 0.0207  0.0834  -0.0951 358 TRP B NE1 
437 C  CE2 . TRP A 48 ? 0.1620 0.4544 0.2753 0.0273  0.0610  -0.0712 358 TRP B CE2 
438 C  CE3 . TRP A 48 ? 0.2037 0.3680 0.2542 0.0398  0.0292  -0.0691 358 TRP B CE3 
439 C  CZ2 . TRP A 48 ? 0.2048 0.4221 0.3125 0.0096  0.0511  -0.0702 358 TRP B CZ2 
440 C  CZ3 . TRP A 48 ? 0.2278 0.3513 0.2466 0.0107  0.0315  -0.0425 358 TRP B CZ3 
441 C  CH2 . TRP A 48 ? 0.2047 0.3704 0.3056 0.0097  0.0446  -0.0473 358 TRP B CH2 
442 N  N   . TYR A 49 ? 0.2039 0.4125 0.2379 0.0575  0.0372  -0.0623 359 TYR B N   
443 C  CA  . TYR A 49 ? 0.1986 0.4089 0.2238 0.0560  0.0527  -0.0543 359 TYR B CA  
444 C  C   . TYR A 49 ? 0.2164 0.4127 0.3198 0.0398  0.0953  -0.0356 359 TYR B C   
445 O  O   . TYR A 49 ? 0.2374 0.4604 0.2838 -0.0043 0.0511  -0.0401 359 TYR B O   
446 C  CB  . TYR A 49 ? 0.1903 0.4087 0.3212 0.0397  0.0607  -0.0823 359 TYR B CB  
447 C  CG  . TYR A 49 ? 0.2050 0.3777 0.3066 0.0253  0.0490  -0.0928 359 TYR B CG  
448 C  CD1 . TYR A 49 ? 0.3149 0.3434 0.2514 0.0371  0.0735  -0.0775 359 TYR B CD1 
449 C  CD2 . TYR A 49 ? 0.2800 0.3443 0.3173 0.0269  0.0457  -0.0716 359 TYR B CD2 
450 C  CE1 . TYR A 49 ? 0.2882 0.2986 0.2643 0.0601  0.1010  -0.0410 359 TYR B CE1 
451 C  CE2 . TYR A 49 ? 0.2720 0.3157 0.2984 0.0535  0.0624  -0.0037 359 TYR B CE2 
452 C  CZ  . TYR A 49 ? 0.3351 0.3078 0.2878 0.0313  0.0886  -0.0180 359 TYR B CZ  
453 O  OH  . TYR A 49 ? 0.3258 0.3379 0.3225 0.0292  0.0796  -0.0537 359 TYR B OH  
454 N  N   . CYS A 50 ? 0.2370 0.3716 0.2974 0.0486  0.0824  -0.0399 360 CYS B N   
455 C  CA  . CYS A 50 ? 0.2445 0.4526 0.3041 0.0543  0.0710  -0.0260 360 CYS B CA  
456 C  C   . CYS A 50 ? 0.3436 0.5027 0.3295 0.0897  0.0208  0.0240  360 CYS B C   
457 O  O   . CYS A 50 ? 0.2359 0.4919 0.4104 0.0595  0.0158  0.0167  360 CYS B O   
458 C  CB  . CYS A 50 ? 0.2565 0.4632 0.2616 0.0548  0.0325  -0.0134 360 CYS B CB  
459 S  SG  . CYS A 50 ? 0.2669 0.4838 0.3074 0.0448  0.0145  0.0200  360 CYS B SG  
460 N  N   . PRO A 51 ? 0.2203 0.6397 0.3547 0.0601  0.0310  -0.0526 361 PRO B N   
461 C  CA  . PRO A 51 ? 0.2502 0.6423 0.4149 0.0478  0.0043  -0.0567 361 PRO B CA  
462 C  C   . PRO A 51 ? 0.2613 0.7331 0.4406 0.0361  0.0213  0.0086  361 PRO B C   
463 O  O   . PRO A 51 ? 0.2624 0.8044 0.4677 0.1135  0.0516  0.0851  361 PRO B O   
464 C  CB  . PRO A 51 ? 0.3203 0.6982 0.3961 -0.0159 -0.0285 -0.0895 361 PRO B CB  
465 C  CG  . PRO A 51 ? 0.2980 0.6461 0.3380 0.0468  -0.0977 -0.0743 361 PRO B CG  
466 C  CD  . PRO A 51 ? 0.2583 0.6201 0.3146 0.0963  -0.0185 -0.0852 361 PRO B CD  
467 N  N   . GLU A 52 ? 0.3250 0.7095 0.4544 0.0560  0.0102  0.0859  362 GLU B N   
468 C  CA  . GLU A 52 ? 0.3716 0.6821 0.6136 0.1130  0.0809  0.1137  362 GLU B CA  
469 C  C   . GLU A 52 ? 0.3336 0.5315 0.5505 0.2088  0.0103  0.1405  362 GLU B C   
470 O  O   . GLU A 52 ? 0.4557 0.5482 0.5740 0.2184  0.0117  0.0572  362 GLU B O   
471 C  CB  . GLU A 52 ? 0.4873 0.7968 0.6734 0.0765  0.0386  0.1326  362 GLU B CB  
472 C  CG  . GLU A 52 ? 0.7383 0.8662 0.7452 0.0097  0.0544  0.0750  362 GLU B CG  
473 C  CD  . GLU A 52 ? 0.9642 0.9078 0.7789 0.0172  0.0704  0.0670  362 GLU B CD  
474 O  OE1 . GLU A 52 ? 1.0468 0.8870 0.9102 -0.0030 0.1130  0.0081  362 GLU B OE1 
475 O  OE2 . GLU A 52 ? 1.0104 0.9209 0.7086 0.1193  0.0526  0.1659  362 GLU B OE2 
476 N  N   . CYS A 53 ? 0.3303 0.5106 0.5381 0.1549  -0.0018 0.1640  363 CYS B N   
477 C  CA  . CYS A 53 ? 0.3261 0.4628 0.5884 0.1315  0.0700  0.0589  363 CYS B CA  
478 C  C   . CYS A 53 ? 0.3252 0.4683 0.6173 0.1163  0.1327  -0.0025 363 CYS B C   
479 O  O   . CYS A 53 ? 0.4494 0.4439 0.7076 0.0816  0.1853  -0.0047 363 CYS B O   
480 C  CB  . CYS A 53 ? 0.3760 0.4023 0.5951 0.0812  0.0067  0.0415  363 CYS B CB  
481 S  SG  . CYS A 53 ? 0.3526 0.4654 0.5037 0.0581  0.0021  0.0729  363 CYS B SG  
482 N  N   . ARG A 54 ? 0.2737 0.4675 0.5788 0.1116  0.0694  -0.0065 364 ARG B N   
483 C  CA  . ARG A 54 ? 0.2898 0.4824 0.6329 0.0732  0.1472  -0.0246 364 ARG B CA  
484 C  C   . ARG A 54 ? 0.4248 0.6195 0.5887 -0.0251 0.0701  0.0141  364 ARG B C   
485 O  O   . ARG A 54 ? 0.5548 0.7193 0.5709 -0.1721 0.1607  -0.0443 364 ARG B O   
486 C  CB  . ARG A 54 ? 0.3867 0.4583 0.4563 0.0346  0.1620  -0.0834 364 ARG B CB  
487 C  CG  . ARG A 54 ? 0.2825 0.4662 0.3761 0.1198  0.0759  -0.0691 364 ARG B CG  
488 C  CD  . ARG A 54 ? 0.2538 0.4914 0.3704 0.0914  0.0647  -0.0849 364 ARG B CD  
489 N  NE  . ARG A 54 ? 0.2529 0.4588 0.3304 0.0683  0.0455  -0.0738 364 ARG B NE  
490 C  CZ  . ARG A 54 ? 0.2089 0.4966 0.3307 -0.0282 0.0824  -0.1407 364 ARG B CZ  
491 N  NH1 . ARG A 54 ? 0.1972 0.5264 0.3774 -0.0356 0.0580  -0.1579 364 ARG B NH1 
492 N  NH2 . ARG A 54 ? 0.2314 0.5179 0.2923 -0.0127 0.0684  -0.1121 364 ARG B NH2 
493 N  N   . ASN A 55 ? 0.3022 0.6275 0.9041 0.1236  0.0288  0.1053  365 ASN B N   
494 C  CA  . ASN A 55 ? 0.3872 0.6223 0.8343 0.1447  -0.0119 0.0899  365 ASN B CA  
495 C  C   . ASN A 55 ? 0.6657 0.7177 0.9253 0.1311  -0.0297 0.0214  365 ASN B C   
496 O  O   . ASN A 55 ? 0.6888 0.7694 0.9320 0.1095  -0.0948 -0.0183 365 ASN B O   
497 C  CB  . ASN A 55 ? 0.3538 0.4305 0.4716 0.0684  -0.0176 -0.0055 365 ASN B CB  
498 ZN ZN  . ZN  B .  ? 0.2347 0.4343 0.2730 0.0019  -0.0024 -0.1023 433 ZN  B ZN  
499 ZN ZN  . ZN  C .  ? 0.3214 0.5076 0.3445 0.0597  0.0419  0.0553  434 ZN  B ZN  
# 
